data_3QW2
#
_entry.id   3QW2
#
_cell.length_a   91.512
_cell.length_b   88.036
_cell.length_c   103.727
_cell.angle_alpha   90.00
_cell.angle_beta   94.91
_cell.angle_gamma   90.00
#
_symmetry.space_group_name_H-M   'P 1 21 1'
#
loop_
_entity.id
_entity.type
_entity.pdbx_description
1 polymer 'Myo-inositol-1-phosphate synthase (Ino1)'
2 non-polymer 'PHOSPHATE ION'
3 non-polymer NICOTINAMIDE-ADENINE-DINUCLEOTIDE
4 non-polymer GLYCEROL
5 non-polymer 'SULFATE ION'
6 non-polymer 'POTASSIUM ION'
7 water water
#
_entity_poly.entity_id   1
_entity_poly.type   'polypeptide(L)'
_entity_poly.pdbx_seq_one_letter_code
;MKVWLVGAYGIVSTTAMVGARAIERGIAPKIGLVSELPHFEGIEKYAPFSFEFGGHEIRLLSNAYEAAKEHWELNRHFDR
EILEAVKSDLEGIVARKGTALNCGSGIKELGDIKTLEGEGLSLAEMVSRIEEDIKSFADDETVVINVASTEPLPNYSEEY
HGSLEGFERMIDEDRKEYASASMLYAYAALKLGLPYANFTPSPGSAIPALKELAEKKGVPHAGNDGKTGETLVKTTLAPM
FAYRNMEVVGWMSYAILGDYDGKVLSARDNKESKVLSKDKVLEKMLGYSPYSITEIQYFPSLVDNKTAFDFVHFKGFLGK
LMKFYFIWDAIDAIVAAPLILDIARFLLFAKKKGVKGVVKEMAFFFKSPMDTNVINTHEQFVVLKEWYSNLK
;
_entity_poly.pdbx_strand_id   A,B,C,D
#
loop_
_chem_comp.id
_chem_comp.type
_chem_comp.name
_chem_comp.formula
GOL non-polymer GLYCEROL 'C3 H8 O3'
K non-polymer 'POTASSIUM ION' 'K 1'
NAD non-polymer NICOTINAMIDE-ADENINE-DINUCLEOTIDE 'C21 H27 N7 O14 P2'
PO4 non-polymer 'PHOSPHATE ION' 'O4 P -3'
SO4 non-polymer 'SULFATE ION' 'O4 S -2'
#
# COMPACT_ATOMS: atom_id res chain seq x y z
N MET A 1 -4.89 42.84 -2.69
CA MET A 1 -3.93 43.07 -1.58
C MET A 1 -2.51 42.76 -2.04
N LYS A 2 -1.53 43.18 -1.23
CA LYS A 2 -0.12 42.88 -1.46
C LYS A 2 0.34 41.79 -0.52
N VAL A 3 1.01 40.77 -1.07
CA VAL A 3 1.73 39.76 -0.27
C VAL A 3 3.23 39.88 -0.52
N TRP A 4 4.00 40.02 0.56
CA TRP A 4 5.48 40.00 0.49
C TRP A 4 5.92 38.60 0.89
N LEU A 5 6.75 37.97 0.06
CA LEU A 5 7.10 36.56 0.34
C LEU A 5 8.57 36.35 0.64
N VAL A 6 8.84 35.80 1.80
CA VAL A 6 10.19 35.45 2.14
C VAL A 6 10.49 34.08 1.55
N GLY A 7 11.46 34.05 0.63
CA GLY A 7 11.79 32.84 -0.16
C GLY A 7 10.98 32.80 -1.44
N ALA A 8 10.85 33.97 -2.06
CA ALA A 8 9.90 34.26 -3.13
C ALA A 8 10.13 33.43 -4.38
N TYR A 9 11.35 32.94 -4.54
CA TYR A 9 11.68 32.16 -5.70
C TYR A 9 11.49 30.65 -5.49
N GLY A 10 10.87 30.31 -4.37
CA GLY A 10 10.56 28.93 -4.03
C GLY A 10 9.47 28.34 -4.89
N ILE A 11 9.32 27.03 -4.78
CA ILE A 11 8.27 26.32 -5.49
C ILE A 11 6.92 26.59 -4.79
N VAL A 12 6.90 26.61 -3.46
CA VAL A 12 5.64 26.97 -2.78
C VAL A 12 5.25 28.37 -3.22
N SER A 13 6.15 29.33 -3.02
CA SER A 13 5.85 30.70 -3.38
C SER A 13 5.53 30.93 -4.86
N THR A 14 6.32 30.36 -5.77
CA THR A 14 6.10 30.74 -7.17
C THR A 14 4.88 30.06 -7.71
N THR A 15 4.49 28.93 -7.09
CA THR A 15 3.30 28.22 -7.48
C THR A 15 2.09 28.97 -7.02
N ALA A 16 2.18 29.56 -5.84
CA ALA A 16 1.10 30.38 -5.31
C ALA A 16 0.87 31.55 -6.25
N MET A 17 1.97 32.14 -6.73
CA MET A 17 1.92 33.32 -7.58
C MET A 17 1.46 32.93 -8.94
N VAL A 18 1.91 31.77 -9.41
CA VAL A 18 1.45 31.27 -10.70
C VAL A 18 -0.05 31.04 -10.62
N GLY A 19 -0.50 30.33 -9.57
CA GLY A 19 -1.93 30.09 -9.33
C GLY A 19 -2.78 31.35 -9.21
N ALA A 20 -2.26 32.40 -8.55
CA ALA A 20 -3.10 33.56 -8.27
C ALA A 20 -3.42 34.31 -9.55
N ARG A 21 -2.42 34.38 -10.42
CA ARG A 21 -2.56 35.08 -11.68
C ARG A 21 -3.45 34.29 -12.63
N ALA A 22 -3.30 32.96 -12.64
CA ALA A 22 -4.21 32.08 -13.39
C ALA A 22 -5.67 32.27 -12.99
N ILE A 23 -5.94 32.42 -11.70
CA ILE A 23 -7.31 32.52 -11.22
C ILE A 23 -7.96 33.88 -11.56
N GLU A 24 -7.21 34.96 -11.28
CA GLU A 24 -7.54 36.31 -11.69
C GLU A 24 -7.73 36.43 -13.22
N ARG A 25 -6.77 35.89 -13.98
CA ARG A 25 -6.85 35.77 -15.43
C ARG A 25 -8.05 34.93 -15.82
N GLY A 26 -8.65 34.25 -14.83
CA GLY A 26 -9.82 33.43 -15.08
C GLY A 26 -9.53 32.25 -15.99
N ILE A 27 -8.31 31.77 -15.97
CA ILE A 27 -7.92 30.60 -16.74
C ILE A 27 -7.62 29.33 -15.90
N ALA A 28 -7.95 29.40 -14.60
CA ALA A 28 -7.94 28.24 -13.72
C ALA A 28 -8.94 28.46 -12.59
N PRO A 29 -9.50 27.36 -12.06
CA PRO A 29 -10.63 27.31 -11.13
C PRO A 29 -10.14 27.56 -9.71
N LYS A 30 -11.00 27.46 -8.70
CA LYS A 30 -10.55 27.84 -7.36
C LYS A 30 -10.40 26.67 -6.40
N ILE A 31 -10.13 25.50 -6.95
CA ILE A 31 -9.91 24.33 -6.15
C ILE A 31 -8.73 24.61 -5.25
N GLY A 32 -8.88 24.23 -3.98
CA GLY A 32 -7.79 24.12 -3.00
C GLY A 32 -7.74 25.28 -2.01
N LEU A 33 -8.62 26.23 -2.24
CA LEU A 33 -8.65 27.45 -1.46
C LEU A 33 -9.64 27.26 -0.30
N VAL A 34 -9.14 27.28 0.93
CA VAL A 34 -10.04 27.15 2.06
C VAL A 34 -10.97 28.38 2.08
N SER A 35 -10.45 29.55 1.74
CA SER A 35 -11.19 30.79 1.89
C SER A 35 -12.33 30.93 0.89
N GLU A 36 -12.29 30.14 -0.18
CA GLU A 36 -13.39 30.08 -1.14
C GLU A 36 -14.48 29.08 -0.76
N LEU A 37 -14.37 28.43 0.39
CA LEU A 37 -15.45 27.54 0.86
C LEU A 37 -16.69 28.35 1.26
N PRO A 38 -17.88 27.76 1.09
CA PRO A 38 -19.13 28.40 1.47
C PRO A 38 -19.11 29.11 2.84
N HIS A 39 -18.64 28.48 3.91
CA HIS A 39 -18.79 29.13 5.22
C HIS A 39 -18.23 30.57 5.29
N PHE A 40 -17.38 30.93 4.34
CA PHE A 40 -16.67 32.21 4.39
C PHE A 40 -17.24 33.25 3.44
N GLU A 41 -18.43 32.97 2.87
CA GLU A 41 -19.05 33.87 1.88
C GLU A 41 -19.05 35.28 2.45
N GLY A 42 -18.30 36.17 1.81
CA GLY A 42 -18.18 37.54 2.30
C GLY A 42 -16.77 37.92 2.75
N ILE A 43 -15.91 36.92 2.93
CA ILE A 43 -14.53 37.18 3.26
C ILE A 43 -13.91 38.27 2.37
N GLU A 44 -14.46 38.48 1.17
CA GLU A 44 -13.83 39.38 0.18
C GLU A 44 -14.32 40.84 0.22
N LYS A 45 -15.37 41.13 0.98
CA LYS A 45 -15.66 42.52 1.30
C LYS A 45 -14.43 43.06 2.02
N TYR A 46 -13.75 42.18 2.75
CA TYR A 46 -12.59 42.57 3.52
C TYR A 46 -11.27 42.16 2.86
N ALA A 47 -11.34 41.16 1.97
CA ALA A 47 -10.14 40.52 1.43
C ALA A 47 -10.44 39.94 0.09
N PRO A 48 -10.61 40.78 -0.92
CA PRO A 48 -10.98 40.20 -2.22
C PRO A 48 -9.87 39.25 -2.65
N PHE A 49 -10.18 38.26 -3.50
CA PHE A 49 -9.12 37.44 -4.12
C PHE A 49 -8.43 38.30 -5.17
N SER A 50 -7.42 39.05 -4.72
CA SER A 50 -6.71 40.03 -5.56
C SER A 50 -5.27 40.16 -5.00
N PHE A 51 -4.25 39.80 -5.79
CA PHE A 51 -2.88 39.69 -5.20
C PHE A 51 -1.75 40.36 -5.94
N GLU A 52 -0.89 41.08 -5.23
CA GLU A 52 0.31 41.67 -5.84
C GLU A 52 1.45 41.16 -5.08
N PHE A 53 2.49 40.76 -5.78
CA PHE A 53 3.60 40.08 -5.13
C PHE A 53 4.89 40.85 -5.13
N GLY A 54 5.65 40.68 -4.03
CA GLY A 54 7.03 41.15 -3.86
C GLY A 54 7.73 40.14 -2.96
N GLY A 55 9.03 40.31 -2.71
CA GLY A 55 9.65 39.44 -1.72
C GLY A 55 11.15 39.49 -1.51
N HIS A 56 11.60 38.65 -0.58
CA HIS A 56 13.03 38.51 -0.31
C HIS A 56 13.54 37.19 -0.85
N GLU A 57 14.74 37.23 -1.42
CA GLU A 57 15.43 36.01 -1.82
C GLU A 57 16.89 36.14 -1.61
N ILE A 58 17.57 35.00 -1.58
CA ILE A 58 19.01 34.95 -1.63
C ILE A 58 19.51 34.35 -2.94
N ARG A 59 18.67 33.58 -3.61
CA ARG A 59 19.08 33.05 -4.92
C ARG A 59 19.14 34.13 -5.98
N LEU A 60 20.06 33.96 -6.93
CA LEU A 60 20.16 34.89 -8.07
C LEU A 60 19.35 34.31 -9.19
N LEU A 61 18.13 34.80 -9.34
CA LEU A 61 17.37 34.59 -10.58
C LEU A 61 16.83 35.94 -10.97
N SER A 62 16.69 36.17 -12.28
CA SER A 62 16.25 37.48 -12.79
C SER A 62 14.98 37.97 -12.09
N ASN A 63 13.94 37.15 -12.15
CA ASN A 63 12.63 37.53 -11.68
C ASN A 63 11.81 36.30 -11.32
N ALA A 64 10.61 36.55 -10.83
CA ALA A 64 9.74 35.51 -10.33
C ALA A 64 9.36 34.48 -11.40
N TYR A 65 9.45 34.83 -12.68
CA TYR A 65 9.11 33.88 -13.75
C TYR A 65 10.26 32.94 -14.02
N GLU A 66 11.46 33.48 -14.08
CA GLU A 66 12.57 32.56 -14.27
C GLU A 66 12.52 31.47 -13.17
N ALA A 67 12.25 31.87 -11.93
CA ALA A 67 12.13 30.95 -10.80
C ALA A 67 11.00 29.92 -11.02
N ALA A 68 9.79 30.40 -11.29
CA ALA A 68 8.63 29.51 -11.47
C ALA A 68 8.96 28.47 -12.52
N LYS A 69 9.42 28.93 -13.67
CA LYS A 69 9.80 28.07 -14.80
C LYS A 69 10.85 27.07 -14.39
N GLU A 70 11.93 27.52 -13.75
CA GLU A 70 12.93 26.57 -13.32
C GLU A 70 12.32 25.41 -12.52
N HIS A 71 11.41 25.74 -11.59
CA HIS A 71 10.76 24.69 -10.79
C HIS A 71 9.87 23.83 -11.65
N TRP A 72 9.12 24.51 -12.51
CA TRP A 72 8.21 23.85 -13.43
C TRP A 72 8.92 22.82 -14.32
N GLU A 73 10.07 23.21 -14.88
CA GLU A 73 10.84 22.32 -15.70
C GLU A 73 10.93 21.00 -15.00
N LEU A 74 11.35 21.04 -13.73
CA LEU A 74 11.71 19.87 -12.95
C LEU A 74 10.54 19.11 -12.35
N ASN A 75 9.37 19.72 -12.31
CA ASN A 75 8.25 19.15 -11.59
C ASN A 75 7.01 18.93 -12.44
N ARG A 76 6.82 19.81 -13.42
CA ARG A 76 5.64 19.81 -14.28
C ARG A 76 4.35 19.76 -13.46
N HIS A 77 4.31 20.52 -12.36
CA HIS A 77 3.19 20.43 -11.41
C HIS A 77 1.93 21.06 -11.90
N PHE A 78 2.04 22.06 -12.77
CA PHE A 78 0.85 22.59 -13.46
C PHE A 78 1.12 22.58 -14.97
N ASP A 79 0.15 23.10 -15.72
CA ASP A 79 0.16 23.08 -17.20
C ASP A 79 1.13 24.06 -17.84
N ARG A 80 1.83 23.64 -18.90
CA ARG A 80 2.82 24.50 -19.57
C ARG A 80 2.15 25.76 -20.07
N GLU A 81 0.85 25.66 -20.38
CA GLU A 81 0.04 26.76 -20.92
C GLU A 81 -0.31 27.82 -19.89
N ILE A 82 -0.48 27.38 -18.65
CA ILE A 82 -0.72 28.25 -17.52
C ILE A 82 0.52 29.14 -17.36
N LEU A 83 1.70 28.53 -17.53
CA LEU A 83 2.96 29.24 -17.32
C LEU A 83 3.19 30.34 -18.35
N GLU A 84 2.99 30.02 -19.63
CA GLU A 84 3.04 31.01 -20.70
C GLU A 84 2.01 32.12 -20.42
N ALA A 85 0.79 31.75 -20.04
CA ALA A 85 -0.29 32.72 -19.80
C ALA A 85 0.04 33.81 -18.78
N VAL A 86 0.83 33.45 -17.76
CA VAL A 86 1.13 34.32 -16.62
C VAL A 86 2.57 34.83 -16.61
N LYS A 87 3.31 34.59 -17.69
CA LYS A 87 4.75 34.83 -17.77
C LYS A 87 5.11 36.28 -17.53
N SER A 88 4.35 37.14 -18.17
CA SER A 88 4.62 38.52 -18.17
C SER A 88 4.29 39.14 -16.78
N ASP A 89 3.17 38.70 -16.17
CA ASP A 89 2.85 39.03 -14.76
C ASP A 89 3.97 38.68 -13.79
N LEU A 90 4.53 37.49 -13.97
CA LEU A 90 5.55 37.05 -13.03
C LEU A 90 6.90 37.70 -13.26
N GLU A 91 7.16 38.05 -14.51
CA GLU A 91 8.37 38.75 -14.87
C GLU A 91 8.51 40.12 -14.22
N GLY A 92 7.37 40.78 -13.94
CA GLY A 92 7.40 42.06 -13.20
C GLY A 92 7.67 41.96 -11.71
N ILE A 93 7.95 40.74 -11.26
CA ILE A 93 8.12 40.49 -9.85
C ILE A 93 9.57 40.18 -9.60
N VAL A 94 10.30 41.20 -9.16
CA VAL A 94 11.71 41.08 -8.80
C VAL A 94 11.79 41.01 -7.26
N ALA A 95 12.42 39.94 -6.78
CA ALA A 95 12.66 39.72 -5.35
C ALA A 95 13.72 40.70 -4.93
N ARG A 96 13.53 41.36 -3.80
CA ARG A 96 14.61 42.17 -3.22
C ARG A 96 15.48 41.30 -2.33
N LYS A 97 16.78 41.51 -2.34
CA LYS A 97 17.72 40.56 -1.73
C LYS A 97 17.89 40.62 -0.18
N GLY A 98 17.74 39.45 0.46
CA GLY A 98 17.63 39.33 1.94
C GLY A 98 18.78 38.66 2.69
N THR A 99 18.49 37.97 3.79
CA THR A 99 19.54 37.49 4.70
C THR A 99 19.48 35.99 4.92
N ALA A 100 20.65 35.34 4.94
CA ALA A 100 20.71 33.90 5.24
C ALA A 100 21.30 33.56 6.61
N LEU A 101 21.19 34.49 7.55
CA LEU A 101 21.81 34.41 8.88
C LEU A 101 21.44 33.19 9.73
N ASN A 102 22.42 32.34 10.03
CA ASN A 102 22.19 31.13 10.85
C ASN A 102 21.08 30.19 10.32
N CYS A 103 21.06 29.97 9.01
CA CYS A 103 20.22 28.92 8.39
C CYS A 103 21.08 27.66 8.12
N GLY A 104 22.33 27.70 8.60
CA GLY A 104 23.18 26.52 8.73
C GLY A 104 23.71 25.86 7.46
N SER A 105 24.22 24.63 7.62
CA SER A 105 24.82 23.83 6.53
C SER A 105 23.94 23.72 5.28
N GLY A 106 22.63 23.65 5.49
CA GLY A 106 21.66 23.51 4.40
C GLY A 106 21.38 24.75 3.55
N ILE A 107 22.36 25.65 3.47
CA ILE A 107 22.24 26.83 2.60
C ILE A 107 23.28 26.74 1.46
N LYS A 108 24.31 25.90 1.66
CA LYS A 108 25.20 25.48 0.56
C LYS A 108 24.47 24.79 -0.60
N GLU A 109 23.34 24.15 -0.29
CA GLU A 109 22.57 23.42 -1.29
C GLU A 109 21.87 24.28 -2.36
N LEU A 110 21.53 25.51 -2.00
CA LEU A 110 20.65 26.33 -2.83
C LEU A 110 21.23 26.76 -4.18
N GLY A 111 22.55 26.90 -4.26
CA GLY A 111 23.20 27.37 -5.47
C GLY A 111 23.99 28.65 -5.23
N ASP A 112 24.04 29.49 -6.27
CA ASP A 112 24.67 30.81 -6.18
C ASP A 112 23.82 31.72 -5.28
N ILE A 113 24.31 31.98 -4.08
CA ILE A 113 23.57 32.85 -3.17
C ILE A 113 24.31 34.14 -2.83
N LYS A 114 23.58 35.25 -2.84
CA LYS A 114 24.11 36.52 -2.38
C LYS A 114 23.22 36.96 -1.21
N THR A 115 23.83 37.47 -0.13
CA THR A 115 23.06 37.93 1.06
C THR A 115 23.42 39.33 1.55
N LEU A 116 22.68 39.80 2.55
CA LEU A 116 22.91 41.13 3.13
C LEU A 116 24.16 41.15 4.01
N GLU A 117 24.36 40.10 4.82
CA GLU A 117 25.56 40.00 5.64
C GLU A 117 26.77 39.69 4.76
N GLY A 118 26.50 39.11 3.58
CA GLY A 118 27.50 39.00 2.52
C GLY A 118 28.21 40.32 2.18
N GLU A 119 27.51 41.43 2.35
CA GLU A 119 28.09 42.75 2.14
C GLU A 119 28.85 43.24 3.37
N GLY A 120 29.06 42.34 4.33
CA GLY A 120 29.64 42.67 5.64
C GLY A 120 28.84 43.74 6.34
N LEU A 121 27.53 43.53 6.49
CA LEU A 121 26.64 44.51 7.14
C LEU A 121 26.35 44.15 8.58
N SER A 122 25.95 45.14 9.37
CA SER A 122 25.60 44.89 10.77
C SER A 122 24.12 44.55 10.93
N LEU A 123 23.77 43.83 12.01
CA LEU A 123 22.36 43.56 12.29
C LEU A 123 21.53 44.82 12.18
N ALA A 124 22.09 45.97 12.54
CA ALA A 124 21.33 47.20 12.55
C ALA A 124 20.83 47.47 11.14
N GLU A 125 21.78 47.52 10.22
CA GLU A 125 21.50 47.93 8.86
C GLU A 125 20.94 46.82 7.96
N MET A 126 21.14 45.55 8.33
CA MET A 126 20.48 44.48 7.61
C MET A 126 18.94 44.61 7.82
N VAL A 127 18.54 44.94 9.06
CA VAL A 127 17.14 45.07 9.45
C VAL A 127 16.58 46.28 8.73
N SER A 128 17.30 47.37 8.87
CA SER A 128 16.93 48.61 8.22
C SER A 128 16.63 48.35 6.74
N ARG A 129 17.58 47.73 6.04
CA ARG A 129 17.39 47.33 4.65
C ARG A 129 16.14 46.54 4.43
N ILE A 130 15.95 45.53 5.26
CA ILE A 130 14.77 44.68 5.20
C ILE A 130 13.47 45.47 5.40
N GLU A 131 13.41 46.31 6.42
CA GLU A 131 12.22 47.13 6.58
C GLU A 131 12.01 48.11 5.41
N GLU A 132 13.09 48.46 4.73
CA GLU A 132 13.00 49.46 3.67
C GLU A 132 12.45 48.85 2.40
N ASP A 133 12.82 47.60 2.15
CA ASP A 133 12.33 46.85 0.99
C ASP A 133 10.83 46.69 1.09
N ILE A 134 10.37 46.36 2.30
CA ILE A 134 8.97 46.04 2.54
C ILE A 134 8.13 47.30 2.57
N LYS A 135 8.51 48.28 3.39
CA LYS A 135 7.76 49.52 3.55
C LYS A 135 7.49 50.12 2.19
N SER A 136 8.54 50.20 1.37
CA SER A 136 8.48 50.58 -0.04
C SER A 136 7.31 49.90 -0.79
N PHE A 137 7.25 48.57 -0.69
CA PHE A 137 6.25 47.76 -1.36
C PHE A 137 4.85 47.83 -0.74
N ALA A 138 4.79 48.08 0.57
CA ALA A 138 3.60 47.83 1.38
C ALA A 138 2.55 48.94 1.38
N ASP A 139 1.28 48.55 1.41
CA ASP A 139 0.18 49.48 1.70
C ASP A 139 -0.66 49.05 2.91
N ASP A 140 -1.82 49.66 3.05
CA ASP A 140 -2.72 49.46 4.18
C ASP A 140 -3.29 48.04 4.17
N GLU A 141 -2.86 47.26 3.19
CA GLU A 141 -3.50 46.01 2.85
C GLU A 141 -2.49 44.97 2.38
N THR A 142 -1.39 44.90 3.12
CA THR A 142 -0.24 44.07 2.80
C THR A 142 0.06 43.03 3.88
N VAL A 143 0.46 41.84 3.45
CA VAL A 143 0.83 40.77 4.39
C VAL A 143 2.26 40.28 4.16
N VAL A 144 2.87 39.76 5.19
CA VAL A 144 4.15 39.12 5.01
C VAL A 144 4.01 37.67 5.43
N ILE A 145 4.36 36.76 4.53
CA ILE A 145 4.33 35.35 4.80
C ILE A 145 5.72 34.79 4.59
N ASN A 146 6.17 33.94 5.50
CA ASN A 146 7.45 33.24 5.39
C ASN A 146 7.25 31.86 4.74
N VAL A 147 7.88 31.68 3.58
CA VAL A 147 7.96 30.34 2.98
C VAL A 147 9.41 29.96 2.63
N ALA A 148 10.37 30.46 3.41
CA ALA A 148 11.79 30.21 3.17
C ALA A 148 12.23 28.85 3.68
N SER A 149 13.36 28.37 3.20
CA SER A 149 13.93 27.11 3.71
C SER A 149 13.96 27.03 5.24
N THR A 150 13.78 25.83 5.78
CA THR A 150 13.71 25.61 7.23
C THR A 150 15.07 25.87 7.85
N GLU A 151 15.10 26.65 8.92
CA GLU A 151 16.34 26.84 9.66
C GLU A 151 16.70 25.66 10.59
N PRO A 152 17.98 25.56 11.00
CA PRO A 152 18.32 24.63 12.07
C PRO A 152 17.78 25.19 13.39
N LEU A 153 17.95 24.46 14.50
CA LEU A 153 17.45 24.98 15.78
C LEU A 153 18.11 26.33 16.05
N PRO A 154 17.33 27.35 16.49
CA PRO A 154 17.94 28.65 16.77
C PRO A 154 18.97 28.52 17.88
N ASN A 155 19.97 29.40 17.89
CA ASN A 155 20.85 29.47 19.03
C ASN A 155 20.05 29.99 20.22
N TYR A 156 20.22 29.33 21.38
CA TYR A 156 19.50 29.69 22.63
C TYR A 156 20.07 30.96 23.33
N SER A 157 19.28 32.05 23.30
CA SER A 157 19.50 33.21 24.20
C SER A 157 18.22 33.67 24.86
N GLU A 158 18.06 33.34 26.13
CA GLU A 158 16.88 33.72 26.89
C GLU A 158 16.78 35.24 26.97
N GLU A 159 17.90 35.93 27.21
CA GLU A 159 17.90 37.38 27.19
C GLU A 159 17.36 37.96 25.87
N TYR A 160 17.94 37.52 24.74
CA TYR A 160 17.67 38.13 23.42
C TYR A 160 16.37 37.72 22.76
N HIS A 161 15.79 36.60 23.18
CA HIS A 161 14.51 36.15 22.64
C HIS A 161 13.41 36.14 23.69
N GLY A 162 13.76 36.43 24.93
CA GLY A 162 12.78 36.51 26.00
C GLY A 162 11.91 37.73 25.94
N SER A 163 12.41 38.85 25.40
CA SER A 163 11.71 40.15 25.44
C SER A 163 12.05 41.16 24.31
N LEU A 164 11.13 42.07 24.03
CA LEU A 164 11.36 43.03 22.96
C LEU A 164 12.70 43.76 23.16
N GLU A 165 12.86 44.42 24.33
CA GLU A 165 14.11 45.09 24.72
C GLU A 165 15.31 44.20 24.43
N GLY A 166 15.20 42.95 24.88
CA GLY A 166 16.26 41.96 24.73
C GLY A 166 16.63 41.88 23.26
N PHE A 167 15.62 41.52 22.45
CA PHE A 167 15.76 41.39 21.01
C PHE A 167 16.35 42.63 20.32
N GLU A 168 15.88 43.82 20.68
CA GLU A 168 16.36 45.00 19.97
C GLU A 168 17.75 45.33 20.47
N ARG A 169 18.05 44.82 21.65
CA ARG A 169 19.40 44.97 22.19
C ARG A 169 20.34 44.12 21.31
N MET A 170 19.96 42.86 21.11
CA MET A 170 20.63 41.97 20.16
C MET A 170 20.97 42.67 18.87
N ILE A 171 20.01 43.39 18.30
CA ILE A 171 20.21 44.15 17.07
C ILE A 171 21.20 45.31 17.25
N ASP A 172 20.87 46.29 18.09
CA ASP A 172 21.80 47.42 18.31
C ASP A 172 23.21 46.90 18.52
N GLU A 173 23.31 45.77 19.22
CA GLU A 173 24.60 45.23 19.65
C GLU A 173 25.24 44.25 18.67
N ASP A 174 24.58 44.07 17.52
CA ASP A 174 25.08 43.27 16.38
C ASP A 174 25.39 41.81 16.75
N ARG A 175 24.57 41.24 17.63
CA ARG A 175 24.74 39.88 18.10
C ARG A 175 24.33 38.85 17.04
N LYS A 176 25.00 38.87 15.88
CA LYS A 176 24.57 38.06 14.71
C LYS A 176 24.40 36.59 15.06
N GLU A 177 25.29 36.13 15.95
CA GLU A 177 25.26 34.79 16.55
C GLU A 177 23.88 34.32 17.03
N TYR A 178 23.03 35.25 17.47
CA TYR A 178 21.76 34.91 18.12
C TYR A 178 20.51 35.19 17.34
N ALA A 179 20.66 35.77 16.17
CA ALA A 179 19.51 36.00 15.32
C ALA A 179 19.54 34.92 14.25
N SER A 180 18.46 34.84 13.50
CA SER A 180 18.45 34.11 12.23
C SER A 180 17.52 34.86 11.30
N ALA A 181 17.46 34.43 10.05
CA ALA A 181 16.71 35.17 9.05
C ALA A 181 15.21 35.22 9.38
N SER A 182 14.64 34.12 9.87
CA SER A 182 13.20 34.11 10.16
C SER A 182 12.84 35.24 11.13
N MET A 183 13.51 35.23 12.26
CA MET A 183 13.36 36.24 13.28
C MET A 183 13.47 37.67 12.77
N LEU A 184 14.49 37.92 11.94
CA LEU A 184 14.70 39.27 11.37
C LEU A 184 13.57 39.80 10.47
N TYR A 185 13.18 39.03 9.44
CA TYR A 185 12.01 39.38 8.61
C TYR A 185 10.69 39.49 9.41
N ALA A 186 10.52 38.61 10.40
CA ALA A 186 9.30 38.66 11.24
C ALA A 186 9.24 39.94 12.07
N TYR A 187 10.36 40.25 12.71
CA TYR A 187 10.55 41.48 13.45
C TYR A 187 10.24 42.64 12.53
N ALA A 188 10.87 42.60 11.36
CA ALA A 188 10.76 43.66 10.37
C ALA A 188 9.31 43.92 9.97
N ALA A 189 8.54 42.84 9.74
CA ALA A 189 7.11 42.92 9.40
C ALA A 189 6.23 43.59 10.46
N LEU A 190 6.39 43.13 11.71
CA LEU A 190 5.61 43.55 12.86
C LEU A 190 5.98 44.97 13.29
N LYS A 191 7.24 45.36 13.03
CA LYS A 191 7.66 46.75 13.23
C LYS A 191 6.93 47.69 12.32
N LEU A 192 6.81 47.30 11.04
CA LEU A 192 6.07 48.08 10.05
C LEU A 192 4.57 47.92 10.24
N GLY A 193 4.17 47.07 11.18
CA GLY A 193 2.74 46.88 11.48
C GLY A 193 1.95 46.00 10.52
N LEU A 194 2.64 45.27 9.65
CA LEU A 194 1.98 44.35 8.74
C LEU A 194 1.73 43.06 9.49
N PRO A 195 0.59 42.44 9.22
CA PRO A 195 0.34 41.05 9.64
C PRO A 195 1.40 40.09 9.12
N TYR A 196 1.73 39.08 9.95
CA TYR A 196 2.77 38.11 9.63
C TYR A 196 2.27 36.69 9.71
N ALA A 197 2.80 35.83 8.85
CA ALA A 197 2.56 34.38 8.97
C ALA A 197 3.77 33.53 8.57
N ASN A 198 3.98 32.46 9.32
CA ASN A 198 5.16 31.65 9.11
C ASN A 198 4.85 30.23 8.69
N PHE A 199 5.13 29.85 7.44
CA PHE A 199 4.66 28.56 6.92
C PHE A 199 5.69 27.44 7.19
N THR A 200 6.78 27.82 7.82
CA THR A 200 7.92 26.97 8.02
C THR A 200 8.02 26.69 9.50
N PRO A 201 8.81 25.67 9.89
CA PRO A 201 9.09 25.36 11.29
C PRO A 201 10.10 26.31 11.93
N SER A 202 10.89 27.02 11.12
CA SER A 202 11.68 28.13 11.62
C SER A 202 10.96 28.96 12.71
N PRO A 203 11.69 29.34 13.77
CA PRO A 203 11.10 30.14 14.86
C PRO A 203 10.26 31.36 14.39
N GLY A 204 10.79 32.18 13.46
CA GLY A 204 10.09 33.37 12.96
C GLY A 204 9.61 34.27 14.09
N SER A 205 8.28 34.44 14.19
CA SER A 205 7.63 35.33 15.18
C SER A 205 7.25 34.65 16.49
N ALA A 206 7.49 33.36 16.61
CA ALA A 206 7.04 32.58 17.73
C ALA A 206 7.91 32.68 18.98
N ILE A 207 8.90 33.57 19.01
CA ILE A 207 9.72 33.76 20.21
C ILE A 207 9.02 34.78 21.11
N PRO A 208 9.15 34.67 22.46
CA PRO A 208 8.39 35.64 23.28
C PRO A 208 8.60 37.11 22.90
N ALA A 209 9.84 37.52 22.64
CA ALA A 209 10.13 38.88 22.19
C ALA A 209 9.19 39.33 21.05
N LEU A 210 9.10 38.52 19.99
CA LEU A 210 8.38 38.88 18.79
C LEU A 210 6.84 38.86 18.91
N LYS A 211 6.30 38.09 19.84
CA LYS A 211 4.85 38.10 20.08
C LYS A 211 4.56 39.27 20.98
N GLU A 212 5.54 39.60 21.81
CA GLU A 212 5.47 40.78 22.64
C GLU A 212 5.21 41.97 21.68
N LEU A 213 5.99 42.00 20.60
CA LEU A 213 5.96 43.11 19.60
C LEU A 213 4.62 43.21 18.86
N ALA A 214 4.17 42.06 18.36
CA ALA A 214 2.89 41.95 17.68
C ALA A 214 1.74 42.55 18.51
N GLU A 215 1.66 42.16 19.79
CA GLU A 215 0.66 42.71 20.70
C GLU A 215 0.85 44.21 20.72
N LYS A 216 1.95 44.63 21.34
CA LYS A 216 2.38 46.02 21.39
C LYS A 216 1.91 46.88 20.21
N LYS A 217 1.95 46.32 19.02
CA LYS A 217 1.71 47.08 17.80
C LYS A 217 0.31 46.82 17.25
N GLY A 218 -0.43 45.92 17.91
CA GLY A 218 -1.81 45.59 17.51
C GLY A 218 -1.89 44.84 16.19
N VAL A 219 -0.83 44.10 15.87
CA VAL A 219 -0.74 43.37 14.61
C VAL A 219 -1.13 41.90 14.81
N PRO A 220 -2.02 41.36 13.95
CA PRO A 220 -2.34 39.90 14.04
C PRO A 220 -1.26 39.03 13.42
N HIS A 221 -1.04 37.82 13.92
CA HIS A 221 -0.07 36.94 13.25
C HIS A 221 -0.35 35.44 13.43
N ALA A 222 0.09 34.61 12.48
CA ALA A 222 -0.24 33.16 12.48
C ALA A 222 0.93 32.23 12.20
N GLY A 223 0.80 30.96 12.62
CA GLY A 223 1.82 29.91 12.35
C GLY A 223 1.86 28.82 13.42
N ASN A 224 2.82 27.90 13.37
CA ASN A 224 3.85 27.81 12.33
C ASN A 224 3.79 26.49 11.58
N ASP A 225 4.33 26.51 10.36
CA ASP A 225 4.67 25.28 9.64
C ASP A 225 3.41 24.65 9.05
N GLY A 226 3.15 24.99 7.78
CA GLY A 226 1.99 24.48 7.04
C GLY A 226 1.76 22.99 7.17
N LYS A 227 0.51 22.62 7.47
CA LYS A 227 0.08 21.26 7.51
C LYS A 227 -0.45 20.83 6.13
N THR A 228 0.41 20.33 5.25
CA THR A 228 -0.03 20.14 3.88
C THR A 228 -0.39 18.73 3.43
N GLY A 229 0.15 17.69 4.04
CA GLY A 229 -0.11 16.37 3.50
C GLY A 229 -0.17 15.30 4.54
N GLU A 230 0.87 14.48 4.63
CA GLU A 230 0.93 13.41 5.64
C GLU A 230 0.34 13.89 7.00
N THR A 231 0.84 15.02 7.53
CA THR A 231 0.44 15.43 8.87
C THR A 231 -1.05 15.73 8.95
N LEU A 232 -1.58 16.28 7.85
CA LEU A 232 -3.00 16.51 7.72
C LEU A 232 -3.77 15.21 7.90
N VAL A 233 -3.45 14.22 7.07
CA VAL A 233 -4.04 12.91 7.23
C VAL A 233 -4.00 12.52 8.71
N LYS A 234 -2.84 12.65 9.34
CA LYS A 234 -2.71 12.17 10.70
C LYS A 234 -3.66 12.90 11.67
N THR A 235 -3.74 14.23 11.59
CA THR A 235 -4.60 15.00 12.49
C THR A 235 -6.06 14.83 12.16
N THR A 236 -6.31 14.15 11.06
CA THR A 236 -7.64 13.86 10.59
C THR A 236 -8.06 12.46 11.01
N LEU A 237 -7.09 11.55 10.96
CA LEU A 237 -7.32 10.12 11.14
C LEU A 237 -7.12 9.59 12.52
N ALA A 238 -6.15 10.12 13.24
CA ALA A 238 -5.91 9.70 14.63
C ALA A 238 -7.14 9.80 15.56
N PRO A 239 -7.94 10.89 15.49
CA PRO A 239 -9.14 10.97 16.36
C PRO A 239 -10.18 9.85 16.19
N MET A 240 -10.19 9.20 15.03
CA MET A 240 -11.03 8.04 14.85
C MET A 240 -10.76 6.87 15.86
N PHE A 241 -9.49 6.69 16.23
CA PHE A 241 -9.14 5.72 17.25
C PHE A 241 -9.53 6.20 18.60
N ALA A 242 -9.61 7.51 18.78
CA ALA A 242 -10.05 8.03 20.07
C ALA A 242 -11.54 7.81 20.22
N TYR A 243 -12.28 8.07 19.15
CA TYR A 243 -13.75 8.08 19.17
C TYR A 243 -14.27 6.67 19.42
N ARG A 244 -13.43 5.72 19.07
CA ARG A 244 -13.79 4.31 19.09
C ARG A 244 -13.14 3.54 20.24
N ASN A 245 -12.59 4.27 21.19
CA ASN A 245 -11.95 3.72 22.37
C ASN A 245 -10.88 2.69 22.12
N MET A 246 -10.13 2.89 21.05
CA MET A 246 -9.06 2.00 20.71
C MET A 246 -7.73 2.56 21.14
N GLU A 247 -6.74 1.68 21.28
CA GLU A 247 -5.41 2.09 21.68
C GLU A 247 -4.40 1.94 20.51
N VAL A 248 -3.80 3.08 20.13
CA VAL A 248 -2.69 3.06 19.18
C VAL A 248 -1.45 2.58 19.92
N VAL A 249 -0.84 1.50 19.48
CA VAL A 249 0.34 1.03 20.20
C VAL A 249 1.64 1.44 19.52
N GLY A 250 1.52 1.97 18.29
CA GLY A 250 2.65 2.49 17.51
C GLY A 250 2.20 3.21 16.25
N TRP A 251 2.87 4.32 15.90
CA TRP A 251 2.56 4.99 14.64
C TRP A 251 3.86 5.26 13.86
N MET A 252 3.90 4.86 12.60
CA MET A 252 5.04 5.10 11.76
C MET A 252 4.65 6.05 10.63
N SER A 253 5.46 7.10 10.47
CA SER A 253 5.36 8.01 9.33
C SER A 253 6.70 8.04 8.71
N TYR A 254 6.78 7.62 7.46
CA TYR A 254 8.03 7.67 6.69
C TYR A 254 7.77 8.40 5.36
N ALA A 255 8.37 9.56 5.20
CA ALA A 255 8.15 10.39 4.03
C ALA A 255 9.44 10.54 3.25
N ILE A 256 9.37 10.35 1.92
CA ILE A 256 10.50 10.61 1.02
C ILE A 256 10.18 11.69 0.01
N LEU A 257 11.16 12.55 -0.27
CA LEU A 257 11.08 13.60 -1.29
C LEU A 257 12.46 14.01 -1.77
N GLY A 258 12.52 14.80 -2.84
CA GLY A 258 13.78 15.24 -3.41
C GLY A 258 13.86 16.75 -3.34
N ASP A 259 14.33 17.36 -4.42
CA ASP A 259 14.34 18.82 -4.60
C ASP A 259 15.12 19.58 -3.50
N TYR A 260 14.82 20.87 -3.32
CA TYR A 260 15.53 21.69 -2.33
C TYR A 260 15.43 21.14 -0.92
N ASP A 261 14.22 21.10 -0.38
CA ASP A 261 14.00 20.86 1.03
C ASP A 261 14.34 19.42 1.42
N GLY A 262 14.12 18.49 0.50
CA GLY A 262 14.54 17.10 0.69
C GLY A 262 16.05 16.98 0.80
N LYS A 263 16.76 17.74 -0.02
CA LYS A 263 18.19 17.97 0.15
C LYS A 263 18.48 18.52 1.58
N VAL A 264 17.75 19.58 1.95
CA VAL A 264 17.95 20.33 3.21
C VAL A 264 17.75 19.47 4.47
N LEU A 265 16.65 18.71 4.52
CA LEU A 265 16.27 17.95 5.72
C LEU A 265 16.88 16.53 5.73
N SER A 266 17.78 16.28 4.78
CA SER A 266 18.56 15.04 4.71
C SER A 266 19.69 15.11 5.73
N ALA A 267 20.60 16.08 5.54
CA ALA A 267 21.61 16.39 6.54
C ALA A 267 20.92 16.47 7.91
N ARG A 268 21.40 15.65 8.86
CA ARG A 268 20.70 15.38 10.13
C ARG A 268 20.38 16.65 10.96
N ASP A 269 21.29 17.64 10.89
CA ASP A 269 21.26 18.88 11.69
C ASP A 269 20.15 19.90 11.35
N ASN A 270 19.41 19.64 10.27
CA ASN A 270 18.24 20.43 9.87
C ASN A 270 16.93 19.61 9.89
N LYS A 271 17.08 18.27 9.89
CA LYS A 271 15.97 17.31 10.00
C LYS A 271 15.24 17.47 11.33
N GLU A 272 15.88 18.17 12.28
CA GLU A 272 15.43 18.30 13.67
C GLU A 272 14.41 19.43 13.96
N SER A 273 13.69 19.87 12.93
CA SER A 273 12.53 20.78 13.11
C SER A 273 11.22 20.06 12.79
N LYS A 274 11.21 18.75 13.08
CA LYS A 274 10.09 17.84 12.83
C LYS A 274 10.49 16.45 13.39
N VAL A 275 11.17 16.44 14.55
CA VAL A 275 11.60 15.22 15.29
C VAL A 275 10.79 15.01 16.59
N LEU A 276 10.79 16.04 17.44
CA LEU A 276 10.01 16.07 18.68
C LEU A 276 8.51 16.33 18.37
N SER A 277 8.27 16.94 17.21
CA SER A 277 6.95 17.38 16.75
C SER A 277 6.11 16.29 16.02
N LYS A 278 5.77 15.18 16.73
CA LYS A 278 4.77 14.14 16.27
C LYS A 278 4.34 12.95 17.22
N ASP A 279 4.82 12.96 18.46
CA ASP A 279 4.22 12.12 19.53
C ASP A 279 3.38 13.07 20.39
N LYS A 280 3.88 14.30 20.51
CA LYS A 280 3.21 15.39 21.18
C LYS A 280 2.03 15.89 20.34
N VAL A 281 2.08 15.61 19.02
CA VAL A 281 0.92 15.75 18.14
C VAL A 281 -0.11 14.67 18.46
N LEU A 282 0.29 13.41 18.42
CA LEU A 282 -0.63 12.29 18.74
C LEU A 282 -1.30 12.40 20.13
N GLU A 283 -0.48 12.59 21.15
CA GLU A 283 -0.95 12.82 22.51
C GLU A 283 -2.13 13.81 22.59
N LYS A 284 -1.96 14.95 21.90
CA LYS A 284 -2.95 16.04 21.93
C LYS A 284 -4.30 15.68 21.33
N MET A 285 -4.37 14.58 20.58
CA MET A 285 -5.63 14.02 20.08
C MET A 285 -6.06 12.75 20.83
N LEU A 286 -5.09 11.99 21.36
CA LEU A 286 -5.40 10.66 21.83
C LEU A 286 -5.66 10.57 23.30
N GLY A 287 -5.14 11.53 24.06
CA GLY A 287 -5.05 11.34 25.49
C GLY A 287 -3.68 10.80 25.91
N TYR A 288 -3.25 9.64 25.44
CA TYR A 288 -1.94 9.02 25.82
C TYR A 288 -0.84 9.21 24.71
N SER A 289 0.42 8.88 25.00
CA SER A 289 1.52 9.06 24.04
C SER A 289 2.08 7.72 23.52
N PRO A 290 1.56 7.19 22.40
CA PRO A 290 2.04 5.87 21.88
C PRO A 290 3.40 5.94 21.18
N TYR A 291 4.14 4.83 21.15
CA TYR A 291 5.38 4.76 20.38
C TYR A 291 5.15 5.26 18.96
N SER A 292 6.02 6.16 18.53
CA SER A 292 5.74 6.87 17.30
C SER A 292 6.99 7.39 16.69
N ILE A 293 7.31 6.84 15.52
CA ILE A 293 8.46 7.27 14.72
C ILE A 293 8.04 8.07 13.53
N THR A 294 8.60 9.26 13.39
CA THR A 294 8.33 10.11 12.23
C THR A 294 9.65 10.41 11.56
N GLU A 295 9.78 10.13 10.27
CA GLU A 295 11.06 10.29 9.59
C GLU A 295 10.94 10.84 8.17
N ILE A 296 11.94 11.61 7.73
CA ILE A 296 11.95 12.09 6.34
C ILE A 296 13.32 11.83 5.71
N GLN A 297 13.34 11.22 4.53
CA GLN A 297 14.59 10.89 3.85
C GLN A 297 14.66 11.56 2.49
N TYR A 298 15.87 11.88 2.06
CA TYR A 298 16.10 12.34 0.68
C TYR A 298 15.93 11.22 -0.37
N PHE A 299 15.24 11.56 -1.46
CA PHE A 299 14.96 10.67 -2.59
C PHE A 299 14.93 11.47 -3.93
N PRO A 300 16.11 11.63 -4.56
CA PRO A 300 16.24 12.67 -5.60
C PRO A 300 15.14 12.62 -6.69
N SER A 301 14.87 11.44 -7.24
CA SER A 301 13.98 11.28 -8.37
C SER A 301 12.55 11.76 -8.09
N LEU A 302 12.15 11.82 -6.83
CA LEU A 302 10.81 12.32 -6.51
C LEU A 302 10.62 13.83 -6.68
N VAL A 303 11.71 14.59 -6.75
CA VAL A 303 11.66 16.05 -6.81
C VAL A 303 10.65 16.49 -5.76
N ASP A 304 9.72 17.40 -6.06
CA ASP A 304 8.75 17.89 -5.02
C ASP A 304 7.59 16.95 -4.65
N ASN A 305 7.55 15.78 -5.27
CA ASN A 305 6.47 14.84 -5.05
C ASN A 305 6.75 14.04 -3.78
N LYS A 306 6.51 14.69 -2.64
CA LYS A 306 6.62 14.06 -1.31
C LYS A 306 5.64 12.89 -1.20
N THR A 307 6.16 11.68 -1.14
CA THR A 307 5.37 10.48 -0.95
C THR A 307 5.54 10.06 0.51
N ALA A 308 4.48 9.58 1.14
CA ALA A 308 4.65 9.12 2.51
C ALA A 308 3.96 7.80 2.82
N PHE A 309 4.57 7.06 3.76
CA PHE A 309 4.11 5.72 4.18
C PHE A 309 3.80 5.71 5.66
N ASP A 310 2.55 5.43 5.99
CA ASP A 310 2.12 5.36 7.38
C ASP A 310 1.57 4.02 7.72
N PHE A 311 1.86 3.57 8.93
CA PHE A 311 1.37 2.29 9.43
C PHE A 311 0.88 2.50 10.85
N VAL A 312 -0.42 2.39 11.11
CA VAL A 312 -0.90 2.50 12.50
C VAL A 312 -1.20 1.11 13.04
N HIS A 313 -0.48 0.69 14.07
CA HIS A 313 -0.79 -0.51 14.80
C HIS A 313 -1.72 -0.18 16.00
N PHE A 314 -2.83 -0.91 16.16
CA PHE A 314 -3.84 -0.59 17.21
C PHE A 314 -4.61 -1.75 17.83
N LYS A 315 -4.94 -1.58 19.10
CA LYS A 315 -5.66 -2.61 19.83
C LYS A 315 -7.10 -2.26 19.87
N GLY A 316 -7.94 -3.27 19.70
CA GLY A 316 -9.38 -3.12 19.99
C GLY A 316 -9.87 -4.08 21.05
N PHE A 317 -11.16 -4.42 20.91
CA PHE A 317 -11.86 -5.29 21.81
C PHE A 317 -10.99 -6.50 22.10
N LEU A 318 -10.95 -6.88 23.38
CA LEU A 318 -10.12 -7.94 23.93
C LEU A 318 -8.62 -7.76 23.70
N GLY A 319 -8.17 -6.53 23.45
CA GLY A 319 -6.74 -6.25 23.28
C GLY A 319 -6.18 -6.74 21.95
N LYS A 320 -7.08 -7.12 21.04
CA LYS A 320 -6.64 -7.64 19.77
C LYS A 320 -5.98 -6.54 18.91
N LEU A 321 -4.80 -6.86 18.37
CA LEU A 321 -4.00 -5.97 17.50
C LEU A 321 -4.42 -6.01 16.04
N MET A 322 -4.51 -4.84 15.42
CA MET A 322 -4.92 -4.69 14.06
C MET A 322 -4.06 -3.64 13.38
N LYS A 323 -4.17 -3.54 12.08
CA LYS A 323 -3.22 -2.79 11.29
C LYS A 323 -3.93 -1.89 10.29
N PHE A 324 -3.36 -0.72 10.05
CA PHE A 324 -3.90 0.18 9.08
C PHE A 324 -2.73 0.81 8.40
N TYR A 325 -2.78 0.85 7.07
CA TYR A 325 -1.71 1.41 6.27
C TYR A 325 -2.27 2.50 5.36
N PHE A 326 -1.48 3.56 5.16
CA PHE A 326 -1.78 4.52 4.11
C PHE A 326 -0.55 5.06 3.35
N ILE A 327 -0.78 5.51 2.13
CA ILE A 327 0.27 6.04 1.30
C ILE A 327 -0.27 7.30 0.68
N TRP A 328 0.41 8.40 0.96
CA TRP A 328 0.06 9.70 0.46
C TRP A 328 1.04 10.01 -0.66
N ASP A 329 0.48 10.36 -1.82
CA ASP A 329 1.24 10.76 -3.01
C ASP A 329 0.68 12.08 -3.51
N ALA A 330 1.44 13.15 -3.31
CA ALA A 330 1.03 14.51 -3.72
C ALA A 330 2.23 15.36 -4.14
N ILE A 331 1.94 16.55 -4.70
CA ILE A 331 2.99 17.52 -4.95
C ILE A 331 2.90 18.66 -3.96
N ASP A 332 3.95 18.75 -3.15
CA ASP A 332 3.91 19.51 -1.94
C ASP A 332 3.55 20.95 -2.19
N ALA A 333 4.09 21.49 -3.30
CA ALA A 333 3.73 22.83 -3.79
C ALA A 333 2.22 23.01 -4.12
N ILE A 334 1.56 21.96 -4.61
CA ILE A 334 0.12 22.02 -4.88
C ILE A 334 -0.68 22.03 -3.57
N VAL A 335 -0.30 21.19 -2.63
CA VAL A 335 -1.02 21.20 -1.37
C VAL A 335 -0.76 22.51 -0.60
N ALA A 336 0.46 23.05 -0.73
CA ALA A 336 0.85 24.29 -0.02
C ALA A 336 0.33 25.55 -0.66
N ALA A 337 0.66 25.76 -1.92
CA ALA A 337 0.33 27.03 -2.59
C ALA A 337 -1.04 27.64 -2.23
N PRO A 338 -2.15 26.90 -2.36
CA PRO A 338 -3.36 27.64 -2.03
C PRO A 338 -3.36 28.22 -0.60
N LEU A 339 -2.80 27.49 0.36
CA LEU A 339 -2.87 27.93 1.77
C LEU A 339 -2.12 29.24 2.01
N ILE A 340 -1.09 29.47 1.22
CA ILE A 340 -0.42 30.73 1.24
C ILE A 340 -1.38 31.88 0.98
N LEU A 341 -2.11 31.81 -0.15
CA LEU A 341 -3.14 32.81 -0.46
C LEU A 341 -4.27 32.82 0.57
N ASP A 342 -4.70 31.65 1.04
CA ASP A 342 -5.77 31.57 2.05
C ASP A 342 -5.32 32.31 3.28
N ILE A 343 -4.07 32.06 3.68
CA ILE A 343 -3.49 32.58 4.93
C ILE A 343 -3.45 34.09 4.84
N ALA A 344 -3.13 34.58 3.66
CA ALA A 344 -3.03 36.01 3.43
C ALA A 344 -4.42 36.67 3.52
N ARG A 345 -5.42 35.95 3.05
CA ARG A 345 -6.77 36.42 3.04
C ARG A 345 -7.34 36.45 4.45
N PHE A 346 -7.13 35.38 5.22
CA PHE A 346 -7.58 35.42 6.61
C PHE A 346 -6.84 36.46 7.46
N LEU A 347 -5.59 36.72 7.12
CA LEU A 347 -4.82 37.68 7.88
C LEU A 347 -5.33 39.10 7.72
N LEU A 348 -5.72 39.43 6.49
CA LEU A 348 -6.21 40.77 6.20
C LEU A 348 -7.56 40.98 6.91
N PHE A 349 -8.42 39.96 6.80
CA PHE A 349 -9.67 39.90 7.50
C PHE A 349 -9.45 40.20 8.98
N ALA A 350 -8.42 39.58 9.54
CA ALA A 350 -8.12 39.63 10.95
C ALA A 350 -7.69 41.04 11.31
N LYS A 351 -6.64 41.49 10.65
CA LYS A 351 -6.23 42.87 10.75
C LYS A 351 -7.48 43.75 10.74
N LYS A 352 -8.30 43.59 9.70
CA LYS A 352 -9.43 44.48 9.51
C LYS A 352 -10.54 44.33 10.54
N LYS A 353 -10.51 43.26 11.34
CA LYS A 353 -11.44 43.13 12.49
C LYS A 353 -10.85 43.58 13.83
N GLY A 354 -9.64 44.16 13.78
CA GLY A 354 -8.93 44.51 14.99
C GLY A 354 -8.28 43.38 15.75
N VAL A 355 -8.14 42.21 15.13
CA VAL A 355 -7.49 41.10 15.82
C VAL A 355 -6.01 41.43 16.06
N LYS A 356 -5.46 41.04 17.22
CA LYS A 356 -4.05 41.29 17.46
C LYS A 356 -3.28 40.16 18.17
N GLY A 357 -1.97 40.10 17.92
CA GLY A 357 -1.10 39.00 18.35
C GLY A 357 -1.33 37.67 17.60
N VAL A 358 -0.99 36.56 18.28
CA VAL A 358 -1.20 35.21 17.74
C VAL A 358 -2.69 34.97 17.54
N VAL A 359 -3.06 34.67 16.31
CA VAL A 359 -4.41 34.23 15.97
C VAL A 359 -4.46 32.69 16.05
N LYS A 360 -4.65 32.17 17.26
CA LYS A 360 -4.61 30.73 17.51
C LYS A 360 -5.61 29.94 16.66
N GLU A 361 -6.71 30.61 16.34
CA GLU A 361 -7.83 30.03 15.62
C GLU A 361 -7.54 29.62 14.19
N MET A 362 -6.36 29.97 13.69
CA MET A 362 -5.98 29.62 12.32
C MET A 362 -5.15 28.33 12.32
N ALA A 363 -5.11 27.64 13.46
CA ALA A 363 -4.35 26.38 13.66
C ALA A 363 -4.56 25.36 12.52
N PHE A 364 -5.75 25.40 11.93
CA PHE A 364 -6.14 24.54 10.81
C PHE A 364 -5.09 24.39 9.71
N PHE A 365 -4.27 25.42 9.59
CA PHE A 365 -3.27 25.52 8.53
C PHE A 365 -1.91 24.99 8.91
N PHE A 366 -1.75 24.56 10.16
CA PHE A 366 -0.41 24.35 10.73
C PHE A 366 -0.17 23.09 11.53
N LYS A 367 1.11 22.72 11.58
CA LYS A 367 1.63 21.50 12.19
C LYS A 367 1.96 21.76 13.63
N SER A 368 2.47 22.97 13.90
CA SER A 368 2.81 23.44 15.26
C SER A 368 2.06 24.78 15.46
N PRO A 369 0.74 24.68 15.60
CA PRO A 369 -0.05 25.89 15.76
C PRO A 369 0.29 26.56 17.06
N MET A 370 0.65 27.83 16.96
CA MET A 370 1.01 28.63 18.12
C MET A 370 -0.17 28.74 19.08
N ASP A 371 0.12 28.80 20.37
CA ASP A 371 -0.84 29.17 21.42
C ASP A 371 -2.10 28.37 21.56
N THR A 372 -2.08 27.10 21.16
CA THR A 372 -3.30 26.31 21.12
C THR A 372 -2.88 24.87 21.24
N ASN A 373 -3.81 24.06 21.71
CA ASN A 373 -3.57 22.62 21.82
C ASN A 373 -4.38 21.89 20.79
N VAL A 374 -5.44 22.54 20.31
CA VAL A 374 -6.33 21.89 19.36
C VAL A 374 -5.56 21.39 18.12
N ILE A 375 -5.41 20.07 18.01
CA ILE A 375 -4.60 19.47 16.96
C ILE A 375 -5.48 18.79 15.92
N ASN A 376 -6.64 18.30 16.36
CA ASN A 376 -7.57 17.47 15.58
C ASN A 376 -8.15 18.29 14.45
N THR A 377 -7.84 17.91 13.21
CA THR A 377 -8.26 18.66 12.02
C THR A 377 -9.72 19.09 12.10
N HIS A 378 -10.61 18.14 12.36
CA HIS A 378 -12.05 18.43 12.54
C HIS A 378 -12.26 19.60 13.53
N GLU A 379 -11.66 19.50 14.71
CA GLU A 379 -11.89 20.51 15.71
C GLU A 379 -11.30 21.79 15.22
N GLN A 380 -10.14 21.73 14.57
CA GLN A 380 -9.50 22.93 14.06
C GLN A 380 -10.33 23.72 13.05
N PHE A 381 -11.03 22.96 12.19
CA PHE A 381 -11.83 23.52 11.12
C PHE A 381 -13.03 24.28 11.68
N VAL A 382 -13.74 23.63 12.58
CA VAL A 382 -14.82 24.24 13.31
C VAL A 382 -14.35 25.52 14.00
N VAL A 383 -13.23 25.43 14.72
CA VAL A 383 -12.65 26.58 15.38
C VAL A 383 -12.37 27.67 14.38
N LEU A 384 -11.81 27.31 13.22
CA LEU A 384 -11.57 28.28 12.14
C LEU A 384 -12.90 28.90 11.66
N LYS A 385 -13.87 28.05 11.27
CA LYS A 385 -15.26 28.47 10.98
C LYS A 385 -15.86 29.40 12.03
N GLU A 386 -15.82 28.99 13.30
CA GLU A 386 -16.52 29.75 14.36
C GLU A 386 -15.92 31.14 14.56
N TRP A 387 -14.59 31.19 14.61
CA TRP A 387 -13.82 32.40 14.77
C TRP A 387 -14.24 33.40 13.73
N TYR A 388 -14.20 32.98 12.45
CA TYR A 388 -14.64 33.84 11.37
C TYR A 388 -16.08 34.30 11.58
N SER A 389 -16.95 33.42 12.07
CA SER A 389 -18.35 33.84 12.27
C SER A 389 -18.45 34.87 13.38
N ASN A 390 -17.72 34.66 14.46
CA ASN A 390 -17.69 35.61 15.57
C ASN A 390 -17.29 37.03 15.22
N LEU A 391 -16.60 37.20 14.10
CA LEU A 391 -16.01 38.48 13.68
C LEU A 391 -16.61 38.96 12.37
N LYS A 392 -17.20 38.02 11.62
CA LYS A 392 -18.06 38.30 10.46
C LYS A 392 -18.91 39.52 10.88
N MET B 1 -28.24 -5.91 32.66
CA MET B 1 -29.32 -5.66 31.67
C MET B 1 -29.33 -6.90 30.82
N LYS B 2 -30.48 -7.21 30.23
CA LYS B 2 -30.64 -8.36 29.36
C LYS B 2 -30.48 -7.88 27.92
N VAL B 3 -29.84 -8.70 27.09
CA VAL B 3 -29.69 -8.41 25.66
C VAL B 3 -30.11 -9.62 24.87
N TRP B 4 -31.01 -9.42 23.92
CA TRP B 4 -31.51 -10.50 23.10
C TRP B 4 -30.93 -10.37 21.71
N LEU B 5 -30.07 -11.31 21.32
CA LEU B 5 -29.45 -11.27 20.01
C LEU B 5 -30.07 -12.19 18.95
N VAL B 6 -30.72 -11.60 17.95
CA VAL B 6 -31.06 -12.32 16.72
C VAL B 6 -29.74 -12.64 15.98
N GLY B 7 -29.56 -13.88 15.55
CA GLY B 7 -28.28 -14.27 14.94
C GLY B 7 -27.27 -14.61 16.02
N ALA B 8 -27.80 -15.13 17.13
CA ALA B 8 -27.05 -15.40 18.36
C ALA B 8 -25.75 -16.19 18.21
N TYR B 9 -25.73 -17.17 17.32
CA TYR B 9 -24.55 -18.05 17.24
C TYR B 9 -23.45 -17.51 16.29
N GLY B 10 -23.70 -16.36 15.65
CA GLY B 10 -22.73 -15.78 14.71
C GLY B 10 -21.46 -15.28 15.38
N ILE B 11 -20.40 -15.08 14.62
CA ILE B 11 -19.13 -14.64 15.20
C ILE B 11 -19.25 -13.30 15.93
N VAL B 12 -19.82 -12.30 15.28
CA VAL B 12 -20.01 -10.98 15.85
C VAL B 12 -20.72 -11.10 17.21
N SER B 13 -21.84 -11.81 17.22
CA SER B 13 -22.65 -12.04 18.41
C SER B 13 -21.97 -12.90 19.52
N THR B 14 -21.41 -14.05 19.18
CA THR B 14 -20.63 -14.81 20.15
C THR B 14 -19.45 -14.02 20.75
N THR B 15 -18.71 -13.26 19.91
CA THR B 15 -17.53 -12.47 20.38
C THR B 15 -17.94 -11.42 21.42
N ALA B 16 -19.11 -10.82 21.20
CA ALA B 16 -19.68 -9.86 22.13
C ALA B 16 -19.95 -10.58 23.45
N MET B 17 -20.65 -11.71 23.42
CA MET B 17 -20.86 -12.47 24.67
C MET B 17 -19.52 -12.82 25.37
N VAL B 18 -18.50 -13.24 24.61
CA VAL B 18 -17.22 -13.64 25.20
C VAL B 18 -16.60 -12.42 25.87
N GLY B 19 -16.64 -11.29 25.17
CA GLY B 19 -16.08 -10.05 25.69
C GLY B 19 -16.87 -9.55 26.90
N ALA B 20 -18.18 -9.47 26.77
CA ALA B 20 -19.04 -9.12 27.91
C ALA B 20 -18.64 -9.89 29.16
N ARG B 21 -18.67 -11.23 29.08
CA ARG B 21 -18.25 -12.09 30.19
C ARG B 21 -16.78 -11.90 30.62
N ALA B 22 -15.86 -11.93 29.66
CA ALA B 22 -14.47 -11.69 29.97
C ALA B 22 -14.21 -10.38 30.74
N ILE B 23 -14.98 -9.33 30.44
CA ILE B 23 -14.75 -8.03 31.11
C ILE B 23 -15.34 -8.06 32.50
N GLU B 24 -16.47 -8.76 32.64
CA GLU B 24 -17.18 -8.89 33.90
C GLU B 24 -16.35 -9.71 34.87
N ARG B 25 -15.85 -10.86 34.42
CA ARG B 25 -14.94 -11.69 35.19
C ARG B 25 -13.58 -11.05 35.50
N GLY B 26 -13.28 -9.89 34.92
CA GLY B 26 -11.98 -9.23 35.12
C GLY B 26 -10.81 -9.89 34.38
N ILE B 27 -11.05 -10.44 33.19
CA ILE B 27 -9.92 -11.00 32.45
C ILE B 27 -9.72 -10.38 31.11
N ALA B 28 -10.38 -9.26 30.86
CA ALA B 28 -10.05 -8.44 29.71
C ALA B 28 -10.23 -6.94 29.99
N PRO B 29 -9.42 -6.09 29.34
CA PRO B 29 -9.49 -4.64 29.45
C PRO B 29 -10.78 -4.12 28.84
N LYS B 30 -11.07 -2.83 28.96
CA LYS B 30 -12.30 -2.28 28.40
C LYS B 30 -12.09 -1.47 27.11
N ILE B 31 -10.98 -1.73 26.42
CA ILE B 31 -10.72 -1.18 25.06
C ILE B 31 -11.85 -1.52 24.04
N GLY B 32 -12.14 -0.57 23.15
CA GLY B 32 -13.09 -0.79 22.06
C GLY B 32 -14.49 -0.32 22.32
N LEU B 33 -14.75 0.17 23.54
CA LEU B 33 -16.10 0.48 24.01
C LEU B 33 -16.42 1.97 24.08
N VAL B 34 -17.15 2.46 23.10
CA VAL B 34 -17.51 3.86 23.06
C VAL B 34 -18.24 4.30 24.37
N SER B 35 -19.08 3.40 24.89
CA SER B 35 -19.79 3.67 26.14
C SER B 35 -18.86 3.85 27.33
N GLU B 36 -17.64 3.31 27.24
CA GLU B 36 -16.64 3.46 28.30
C GLU B 36 -15.78 4.72 28.21
N LEU B 37 -15.93 5.56 27.17
CA LEU B 37 -15.22 6.84 27.12
C LEU B 37 -15.68 7.80 28.25
N PRO B 38 -14.74 8.63 28.80
CA PRO B 38 -14.99 9.53 29.95
C PRO B 38 -16.15 10.49 29.75
N HIS B 39 -16.43 10.88 28.51
CA HIS B 39 -17.63 11.70 28.32
C HIS B 39 -18.85 11.00 28.88
N PHE B 40 -18.96 9.70 28.68
CA PHE B 40 -20.14 8.94 29.10
C PHE B 40 -20.08 8.40 30.54
N GLU B 41 -19.07 8.79 31.31
CA GLU B 41 -19.13 8.61 32.77
C GLU B 41 -20.45 9.17 33.30
N GLY B 42 -21.06 8.41 34.21
CA GLY B 42 -22.43 8.64 34.60
C GLY B 42 -23.33 7.53 34.06
N ILE B 43 -22.99 6.98 32.89
CA ILE B 43 -23.92 6.06 32.21
C ILE B 43 -24.34 4.84 33.07
N GLU B 44 -23.42 4.27 33.84
CA GLU B 44 -23.71 3.06 34.67
C GLU B 44 -24.78 3.29 35.76
N LYS B 45 -25.16 4.56 35.95
CA LYS B 45 -26.37 4.90 36.66
C LYS B 45 -27.59 4.19 36.07
N TYR B 46 -27.68 4.16 34.74
CA TYR B 46 -28.86 3.68 34.01
C TYR B 46 -28.54 2.43 33.16
N ALA B 47 -27.29 2.28 32.75
CA ALA B 47 -26.88 1.15 31.91
C ALA B 47 -25.49 0.60 32.30
N PRO B 48 -25.43 -0.11 33.44
CA PRO B 48 -24.17 -0.57 34.05
C PRO B 48 -23.49 -1.59 33.15
N PHE B 49 -22.23 -1.93 33.40
CA PHE B 49 -21.62 -2.99 32.57
C PHE B 49 -21.87 -4.37 33.19
N SER B 50 -23.09 -4.86 33.00
CA SER B 50 -23.50 -6.23 33.33
C SER B 50 -24.45 -6.74 32.24
N PHE B 51 -24.29 -8.00 31.85
CA PHE B 51 -25.06 -8.52 30.70
C PHE B 51 -25.55 -9.96 30.86
N GLU B 52 -26.85 -10.17 30.61
CA GLU B 52 -27.36 -11.51 30.38
C GLU B 52 -27.79 -11.68 28.92
N PHE B 53 -27.44 -12.79 28.30
CA PHE B 53 -27.74 -12.99 26.89
C PHE B 53 -28.83 -14.02 26.58
N GLY B 54 -29.54 -13.77 25.50
CA GLY B 54 -30.49 -14.73 24.94
C GLY B 54 -30.48 -14.49 23.45
N GLY B 55 -31.21 -15.29 22.69
CA GLY B 55 -31.19 -15.07 21.24
C GLY B 55 -31.89 -16.05 20.35
N HIS B 56 -32.17 -15.59 19.13
CA HIS B 56 -32.68 -16.44 18.07
C HIS B 56 -31.55 -16.88 17.11
N GLU B 57 -31.66 -18.11 16.68
CA GLU B 57 -30.79 -18.59 15.65
C GLU B 57 -31.54 -19.61 14.84
N ILE B 58 -30.88 -20.07 13.78
CA ILE B 58 -31.42 -21.05 12.87
C ILE B 58 -30.46 -22.20 12.62
N ARG B 59 -29.16 -22.00 12.84
CA ARG B 59 -28.19 -23.12 12.91
C ARG B 59 -28.32 -23.99 14.17
N LEU B 60 -28.15 -25.30 13.98
CA LEU B 60 -28.24 -26.28 15.07
C LEU B 60 -26.86 -26.49 15.71
N LEU B 61 -26.66 -25.89 16.89
CA LEU B 61 -25.53 -26.12 17.81
C LEU B 61 -26.10 -26.08 19.22
N SER B 62 -25.42 -26.71 20.18
CA SER B 62 -25.88 -26.81 21.57
C SER B 62 -26.09 -25.51 22.34
N ASN B 63 -25.08 -24.67 22.38
CA ASN B 63 -25.11 -23.46 23.19
C ASN B 63 -24.19 -22.45 22.58
N ALA B 64 -24.24 -21.22 23.09
CA ALA B 64 -23.42 -20.12 22.60
C ALA B 64 -21.90 -20.43 22.69
N TYR B 65 -21.52 -21.37 23.57
CA TYR B 65 -20.11 -21.71 23.71
C TYR B 65 -19.59 -22.50 22.51
N GLU B 66 -20.31 -23.55 22.12
CA GLU B 66 -19.93 -24.29 20.91
C GLU B 66 -19.91 -23.31 19.76
N ALA B 67 -20.92 -22.45 19.71
CA ALA B 67 -20.99 -21.41 18.68
C ALA B 67 -19.72 -20.57 18.63
N ALA B 68 -19.23 -20.14 19.80
CA ALA B 68 -18.02 -19.34 19.92
C ALA B 68 -16.73 -20.14 19.68
N LYS B 69 -16.73 -21.43 20.05
CA LYS B 69 -15.56 -22.27 19.86
C LYS B 69 -15.36 -22.45 18.35
N GLU B 70 -16.42 -22.81 17.65
CA GLU B 70 -16.31 -22.95 16.21
C GLU B 70 -15.60 -21.76 15.57
N HIS B 71 -16.09 -20.56 15.87
CA HIS B 71 -15.60 -19.30 15.30
C HIS B 71 -14.17 -19.00 15.66
N TRP B 72 -13.86 -19.16 16.94
CA TRP B 72 -12.51 -19.03 17.43
C TRP B 72 -11.60 -20.03 16.71
N GLU B 73 -12.05 -21.28 16.50
CA GLU B 73 -11.19 -22.34 15.89
C GLU B 73 -10.62 -21.86 14.58
N LEU B 74 -11.52 -21.41 13.71
CA LEU B 74 -11.14 -20.82 12.45
C LEU B 74 -10.42 -19.48 12.53
N ASN B 75 -10.73 -18.67 13.53
CA ASN B 75 -10.26 -17.28 13.56
C ASN B 75 -9.23 -16.94 14.58
N ARG B 76 -9.22 -17.63 15.72
CA ARG B 76 -8.22 -17.38 16.77
C ARG B 76 -8.14 -15.87 17.06
N HIS B 77 -9.31 -15.25 17.17
CA HIS B 77 -9.42 -13.79 17.35
C HIS B 77 -9.25 -13.31 18.80
N PHE B 78 -9.03 -14.26 19.73
CA PHE B 78 -8.69 -13.95 21.14
C PHE B 78 -7.98 -15.15 21.79
N ASP B 79 -7.34 -14.94 22.93
CA ASP B 79 -6.65 -16.05 23.63
C ASP B 79 -7.53 -17.28 23.92
N ARG B 80 -6.94 -18.47 23.76
CA ARG B 80 -7.58 -19.75 24.15
C ARG B 80 -8.12 -19.65 25.59
N GLU B 81 -7.37 -18.93 26.40
CA GLU B 81 -7.64 -18.75 27.81
C GLU B 81 -8.90 -17.96 28.06
N ILE B 82 -9.19 -17.03 27.17
CA ILE B 82 -10.38 -16.19 27.30
C ILE B 82 -11.57 -17.08 27.07
N LEU B 83 -11.61 -17.72 25.90
CA LEU B 83 -12.60 -18.76 25.62
C LEU B 83 -12.80 -19.69 26.83
N GLU B 84 -11.72 -20.30 27.32
CA GLU B 84 -11.83 -21.29 28.40
C GLU B 84 -12.47 -20.77 29.67
N ALA B 85 -12.05 -19.57 30.09
CA ALA B 85 -12.64 -18.92 31.25
C ALA B 85 -14.12 -18.59 31.15
N VAL B 86 -14.67 -18.41 29.95
CA VAL B 86 -16.10 -18.12 29.84
C VAL B 86 -16.90 -19.31 29.36
N LYS B 87 -16.23 -20.47 29.24
CA LYS B 87 -16.87 -21.70 28.78
C LYS B 87 -18.20 -21.89 29.52
N SER B 88 -18.13 -21.84 30.86
CA SER B 88 -19.28 -21.93 31.79
C SER B 88 -20.49 -21.08 31.43
N ASP B 89 -20.33 -19.75 31.43
CA ASP B 89 -21.47 -18.82 31.24
C ASP B 89 -22.11 -18.99 29.87
N LEU B 90 -21.26 -19.24 28.89
CA LEU B 90 -21.70 -19.32 27.51
C LEU B 90 -22.36 -20.64 27.17
N GLU B 91 -22.12 -21.65 28.00
CA GLU B 91 -22.82 -22.93 27.89
C GLU B 91 -24.18 -22.81 28.49
N GLY B 92 -24.36 -21.77 29.31
CA GLY B 92 -25.64 -21.43 29.91
C GLY B 92 -26.51 -20.61 28.98
N ILE B 93 -26.01 -20.33 27.78
CA ILE B 93 -26.72 -19.49 26.84
C ILE B 93 -27.16 -20.35 25.65
N VAL B 94 -28.46 -20.61 25.59
CA VAL B 94 -29.00 -21.45 24.52
C VAL B 94 -29.94 -20.65 23.63
N ALA B 95 -29.70 -20.64 22.32
CA ALA B 95 -30.52 -19.84 21.45
C ALA B 95 -31.76 -20.64 21.18
N ARG B 96 -32.84 -19.89 20.94
CA ARG B 96 -34.14 -20.43 20.64
C ARG B 96 -34.31 -20.34 19.10
N LYS B 97 -35.19 -21.19 18.55
CA LYS B 97 -35.40 -21.34 17.10
C LYS B 97 -36.10 -20.13 16.50
N GLY B 98 -35.58 -19.66 15.37
CA GLY B 98 -36.11 -18.49 14.68
C GLY B 98 -36.59 -18.76 13.26
N THR B 99 -36.77 -17.68 12.50
CA THR B 99 -37.24 -17.75 11.12
C THR B 99 -36.14 -17.29 10.15
N ALA B 100 -36.00 -18.02 9.02
CA ALA B 100 -35.11 -17.62 7.94
C ALA B 100 -35.91 -17.17 6.71
N LEU B 101 -37.03 -16.49 6.95
CA LEU B 101 -37.98 -16.15 5.89
C LEU B 101 -37.37 -15.13 4.92
N ASN B 102 -37.43 -15.45 3.63
CA ASN B 102 -36.99 -14.56 2.55
C ASN B 102 -35.57 -14.01 2.71
N CYS B 103 -34.67 -14.78 3.33
CA CYS B 103 -33.31 -14.29 3.64
C CYS B 103 -32.22 -14.63 2.60
N GLY B 104 -32.63 -14.88 1.35
CA GLY B 104 -31.69 -14.96 0.22
C GLY B 104 -31.34 -16.36 -0.26
N SER B 105 -30.58 -16.41 -1.35
CA SER B 105 -30.05 -17.68 -1.88
C SER B 105 -28.89 -18.20 -1.02
N GLY B 106 -28.28 -17.29 -0.26
CA GLY B 106 -27.19 -17.62 0.68
C GLY B 106 -27.54 -18.28 2.02
N ILE B 107 -28.83 -18.50 2.28
CA ILE B 107 -29.27 -19.24 3.48
C ILE B 107 -28.86 -20.73 3.32
N LYS B 108 -28.81 -21.19 2.07
CA LYS B 108 -28.13 -22.44 1.70
C LYS B 108 -26.65 -22.50 2.16
N GLU B 109 -25.97 -21.35 2.17
CA GLU B 109 -24.54 -21.25 2.57
C GLU B 109 -24.21 -21.35 4.09
N LEU B 110 -25.25 -21.50 4.92
CA LEU B 110 -25.07 -21.56 6.39
C LEU B 110 -24.97 -22.98 6.97
N GLY B 111 -24.89 -24.00 6.11
CA GLY B 111 -24.93 -25.39 6.56
C GLY B 111 -26.34 -25.80 6.95
N ASP B 112 -26.46 -26.49 8.08
CA ASP B 112 -27.75 -27.09 8.47
C ASP B 112 -28.62 -26.28 9.41
N ILE B 113 -29.71 -25.79 8.84
CA ILE B 113 -30.61 -24.94 9.60
C ILE B 113 -31.94 -25.64 9.94
N LYS B 114 -32.59 -25.18 11.00
CA LYS B 114 -33.98 -25.52 11.36
C LYS B 114 -34.72 -24.21 11.71
N THR B 115 -35.93 -24.03 11.18
CA THR B 115 -36.58 -22.70 11.18
C THR B 115 -38.07 -22.73 11.49
N LEU B 116 -38.60 -21.63 12.01
CA LEU B 116 -40.02 -21.54 12.39
C LEU B 116 -41.04 -21.86 11.28
N GLU B 117 -40.84 -21.29 10.10
CA GLU B 117 -41.67 -21.61 8.94
C GLU B 117 -41.33 -23.01 8.43
N GLY B 118 -40.17 -23.51 8.87
CA GLY B 118 -39.80 -24.93 8.67
C GLY B 118 -40.82 -25.91 9.26
N GLU B 119 -41.48 -25.52 10.36
CA GLU B 119 -42.61 -26.26 10.95
C GLU B 119 -43.96 -25.96 10.25
N GLY B 120 -43.91 -25.24 9.13
CA GLY B 120 -45.05 -24.98 8.26
C GLY B 120 -46.05 -24.04 8.89
N LEU B 121 -45.55 -23.14 9.73
CA LEU B 121 -46.43 -22.33 10.58
C LEU B 121 -46.91 -21.09 9.86
N SER B 122 -47.82 -20.34 10.49
CA SER B 122 -48.33 -19.10 9.90
C SER B 122 -47.65 -17.83 10.45
N LEU B 123 -47.49 -16.81 9.61
CA LEU B 123 -46.96 -15.49 10.01
C LEU B 123 -47.41 -15.04 11.40
N ALA B 124 -48.69 -15.21 11.71
CA ALA B 124 -49.22 -14.90 13.04
C ALA B 124 -48.66 -15.80 14.18
N GLU B 125 -48.58 -17.12 13.96
CA GLU B 125 -48.08 -18.03 15.02
C GLU B 125 -46.58 -17.80 15.21
N MET B 126 -45.89 -17.62 14.07
CA MET B 126 -44.46 -17.41 14.01
C MET B 126 -44.10 -16.16 14.78
N VAL B 127 -44.93 -15.13 14.63
CA VAL B 127 -44.70 -13.86 15.31
C VAL B 127 -44.92 -14.04 16.79
N SER B 128 -45.96 -14.76 17.17
CA SER B 128 -46.26 -14.90 18.60
C SER B 128 -45.30 -15.90 19.25
N ARG B 129 -44.84 -16.87 18.46
CA ARG B 129 -43.76 -17.76 18.90
C ARG B 129 -42.52 -16.92 19.23
N ILE B 130 -42.11 -16.05 18.30
CA ILE B 130 -41.00 -15.11 18.52
C ILE B 130 -41.17 -14.26 19.81
N GLU B 131 -42.34 -13.64 19.94
CA GLU B 131 -42.64 -12.79 21.09
C GLU B 131 -42.66 -13.56 22.41
N GLU B 132 -43.27 -14.72 22.43
CA GLU B 132 -43.24 -15.52 23.64
C GLU B 132 -41.79 -15.91 24.02
N ASP B 133 -40.91 -16.08 23.03
CA ASP B 133 -39.51 -16.44 23.30
C ASP B 133 -38.79 -15.32 24.02
N ILE B 134 -39.00 -14.10 23.52
CA ILE B 134 -38.37 -12.90 24.05
C ILE B 134 -39.05 -12.45 25.36
N LYS B 135 -40.35 -12.71 25.46
CA LYS B 135 -41.16 -12.30 26.61
C LYS B 135 -40.78 -13.01 27.90
N SER B 136 -40.40 -14.30 27.83
CA SER B 136 -39.91 -15.01 29.04
C SER B 136 -38.61 -14.36 29.42
N PHE B 137 -37.72 -14.23 28.45
CA PHE B 137 -36.40 -13.69 28.70
C PHE B 137 -36.50 -12.27 29.23
N ALA B 138 -37.28 -11.44 28.55
CA ALA B 138 -37.29 -10.00 28.77
C ALA B 138 -37.72 -9.54 30.16
N ASP B 139 -36.96 -8.60 30.69
CA ASP B 139 -37.42 -7.78 31.79
C ASP B 139 -37.47 -6.32 31.35
N ASP B 140 -37.59 -5.43 32.32
CA ASP B 140 -37.77 -4.00 32.08
C ASP B 140 -36.44 -3.32 31.72
N GLU B 141 -35.39 -4.13 31.61
CA GLU B 141 -34.03 -3.69 31.28
C GLU B 141 -33.39 -4.47 30.10
N THR B 142 -34.26 -5.01 29.25
CA THR B 142 -33.92 -5.87 28.13
C THR B 142 -33.98 -5.12 26.79
N VAL B 143 -32.91 -5.27 25.98
CA VAL B 143 -32.80 -4.71 24.60
C VAL B 143 -32.77 -5.85 23.55
N VAL B 144 -33.09 -5.55 22.29
CA VAL B 144 -33.01 -6.55 21.23
C VAL B 144 -32.21 -5.98 20.06
N ILE B 145 -31.11 -6.63 19.73
CA ILE B 145 -30.22 -6.17 18.68
C ILE B 145 -30.17 -7.26 17.62
N ASN B 146 -30.18 -6.86 16.34
CA ASN B 146 -30.13 -7.84 15.23
C ASN B 146 -28.71 -7.92 14.73
N VAL B 147 -28.18 -9.13 14.70
CA VAL B 147 -26.86 -9.37 14.09
C VAL B 147 -26.91 -10.55 13.10
N ALA B 148 -28.09 -10.85 12.58
CA ALA B 148 -28.27 -11.99 11.67
C ALA B 148 -27.64 -11.73 10.30
N SER B 149 -27.54 -12.78 9.48
CA SER B 149 -27.03 -12.65 8.12
C SER B 149 -27.81 -11.59 7.33
N THR B 150 -27.09 -10.87 6.46
CA THR B 150 -27.66 -9.82 5.60
C THR B 150 -28.73 -10.43 4.72
N GLU B 151 -29.92 -9.84 4.76
CA GLU B 151 -31.01 -10.27 3.89
C GLU B 151 -30.84 -9.57 2.54
N PRO B 152 -31.45 -10.14 1.47
CA PRO B 152 -31.44 -9.31 0.26
C PRO B 152 -32.42 -8.14 0.41
N LEU B 153 -32.48 -7.30 -0.63
CA LEU B 153 -33.47 -6.22 -0.67
C LEU B 153 -34.89 -6.79 -0.54
N PRO B 154 -35.69 -6.20 0.38
CA PRO B 154 -37.03 -6.71 0.66
C PRO B 154 -37.89 -6.70 -0.59
N ASN B 155 -38.78 -7.67 -0.71
CA ASN B 155 -39.79 -7.62 -1.73
C ASN B 155 -40.60 -6.33 -1.55
N TYR B 156 -40.48 -5.37 -2.47
CA TYR B 156 -41.19 -4.06 -2.37
C TYR B 156 -42.72 -4.16 -2.27
N SER B 157 -43.28 -3.50 -1.26
CA SER B 157 -44.74 -3.35 -1.14
C SER B 157 -45.11 -2.18 -0.25
N GLU B 158 -45.92 -1.28 -0.80
CA GLU B 158 -46.34 -0.10 -0.08
C GLU B 158 -47.71 -0.30 0.64
N GLU B 159 -48.42 -1.35 0.26
CA GLU B 159 -49.61 -1.76 0.99
C GLU B 159 -49.24 -2.38 2.34
N TYR B 160 -48.07 -3.02 2.39
CA TYR B 160 -47.74 -3.90 3.51
C TYR B 160 -46.61 -3.39 4.38
N HIS B 161 -45.81 -2.48 3.83
CA HIS B 161 -44.66 -1.91 4.50
C HIS B 161 -44.80 -0.43 4.75
N GLY B 162 -45.81 0.18 4.13
CA GLY B 162 -46.00 1.63 4.24
C GLY B 162 -46.69 2.14 5.49
N SER B 163 -47.32 1.24 6.26
CA SER B 163 -48.19 1.57 7.40
C SER B 163 -48.37 0.35 8.34
N LEU B 164 -48.52 0.58 9.65
CA LEU B 164 -48.62 -0.51 10.63
C LEU B 164 -49.93 -1.32 10.46
N GLU B 165 -50.97 -0.62 10.01
CA GLU B 165 -52.24 -1.22 9.64
C GLU B 165 -51.95 -2.26 8.54
N GLY B 166 -51.21 -1.82 7.51
CA GLY B 166 -50.83 -2.68 6.39
C GLY B 166 -49.91 -3.82 6.78
N PHE B 167 -49.04 -3.56 7.77
CA PHE B 167 -48.14 -4.57 8.29
C PHE B 167 -48.87 -5.65 9.09
N GLU B 168 -49.76 -5.24 9.98
CA GLU B 168 -50.55 -6.19 10.77
C GLU B 168 -51.50 -7.03 9.95
N ARG B 169 -52.01 -6.44 8.86
CA ARG B 169 -52.80 -7.18 7.89
C ARG B 169 -51.95 -8.25 7.16
N MET B 170 -50.78 -7.84 6.65
CA MET B 170 -49.80 -8.78 6.10
C MET B 170 -49.68 -9.98 7.06
N ILE B 171 -49.48 -9.71 8.34
CA ILE B 171 -49.41 -10.78 9.37
C ILE B 171 -50.73 -11.55 9.53
N ASP B 172 -51.85 -10.84 9.49
CA ASP B 172 -53.15 -11.49 9.72
C ASP B 172 -53.53 -12.46 8.59
N GLU B 173 -53.33 -11.97 7.36
CA GLU B 173 -53.66 -12.65 6.13
C GLU B 173 -52.46 -13.40 5.61
N ASP B 174 -51.58 -13.79 6.54
CA ASP B 174 -50.40 -14.64 6.26
C ASP B 174 -49.76 -14.46 4.87
N ARG B 175 -49.30 -13.27 4.53
CA ARG B 175 -48.68 -13.04 3.22
C ARG B 175 -47.16 -13.04 3.36
N LYS B 176 -46.58 -14.25 3.38
CA LYS B 176 -45.15 -14.43 3.60
C LYS B 176 -44.32 -13.80 2.52
N GLU B 177 -44.97 -13.53 1.40
CA GLU B 177 -44.29 -12.99 0.27
C GLU B 177 -43.70 -11.61 0.60
N TYR B 178 -44.34 -10.90 1.52
CA TYR B 178 -43.90 -9.52 1.78
C TYR B 178 -43.11 -9.39 3.07
N ALA B 179 -42.93 -10.51 3.76
CA ALA B 179 -42.31 -10.53 5.07
C ALA B 179 -40.95 -11.21 5.02
N SER B 180 -39.96 -10.54 5.61
CA SER B 180 -38.66 -11.15 5.86
C SER B 180 -38.41 -11.19 7.37
N ALA B 181 -37.58 -12.13 7.78
CA ALA B 181 -37.29 -12.36 9.19
C ALA B 181 -37.00 -11.06 9.99
N SER B 182 -36.18 -10.18 9.42
CA SER B 182 -35.68 -9.03 10.14
C SER B 182 -36.80 -8.08 10.56
N MET B 183 -37.84 -7.99 9.71
CA MET B 183 -39.08 -7.24 9.98
C MET B 183 -39.90 -7.95 11.07
N LEU B 184 -40.00 -9.28 10.96
CA LEU B 184 -40.74 -10.04 11.95
C LEU B 184 -40.09 -9.92 13.34
N TYR B 185 -38.75 -9.97 13.39
CA TYR B 185 -38.02 -9.87 14.65
C TYR B 185 -38.20 -8.48 15.26
N ALA B 186 -38.10 -7.49 14.39
CA ALA B 186 -38.27 -6.10 14.78
C ALA B 186 -39.69 -5.84 15.29
N TYR B 187 -40.70 -6.31 14.55
CA TYR B 187 -42.08 -6.10 14.92
C TYR B 187 -42.29 -6.62 16.33
N ALA B 188 -41.57 -7.71 16.65
CA ALA B 188 -41.73 -8.41 17.94
C ALA B 188 -41.06 -7.67 19.10
N ALA B 189 -39.79 -7.31 18.94
CA ALA B 189 -39.16 -6.43 19.92
C ALA B 189 -40.10 -5.27 20.23
N LEU B 190 -40.60 -4.61 19.18
CA LEU B 190 -41.34 -3.36 19.36
C LEU B 190 -42.76 -3.54 19.89
N LYS B 191 -43.45 -4.58 19.41
CA LYS B 191 -44.77 -4.94 19.98
C LYS B 191 -44.62 -5.21 21.48
N LEU B 192 -43.64 -6.05 21.82
CA LEU B 192 -43.31 -6.33 23.20
C LEU B 192 -42.81 -5.10 23.91
N GLY B 193 -42.61 -4.02 23.16
CA GLY B 193 -42.31 -2.73 23.75
C GLY B 193 -40.90 -2.63 24.29
N LEU B 194 -39.93 -3.06 23.47
CA LEU B 194 -38.53 -3.14 23.87
C LEU B 194 -37.60 -2.39 22.90
N PRO B 195 -36.56 -1.75 23.45
CA PRO B 195 -35.57 -1.10 22.55
C PRO B 195 -35.05 -2.05 21.47
N TYR B 196 -34.90 -1.57 20.25
CA TYR B 196 -34.40 -2.43 19.20
C TYR B 196 -33.32 -1.69 18.42
N ALA B 197 -32.25 -2.39 18.08
CA ALA B 197 -31.26 -1.87 17.14
C ALA B 197 -30.92 -2.90 16.07
N ASN B 198 -30.70 -2.39 14.86
CA ASN B 198 -30.36 -3.25 13.74
C ASN B 198 -28.91 -3.04 13.31
N PHE B 199 -28.06 -4.02 13.53
CA PHE B 199 -26.65 -3.86 13.16
C PHE B 199 -26.36 -4.27 11.71
N THR B 200 -27.43 -4.56 10.97
CA THR B 200 -27.32 -5.10 9.59
C THR B 200 -27.94 -4.22 8.49
N PRO B 201 -27.59 -4.48 7.23
CA PRO B 201 -28.19 -3.74 6.10
C PRO B 201 -29.66 -4.12 5.86
N SER B 202 -30.10 -5.28 6.36
CA SER B 202 -31.54 -5.69 6.30
C SER B 202 -32.51 -4.59 6.77
N PRO B 203 -33.76 -4.56 6.23
CA PRO B 203 -34.77 -3.53 6.61
C PRO B 203 -34.97 -3.43 8.13
N GLY B 204 -35.28 -4.55 8.79
CA GLY B 204 -35.50 -4.52 10.23
C GLY B 204 -36.58 -3.51 10.50
N SER B 205 -36.32 -2.58 11.41
CA SER B 205 -37.35 -1.64 11.88
C SER B 205 -37.42 -0.37 11.04
N ALA B 206 -36.82 -0.41 9.86
CA ALA B 206 -36.72 0.75 9.02
C ALA B 206 -37.87 0.86 8.04
N ILE B 207 -38.55 -0.25 7.75
CA ILE B 207 -39.78 -0.12 7.00
C ILE B 207 -40.67 0.92 7.72
N PRO B 208 -41.31 1.84 6.95
CA PRO B 208 -42.17 2.89 7.50
C PRO B 208 -43.15 2.36 8.55
N ALA B 209 -43.81 1.24 8.26
CA ALA B 209 -44.80 0.64 9.18
C ALA B 209 -44.20 0.41 10.59
N LEU B 210 -42.87 0.24 10.62
CA LEU B 210 -42.20 -0.15 11.83
C LEU B 210 -41.72 1.04 12.66
N LYS B 211 -41.38 2.10 11.95
CA LYS B 211 -41.09 3.37 12.61
C LYS B 211 -42.40 3.82 13.25
N GLU B 212 -43.48 3.73 12.49
CA GLU B 212 -44.81 4.03 12.99
C GLU B 212 -45.06 3.26 14.29
N LEU B 213 -44.83 1.95 14.27
CA LEU B 213 -45.01 1.11 15.46
C LEU B 213 -44.25 1.67 16.65
N ALA B 214 -42.97 1.98 16.44
CA ALA B 214 -42.06 2.40 17.51
C ALA B 214 -42.45 3.74 18.11
N GLU B 215 -42.93 4.65 17.25
CA GLU B 215 -43.45 5.93 17.70
C GLU B 215 -44.72 5.74 18.52
N LYS B 216 -45.74 5.16 17.89
CA LYS B 216 -47.00 4.87 18.58
C LYS B 216 -46.79 4.13 19.92
N LYS B 217 -45.77 3.27 19.98
CA LYS B 217 -45.50 2.49 21.19
C LYS B 217 -44.60 3.26 22.13
N GLY B 218 -44.08 4.40 21.68
CA GLY B 218 -43.07 5.14 22.43
C GLY B 218 -41.84 4.30 22.78
N VAL B 219 -41.29 3.59 21.80
CA VAL B 219 -40.03 2.83 21.98
C VAL B 219 -38.88 3.50 21.21
N PRO B 220 -37.66 3.57 21.81
CA PRO B 220 -36.44 4.00 21.08
C PRO B 220 -35.84 2.89 20.15
N HIS B 221 -35.37 3.25 18.96
CA HIS B 221 -34.63 2.29 18.10
C HIS B 221 -33.50 2.90 17.26
N ALA B 222 -32.47 2.09 17.02
CA ALA B 222 -31.27 2.54 16.31
C ALA B 222 -30.89 1.64 15.14
N GLY B 223 -30.16 2.21 14.18
CA GLY B 223 -29.74 1.48 12.99
C GLY B 223 -29.67 2.42 11.80
N ASN B 224 -29.38 1.90 10.61
CA ASN B 224 -28.97 0.50 10.37
C ASN B 224 -27.51 0.33 9.93
N ASP B 225 -26.92 -0.85 10.26
CA ASP B 225 -25.70 -1.41 9.65
C ASP B 225 -24.37 -0.88 10.24
N GLY B 226 -23.69 -1.75 10.99
CA GLY B 226 -22.52 -1.36 11.77
C GLY B 226 -21.49 -0.74 10.87
N LYS B 227 -20.88 0.33 11.33
CA LYS B 227 -19.81 0.99 10.60
C LYS B 227 -18.57 0.73 11.42
N THR B 228 -17.89 -0.36 11.08
CA THR B 228 -16.86 -0.90 11.94
C THR B 228 -15.45 -0.73 11.40
N GLY B 229 -15.28 -0.64 10.08
CA GLY B 229 -13.96 -0.71 9.49
C GLY B 229 -13.66 0.22 8.34
N GLU B 230 -13.71 -0.30 7.13
CA GLU B 230 -13.50 0.51 5.94
C GLU B 230 -14.36 1.76 5.96
N THR B 231 -15.67 1.63 6.27
CA THR B 231 -16.60 2.75 6.17
C THR B 231 -16.32 3.77 7.25
N LEU B 232 -15.79 3.34 8.39
CA LEU B 232 -15.34 4.27 9.40
C LEU B 232 -14.26 5.17 8.84
N VAL B 233 -13.26 4.59 8.21
CA VAL B 233 -12.14 5.39 7.69
C VAL B 233 -12.68 6.32 6.64
N LYS B 234 -13.53 5.82 5.74
CA LYS B 234 -14.21 6.70 4.76
C LYS B 234 -14.95 7.91 5.40
N THR B 235 -15.73 7.70 6.45
CA THR B 235 -16.48 8.82 7.04
C THR B 235 -15.61 9.75 7.87
N THR B 236 -14.45 9.21 8.25
CA THR B 236 -13.44 10.00 8.98
C THR B 236 -12.51 10.73 8.05
N LEU B 237 -12.24 10.20 6.86
CA LEU B 237 -11.21 10.80 6.02
C LEU B 237 -11.73 11.69 4.91
N ALA B 238 -12.91 11.35 4.36
CA ALA B 238 -13.55 12.18 3.33
C ALA B 238 -13.61 13.68 3.69
N PRO B 239 -14.09 14.04 4.93
CA PRO B 239 -14.21 15.41 5.36
C PRO B 239 -12.96 16.23 5.15
N MET B 240 -11.81 15.58 5.32
CA MET B 240 -10.53 16.23 5.15
C MET B 240 -10.46 16.93 3.82
N PHE B 241 -10.98 16.29 2.79
CA PHE B 241 -10.92 16.84 1.45
C PHE B 241 -11.88 18.03 1.32
N ALA B 242 -13.01 17.91 2.00
CA ALA B 242 -14.00 18.98 1.97
C ALA B 242 -13.43 20.20 2.70
N TYR B 243 -12.65 19.96 3.74
CA TYR B 243 -12.11 21.03 4.59
C TYR B 243 -11.07 21.88 3.86
N ARG B 244 -10.51 21.29 2.81
CA ARG B 244 -9.42 21.90 2.09
C ARG B 244 -9.85 22.20 0.64
N ASN B 245 -11.15 22.12 0.41
CA ASN B 245 -11.77 22.50 -0.86
C ASN B 245 -11.12 21.81 -2.05
N MET B 246 -10.69 20.58 -1.82
CA MET B 246 -10.16 19.74 -2.90
C MET B 246 -11.31 18.95 -3.53
N GLU B 247 -11.13 18.54 -4.77
CA GLU B 247 -12.23 17.85 -5.41
C GLU B 247 -11.86 16.40 -5.58
N VAL B 248 -12.66 15.52 -5.01
CA VAL B 248 -12.46 14.11 -5.24
C VAL B 248 -13.04 13.80 -6.61
N VAL B 249 -12.17 13.40 -7.53
CA VAL B 249 -12.63 13.01 -8.85
C VAL B 249 -13.03 11.57 -8.80
N GLY B 250 -12.50 10.81 -7.82
CA GLY B 250 -12.78 9.35 -7.70
C GLY B 250 -12.34 8.68 -6.40
N TRP B 251 -13.14 7.70 -5.95
CA TRP B 251 -12.84 6.90 -4.77
C TRP B 251 -13.12 5.42 -5.08
N MET B 252 -12.18 4.51 -4.76
CA MET B 252 -12.47 3.05 -4.79
C MET B 252 -12.31 2.40 -3.39
N SER B 253 -13.28 1.54 -3.02
CA SER B 253 -13.17 0.54 -1.93
C SER B 253 -13.33 -0.86 -2.44
N TYR B 254 -12.37 -1.69 -2.10
CA TYR B 254 -12.40 -3.08 -2.49
C TYR B 254 -12.09 -3.87 -1.25
N ALA B 255 -13.06 -4.63 -0.77
CA ALA B 255 -12.90 -5.40 0.43
C ALA B 255 -12.86 -6.87 0.08
N ILE B 256 -12.02 -7.61 0.81
CA ILE B 256 -12.12 -9.05 0.76
C ILE B 256 -12.26 -9.63 2.16
N LEU B 257 -13.09 -10.67 2.27
CA LEU B 257 -13.21 -11.54 3.44
C LEU B 257 -13.66 -12.95 3.04
N GLY B 258 -13.56 -13.89 3.98
CA GLY B 258 -14.13 -15.23 3.90
C GLY B 258 -15.15 -15.41 4.99
N ASP B 259 -15.19 -16.59 5.59
CA ASP B 259 -16.13 -16.90 6.69
C ASP B 259 -17.62 -16.67 6.26
N TYR B 260 -18.53 -17.15 7.09
CA TYR B 260 -19.99 -17.17 6.80
C TYR B 260 -20.49 -15.99 5.96
N ASP B 261 -20.11 -14.79 6.38
CA ASP B 261 -20.56 -13.55 5.77
C ASP B 261 -20.04 -13.34 4.37
N GLY B 262 -18.73 -13.53 4.20
CA GLY B 262 -18.11 -13.51 2.86
C GLY B 262 -18.75 -14.48 1.88
N LYS B 263 -19.15 -15.65 2.41
CA LYS B 263 -19.87 -16.70 1.67
C LYS B 263 -21.23 -16.17 1.18
N VAL B 264 -22.08 -15.78 2.14
CA VAL B 264 -23.45 -15.34 1.90
C VAL B 264 -23.51 -14.17 0.92
N LEU B 265 -22.71 -13.14 1.19
CA LEU B 265 -22.63 -11.92 0.39
C LEU B 265 -21.90 -12.12 -0.95
N SER B 266 -21.23 -13.27 -1.11
CA SER B 266 -20.56 -13.62 -2.38
C SER B 266 -21.56 -13.81 -3.53
N ALA B 267 -22.75 -14.31 -3.21
CA ALA B 267 -23.87 -14.31 -4.15
C ALA B 267 -24.18 -12.87 -4.56
N ARG B 268 -24.64 -12.68 -5.80
CA ARG B 268 -24.91 -11.33 -6.35
C ARG B 268 -26.14 -10.68 -5.71
N ASP B 269 -27.21 -11.46 -5.51
CA ASP B 269 -28.49 -10.99 -4.92
C ASP B 269 -28.47 -10.69 -3.40
N ASN B 270 -27.44 -11.19 -2.69
CA ASN B 270 -27.17 -10.84 -1.28
C ASN B 270 -26.06 -9.79 -1.12
N LYS B 271 -25.36 -9.50 -2.22
CA LYS B 271 -24.29 -8.48 -2.28
C LYS B 271 -24.87 -7.07 -2.47
N GLU B 272 -26.00 -7.00 -3.18
CA GLU B 272 -26.70 -5.74 -3.52
C GLU B 272 -26.99 -4.79 -2.36
N SER B 273 -26.99 -5.30 -1.12
CA SER B 273 -27.19 -4.48 0.08
C SER B 273 -25.94 -3.66 0.49
N LYS B 274 -24.87 -3.74 -0.31
CA LYS B 274 -23.71 -2.85 -0.20
C LYS B 274 -23.06 -2.53 -1.57
N VAL B 275 -23.86 -1.94 -2.49
CA VAL B 275 -23.36 -1.26 -3.72
C VAL B 275 -23.90 0.21 -3.77
N LEU B 276 -25.22 0.39 -3.62
CA LEU B 276 -25.89 1.73 -3.74
C LEU B 276 -25.68 2.68 -2.54
N SER B 277 -24.72 2.32 -1.69
CA SER B 277 -24.42 3.05 -0.44
C SER B 277 -23.40 4.20 -0.59
N LYS B 278 -22.10 3.87 -0.66
CA LYS B 278 -21.04 4.87 -0.44
C LYS B 278 -20.74 5.87 -1.58
N ASP B 279 -21.78 6.10 -2.37
CA ASP B 279 -21.89 7.20 -3.33
C ASP B 279 -22.69 8.29 -2.63
N LYS B 280 -23.87 7.89 -2.16
CA LYS B 280 -24.72 8.77 -1.38
C LYS B 280 -24.13 9.07 0.01
N VAL B 281 -23.26 8.18 0.51
CA VAL B 281 -22.41 8.48 1.67
C VAL B 281 -21.50 9.67 1.33
N LEU B 282 -20.68 9.53 0.30
CA LEU B 282 -19.78 10.60 -0.12
C LEU B 282 -20.41 11.97 -0.36
N GLU B 283 -21.57 12.04 -1.02
CA GLU B 283 -22.19 13.35 -1.28
C GLU B 283 -22.71 14.01 -0.01
N LYS B 284 -23.00 13.20 1.00
CA LYS B 284 -23.47 13.72 2.28
C LYS B 284 -22.38 14.33 3.16
N MET B 285 -21.12 14.10 2.80
CA MET B 285 -19.98 14.77 3.44
C MET B 285 -19.33 15.82 2.49
N LEU B 286 -19.40 15.58 1.18
CA LEU B 286 -18.72 16.40 0.18
C LEU B 286 -19.59 17.36 -0.55
N GLY B 287 -20.89 17.07 -0.68
CA GLY B 287 -21.82 17.96 -1.37
C GLY B 287 -21.79 17.90 -2.88
N TYR B 288 -21.21 16.82 -3.41
CA TYR B 288 -21.24 16.49 -4.82
C TYR B 288 -20.90 14.99 -4.82
N SER B 289 -21.41 14.20 -5.77
CA SER B 289 -20.97 12.79 -5.73
C SER B 289 -19.97 12.34 -6.79
N PRO B 290 -18.72 12.14 -6.36
CA PRO B 290 -17.61 11.73 -7.15
C PRO B 290 -17.88 10.35 -7.67
N TYR B 291 -17.06 9.91 -8.62
CA TYR B 291 -17.19 8.56 -9.13
C TYR B 291 -16.69 7.62 -8.06
N SER B 292 -17.59 6.83 -7.47
CA SER B 292 -17.24 5.92 -6.37
C SER B 292 -17.51 4.49 -6.74
N ILE B 293 -16.58 3.57 -6.44
CA ILE B 293 -16.95 2.15 -6.43
C ILE B 293 -16.69 1.43 -5.12
N THR B 294 -17.62 0.55 -4.77
CA THR B 294 -17.52 -0.23 -3.54
C THR B 294 -17.76 -1.68 -3.86
N GLU B 295 -16.84 -2.56 -3.42
CA GLU B 295 -16.98 -3.99 -3.72
C GLU B 295 -16.49 -4.86 -2.59
N ILE B 296 -17.19 -5.97 -2.40
CA ILE B 296 -16.81 -7.00 -1.44
C ILE B 296 -16.62 -8.30 -2.23
N GLN B 297 -15.55 -9.03 -1.94
CA GLN B 297 -15.30 -10.25 -2.69
C GLN B 297 -14.99 -11.43 -1.78
N TYR B 298 -15.49 -12.60 -2.13
CA TYR B 298 -15.21 -13.80 -1.33
C TYR B 298 -13.75 -14.12 -1.50
N PHE B 299 -13.10 -14.38 -0.36
CA PHE B 299 -11.67 -14.66 -0.28
C PHE B 299 -11.49 -15.59 0.93
N PRO B 300 -11.66 -16.90 0.71
CA PRO B 300 -11.81 -17.88 1.80
C PRO B 300 -10.72 -17.83 2.87
N SER B 301 -9.47 -17.69 2.45
CA SER B 301 -8.36 -17.82 3.41
C SER B 301 -8.35 -16.76 4.50
N LEU B 302 -8.96 -15.60 4.22
CA LEU B 302 -8.98 -14.47 5.15
C LEU B 302 -9.97 -14.66 6.29
N VAL B 303 -10.93 -15.55 6.07
CA VAL B 303 -11.88 -15.87 7.12
C VAL B 303 -12.54 -14.57 7.58
N ASP B 304 -12.57 -14.29 8.89
CA ASP B 304 -13.28 -13.10 9.34
C ASP B 304 -12.38 -11.87 9.26
N ASN B 305 -11.12 -12.08 8.86
CA ASN B 305 -10.18 -10.98 8.63
C ASN B 305 -10.45 -10.18 7.33
N LYS B 306 -11.43 -9.28 7.38
CA LYS B 306 -11.67 -8.35 6.29
C LYS B 306 -10.44 -7.48 6.03
N THR B 307 -10.15 -7.29 4.76
CA THR B 307 -8.99 -6.52 4.36
C THR B 307 -9.51 -5.64 3.28
N ALA B 308 -9.37 -4.32 3.43
CA ALA B 308 -9.95 -3.42 2.43
C ALA B 308 -8.90 -2.53 1.82
N PHE B 309 -8.99 -2.34 0.51
CA PHE B 309 -8.10 -1.45 -0.19
C PHE B 309 -8.93 -0.30 -0.67
N ASP B 310 -8.51 0.92 -0.35
CA ASP B 310 -9.15 2.14 -0.88
C ASP B 310 -8.15 2.98 -1.65
N PHE B 311 -8.64 3.64 -2.70
CA PHE B 311 -7.85 4.59 -3.47
C PHE B 311 -8.72 5.84 -3.57
N VAL B 312 -8.15 7.01 -3.32
CA VAL B 312 -8.83 8.28 -3.60
C VAL B 312 -8.00 9.13 -4.60
N HIS B 313 -8.61 9.50 -5.71
CA HIS B 313 -8.01 10.37 -6.71
C HIS B 313 -8.62 11.72 -6.36
N PHE B 314 -7.82 12.79 -6.43
CA PHE B 314 -8.35 14.09 -6.10
C PHE B 314 -7.56 15.25 -6.68
N LYS B 315 -8.28 16.36 -6.87
CA LYS B 315 -7.71 17.53 -7.51
C LYS B 315 -7.50 18.57 -6.44
N GLY B 316 -6.36 19.24 -6.53
CA GLY B 316 -6.08 20.40 -5.69
C GLY B 316 -5.76 21.60 -6.56
N PHE B 317 -4.94 22.50 -6.04
CA PHE B 317 -4.61 23.78 -6.70
C PHE B 317 -4.28 23.60 -8.16
N LEU B 318 -4.82 24.49 -9.01
CA LEU B 318 -4.62 24.42 -10.48
C LEU B 318 -5.09 23.07 -11.09
N GLY B 319 -5.89 22.31 -10.32
CA GLY B 319 -6.53 21.09 -10.78
C GLY B 319 -5.61 19.93 -11.03
N LYS B 320 -4.55 19.87 -10.23
CA LYS B 320 -3.56 18.83 -10.36
C LYS B 320 -4.11 17.67 -9.58
N LEU B 321 -4.18 16.51 -10.24
CA LEU B 321 -4.59 15.23 -9.64
C LEU B 321 -3.48 14.69 -8.74
N MET B 322 -3.89 14.10 -7.62
CA MET B 322 -3.00 13.50 -6.63
C MET B 322 -3.64 12.19 -6.12
N LYS B 323 -2.94 11.43 -5.31
CA LYS B 323 -3.42 10.10 -4.99
C LYS B 323 -3.24 9.76 -3.54
N PHE B 324 -4.24 9.07 -2.97
CA PHE B 324 -4.21 8.61 -1.59
C PHE B 324 -4.62 7.17 -1.55
N TYR B 325 -3.82 6.32 -0.90
CA TYR B 325 -4.03 4.87 -0.79
C TYR B 325 -4.19 4.47 0.67
N PHE B 326 -5.09 3.53 0.92
CA PHE B 326 -5.07 2.87 2.21
C PHE B 326 -5.42 1.38 2.29
N ILE B 327 -4.85 0.69 3.26
CA ILE B 327 -5.14 -0.73 3.49
C ILE B 327 -5.57 -0.92 4.93
N TRP B 328 -6.73 -1.59 5.08
CA TRP B 328 -7.35 -1.83 6.36
C TRP B 328 -7.26 -3.34 6.65
N ASP B 329 -6.71 -3.70 7.80
CA ASP B 329 -6.47 -5.08 8.16
C ASP B 329 -7.00 -5.28 9.60
N ALA B 330 -8.19 -5.84 9.70
CA ALA B 330 -8.84 -6.09 11.01
C ALA B 330 -9.71 -7.35 11.04
N ILE B 331 -9.98 -7.82 12.24
CA ILE B 331 -10.92 -8.92 12.38
C ILE B 331 -12.27 -8.31 12.61
N ASP B 332 -13.11 -8.47 11.61
CA ASP B 332 -14.42 -7.89 11.65
C ASP B 332 -15.15 -7.98 12.98
N ALA B 333 -15.30 -9.18 13.53
CA ALA B 333 -16.00 -9.39 14.81
C ALA B 333 -15.44 -8.55 15.98
N ILE B 334 -14.13 -8.40 16.01
CA ILE B 334 -13.42 -7.63 17.03
C ILE B 334 -13.87 -6.17 16.99
N VAL B 335 -13.93 -5.59 15.81
CA VAL B 335 -14.39 -4.24 15.72
C VAL B 335 -15.91 -4.14 15.87
N ALA B 336 -16.67 -5.17 15.49
CA ALA B 336 -18.15 -5.17 15.67
C ALA B 336 -18.65 -5.35 17.12
N ALA B 337 -18.21 -6.46 17.72
CA ALA B 337 -18.59 -6.90 19.04
C ALA B 337 -18.77 -5.80 20.12
N PRO B 338 -17.75 -4.95 20.34
CA PRO B 338 -17.89 -3.89 21.35
C PRO B 338 -19.07 -2.98 21.11
N LEU B 339 -19.31 -2.58 19.86
CA LEU B 339 -20.43 -1.67 19.58
C LEU B 339 -21.76 -2.30 19.98
N ILE B 340 -21.84 -3.63 19.91
CA ILE B 340 -23.10 -4.27 20.24
C ILE B 340 -23.51 -3.92 21.66
N LEU B 341 -22.52 -3.97 22.56
CA LEU B 341 -22.76 -3.72 23.96
C LEU B 341 -23.01 -2.23 24.11
N ASP B 342 -22.24 -1.44 23.37
CA ASP B 342 -22.28 0.00 23.47
C ASP B 342 -23.68 0.47 23.16
N ILE B 343 -24.23 -0.08 22.07
CA ILE B 343 -25.57 0.18 21.56
C ILE B 343 -26.65 -0.25 22.56
N ALA B 344 -26.48 -1.45 23.10
CA ALA B 344 -27.39 -1.93 24.14
C ALA B 344 -27.44 -0.96 25.31
N ARG B 345 -26.27 -0.47 25.72
CA ARG B 345 -26.22 0.36 26.90
C ARG B 345 -26.86 1.67 26.56
N PHE B 346 -26.59 2.19 25.36
CA PHE B 346 -27.15 3.44 24.90
C PHE B 346 -28.67 3.37 24.69
N LEU B 347 -29.16 2.29 24.10
CA LEU B 347 -30.60 2.11 23.97
C LEU B 347 -31.31 2.05 25.31
N LEU B 348 -30.72 1.37 26.28
CA LEU B 348 -31.38 1.20 27.57
C LEU B 348 -31.41 2.54 28.30
N PHE B 349 -30.46 3.41 27.96
CA PHE B 349 -30.38 4.75 28.52
C PHE B 349 -31.49 5.56 27.88
N ALA B 350 -31.42 5.63 26.56
CA ALA B 350 -32.45 6.29 25.81
C ALA B 350 -33.82 5.98 26.44
N LYS B 351 -34.21 4.70 26.46
CA LYS B 351 -35.49 4.24 27.03
C LYS B 351 -35.73 4.88 28.40
N LYS B 352 -34.74 4.77 29.28
CA LYS B 352 -34.86 5.27 30.64
C LYS B 352 -35.04 6.77 30.68
N LYS B 353 -34.58 7.45 29.65
CA LYS B 353 -34.74 8.88 29.57
C LYS B 353 -35.96 9.24 28.73
N GLY B 354 -36.76 8.22 28.39
CA GLY B 354 -38.06 8.47 27.78
C GLY B 354 -37.99 8.76 26.29
N VAL B 355 -36.81 8.55 25.70
CA VAL B 355 -36.64 8.70 24.27
C VAL B 355 -37.51 7.66 23.54
N LYS B 356 -38.18 8.07 22.47
CA LYS B 356 -38.97 7.16 21.65
C LYS B 356 -38.67 7.39 20.17
N GLY B 357 -38.86 6.39 19.32
CA GLY B 357 -38.62 6.52 17.89
C GLY B 357 -37.14 6.37 17.58
N VAL B 358 -36.77 6.62 16.33
CA VAL B 358 -35.40 6.52 15.82
C VAL B 358 -34.44 7.43 16.56
N VAL B 359 -33.41 6.84 17.17
CA VAL B 359 -32.38 7.60 17.86
C VAL B 359 -31.38 8.05 16.80
N LYS B 360 -31.73 9.14 16.11
CA LYS B 360 -30.87 9.74 15.06
C LYS B 360 -29.46 9.87 15.59
N GLU B 361 -29.38 10.17 16.88
CA GLU B 361 -28.13 10.55 17.51
C GLU B 361 -27.13 9.41 17.72
N MET B 362 -27.56 8.18 17.45
CA MET B 362 -26.63 7.06 17.39
C MET B 362 -26.05 6.84 15.97
N ALA B 363 -26.18 7.86 15.12
CA ALA B 363 -25.61 7.81 13.78
C ALA B 363 -24.14 7.30 13.75
N PHE B 364 -23.42 7.55 14.84
CA PHE B 364 -22.02 7.22 14.98
C PHE B 364 -21.75 5.73 14.76
N PHE B 365 -22.76 4.90 14.99
CA PHE B 365 -22.59 3.45 14.99
C PHE B 365 -22.79 2.82 13.63
N PHE B 366 -23.40 3.57 12.73
CA PHE B 366 -24.03 2.98 11.57
C PHE B 366 -23.54 3.48 10.21
N LYS B 367 -23.49 2.57 9.24
CA LYS B 367 -23.26 2.88 7.82
C LYS B 367 -24.44 3.55 7.12
N SER B 368 -25.66 3.24 7.57
CA SER B 368 -26.91 3.79 6.98
C SER B 368 -27.71 4.28 8.14
N PRO B 369 -27.19 5.31 8.82
CA PRO B 369 -27.88 5.78 10.02
C PRO B 369 -29.25 6.23 9.58
N MET B 370 -30.27 5.82 10.30
CA MET B 370 -31.65 6.27 10.01
C MET B 370 -31.90 7.77 10.29
N ASP B 371 -32.77 8.37 9.48
CA ASP B 371 -33.29 9.71 9.70
C ASP B 371 -32.26 10.75 10.09
N THR B 372 -31.32 11.00 9.20
CA THR B 372 -30.21 11.90 9.52
C THR B 372 -29.24 12.02 8.37
N ASN B 373 -28.68 13.19 8.18
CA ASN B 373 -27.70 13.41 7.13
C ASN B 373 -26.28 13.53 7.67
N VAL B 374 -26.16 13.52 8.99
CA VAL B 374 -24.86 13.49 9.64
C VAL B 374 -24.12 12.18 9.35
N ILE B 375 -23.17 12.22 8.41
CA ILE B 375 -22.37 11.08 8.08
C ILE B 375 -20.93 11.23 8.60
N ASN B 376 -20.39 12.44 8.53
CA ASN B 376 -19.07 12.81 9.07
C ASN B 376 -18.86 12.25 10.50
N THR B 377 -17.88 11.36 10.65
CA THR B 377 -17.57 10.65 11.90
C THR B 377 -17.32 11.59 13.06
N HIS B 378 -16.56 12.65 12.80
CA HIS B 378 -16.41 13.63 13.83
C HIS B 378 -17.70 14.35 14.22
N GLU B 379 -18.46 14.83 13.22
CA GLU B 379 -19.79 15.39 13.49
C GLU B 379 -20.76 14.42 14.20
N GLN B 380 -20.67 13.14 13.80
CA GLN B 380 -21.41 12.04 14.43
C GLN B 380 -21.09 11.81 15.90
N PHE B 381 -19.81 11.85 16.25
CA PHE B 381 -19.34 11.71 17.66
C PHE B 381 -19.86 12.85 18.50
N VAL B 382 -19.74 14.07 17.99
CA VAL B 382 -20.10 15.26 18.72
C VAL B 382 -21.62 15.19 19.01
N VAL B 383 -22.41 14.74 18.03
CA VAL B 383 -23.86 14.60 18.25
C VAL B 383 -24.17 13.61 19.34
N LEU B 384 -23.49 12.45 19.27
CA LEU B 384 -23.61 11.40 20.29
C LEU B 384 -23.28 11.91 21.68
N LYS B 385 -22.26 12.78 21.77
CA LYS B 385 -21.86 13.36 23.06
C LYS B 385 -22.89 14.36 23.58
N GLU B 386 -23.26 15.36 22.76
CA GLU B 386 -24.24 16.37 23.13
C GLU B 386 -25.62 15.80 23.40
N TRP B 387 -26.03 14.83 22.59
CA TRP B 387 -27.28 14.11 22.82
C TRP B 387 -27.28 13.51 24.20
N TYR B 388 -26.15 12.92 24.55
CA TYR B 388 -26.00 12.30 25.84
C TYR B 388 -25.92 13.36 26.96
N SER B 389 -25.08 14.38 26.77
CA SER B 389 -24.96 15.44 27.76
C SER B 389 -26.32 16.10 28.02
N ASN B 390 -27.12 16.24 26.95
CA ASN B 390 -28.40 16.94 27.02
C ASN B 390 -29.48 16.16 27.72
N LEU B 391 -29.24 14.86 27.90
CA LEU B 391 -30.16 13.98 28.64
C LEU B 391 -29.68 13.58 30.07
N LYS B 392 -28.37 13.73 30.31
CA LYS B 392 -27.66 13.24 31.51
C LYS B 392 -28.25 13.81 32.80
N MET C 1 20.80 -36.60 11.82
CA MET C 1 22.02 -35.77 11.73
C MET C 1 22.00 -34.75 12.84
N LYS C 2 23.17 -34.20 13.17
CA LYS C 2 23.32 -33.20 14.24
C LYS C 2 23.51 -31.76 13.70
N VAL C 3 22.85 -30.79 14.36
CA VAL C 3 23.03 -29.36 14.08
C VAL C 3 23.42 -28.59 15.34
N TRP C 4 24.63 -28.08 15.38
CA TRP C 4 25.06 -27.18 16.42
C TRP C 4 24.68 -25.76 16.07
N LEU C 5 23.82 -25.15 16.89
CA LEU C 5 23.33 -23.80 16.64
C LEU C 5 24.01 -22.76 17.52
N VAL C 6 24.67 -21.83 16.87
CA VAL C 6 25.25 -20.72 17.61
C VAL C 6 24.11 -19.73 17.77
N GLY C 7 23.83 -19.32 19.02
CA GLY C 7 22.69 -18.45 19.35
C GLY C 7 21.38 -19.17 19.54
N ALA C 8 21.44 -20.26 20.31
CA ALA C 8 20.50 -21.38 20.20
C ALA C 8 19.18 -21.19 20.93
N TYR C 9 19.13 -20.17 21.78
CA TYR C 9 17.91 -19.80 22.47
C TYR C 9 17.28 -18.59 21.78
N GLY C 10 17.81 -18.26 20.60
CA GLY C 10 17.15 -17.30 19.71
C GLY C 10 15.83 -17.80 19.13
N ILE C 11 15.01 -16.86 18.64
CA ILE C 11 13.68 -17.21 18.08
C ILE C 11 13.82 -18.03 16.78
N VAL C 12 14.82 -17.71 15.94
CA VAL C 12 15.03 -18.46 14.69
C VAL C 12 15.40 -19.89 15.06
N SER C 13 16.50 -20.02 15.80
CA SER C 13 16.99 -21.29 16.29
C SER C 13 15.90 -22.16 16.94
N THR C 14 15.15 -21.60 17.90
CA THR C 14 14.09 -22.36 18.63
C THR C 14 12.95 -22.78 17.72
N THR C 15 12.52 -21.84 16.88
CA THR C 15 11.50 -22.13 15.90
C THR C 15 12.00 -23.28 15.02
N ALA C 16 13.29 -23.31 14.76
CA ALA C 16 13.81 -24.33 13.92
C ALA C 16 13.64 -25.64 14.65
N MET C 17 14.06 -25.66 15.91
CA MET C 17 14.00 -26.91 16.67
C MET C 17 12.54 -27.37 16.85
N VAL C 18 11.66 -26.44 17.22
CA VAL C 18 10.23 -26.74 17.37
C VAL C 18 9.63 -27.39 16.11
N GLY C 19 9.95 -26.80 14.95
CA GLY C 19 9.49 -27.30 13.68
C GLY C 19 10.12 -28.61 13.26
N ALA C 20 11.42 -28.76 13.50
CA ALA C 20 12.09 -30.04 13.24
C ALA C 20 11.39 -31.15 14.04
N ARG C 21 11.14 -30.89 15.31
CA ARG C 21 10.55 -31.94 16.12
C ARG C 21 9.06 -32.15 15.81
N ALA C 22 8.32 -31.10 15.46
CA ALA C 22 6.92 -31.25 15.11
C ALA C 22 6.76 -32.06 13.83
N ILE C 23 7.56 -31.72 12.82
CA ILE C 23 7.52 -32.45 11.57
C ILE C 23 7.85 -33.93 11.84
N GLU C 24 8.95 -34.17 12.58
CA GLU C 24 9.38 -35.52 12.90
C GLU C 24 8.28 -36.27 13.68
N ARG C 25 7.63 -35.56 14.63
CA ARG C 25 6.52 -36.15 15.41
C ARG C 25 5.24 -36.32 14.59
N GLY C 26 5.34 -36.04 13.29
CA GLY C 26 4.21 -36.04 12.35
C GLY C 26 3.04 -35.09 12.68
N ILE C 27 3.30 -34.00 13.39
CA ILE C 27 2.19 -33.13 13.83
C ILE C 27 2.19 -31.72 13.22
N ALA C 28 3.09 -31.49 12.28
CA ALA C 28 3.11 -30.25 11.52
C ALA C 28 3.58 -30.55 10.11
N PRO C 29 3.06 -29.83 9.08
CA PRO C 29 3.35 -30.03 7.66
C PRO C 29 4.76 -29.61 7.31
N LYS C 30 5.21 -29.91 6.08
CA LYS C 30 6.60 -29.60 5.66
C LYS C 30 6.72 -28.45 4.63
N ILE C 31 5.86 -27.45 4.80
CA ILE C 31 5.87 -26.22 4.03
C ILE C 31 7.13 -25.45 4.40
N GLY C 32 7.71 -24.77 3.41
CA GLY C 32 8.89 -23.92 3.59
C GLY C 32 10.24 -24.59 3.48
N LEU C 33 10.26 -25.90 3.29
CA LEU C 33 11.56 -26.58 3.33
C LEU C 33 12.00 -26.78 1.92
N VAL C 34 12.98 -25.99 1.52
CA VAL C 34 13.51 -26.00 0.15
C VAL C 34 14.05 -27.42 -0.16
N SER C 35 14.54 -28.08 0.89
CA SER C 35 15.12 -29.41 0.73
C SER C 35 14.03 -30.42 0.52
N GLU C 36 12.78 -29.99 0.64
CA GLU C 36 11.63 -30.86 0.43
C GLU C 36 10.97 -30.69 -0.94
N LEU C 37 11.61 -29.94 -1.82
CA LEU C 37 11.04 -29.64 -3.10
C LEU C 37 11.33 -30.78 -4.02
N PRO C 38 10.38 -31.10 -4.93
CA PRO C 38 10.52 -32.26 -5.77
C PRO C 38 11.88 -32.42 -6.44
N HIS C 39 12.45 -31.35 -6.97
CA HIS C 39 13.73 -31.50 -7.62
C HIS C 39 14.80 -32.09 -6.69
N PHE C 40 14.62 -31.92 -5.38
CA PHE C 40 15.63 -32.39 -4.44
C PHE C 40 15.37 -33.80 -3.93
N GLU C 41 14.55 -34.57 -4.65
CA GLU C 41 14.26 -35.93 -4.23
C GLU C 41 15.48 -36.84 -4.28
N GLY C 42 15.67 -37.59 -3.20
CA GLY C 42 16.85 -38.44 -3.08
C GLY C 42 17.85 -37.90 -2.07
N ILE C 43 17.70 -36.63 -1.69
CA ILE C 43 18.55 -35.98 -0.69
C ILE C 43 18.47 -36.72 0.64
N GLU C 44 17.37 -37.48 0.83
CA GLU C 44 17.10 -38.23 2.06
C GLU C 44 18.17 -39.28 2.35
N LYS C 45 18.76 -39.85 1.30
CA LYS C 45 19.75 -40.88 1.55
C LYS C 45 21.13 -40.31 1.94
N TYR C 46 21.25 -38.98 1.94
CA TYR C 46 22.48 -38.34 2.35
C TYR C 46 22.27 -37.41 3.53
N ALA C 47 21.03 -36.96 3.71
CA ALA C 47 20.69 -36.03 4.78
C ALA C 47 19.22 -36.17 5.09
N PRO C 48 18.82 -37.26 5.75
CA PRO C 48 17.40 -37.40 6.04
C PRO C 48 16.91 -36.26 6.91
N PHE C 49 15.62 -36.00 6.86
CA PHE C 49 15.00 -35.04 7.78
C PHE C 49 14.91 -35.64 9.18
N SER C 50 16.07 -35.68 9.85
CA SER C 50 16.18 -36.19 11.21
C SER C 50 17.19 -35.33 11.98
N PHE C 51 16.78 -34.72 13.10
CA PHE C 51 17.62 -33.67 13.69
C PHE C 51 17.89 -33.78 15.20
N GLU C 52 19.15 -33.55 15.57
CA GLU C 52 19.54 -33.37 17.00
C GLU C 52 20.24 -32.06 17.22
N PHE C 53 20.00 -31.45 18.37
CA PHE C 53 20.36 -30.06 18.50
C PHE C 53 21.14 -29.79 19.75
N GLY C 54 22.18 -29.00 19.59
CA GLY C 54 22.90 -28.44 20.71
C GLY C 54 23.40 -27.10 20.21
N GLY C 55 24.08 -26.36 21.07
CA GLY C 55 24.55 -25.05 20.67
C GLY C 55 25.21 -24.23 21.73
N HIS C 56 25.60 -23.03 21.33
CA HIS C 56 26.15 -22.03 22.24
C HIS C 56 25.18 -20.91 22.45
N GLU C 57 25.13 -20.42 23.68
CA GLU C 57 24.39 -19.20 24.03
C GLU C 57 25.17 -18.34 25.03
N ILE C 58 24.72 -17.12 25.20
CA ILE C 58 25.25 -16.27 26.24
C ILE C 58 24.06 -15.82 27.10
N ARG C 59 22.84 -16.13 26.66
CA ARG C 59 21.68 -15.92 27.52
C ARG C 59 21.53 -17.04 28.54
N LEU C 60 21.01 -16.61 29.69
CA LEU C 60 20.83 -17.46 30.85
C LEU C 60 19.43 -17.95 30.90
N LEU C 61 19.13 -19.03 30.17
CA LEU C 61 17.90 -19.79 30.42
C LEU C 61 18.29 -21.25 30.62
N SER C 62 17.35 -22.03 31.17
CA SER C 62 17.57 -23.44 31.54
C SER C 62 17.71 -24.39 30.35
N ASN C 63 16.94 -24.15 29.29
CA ASN C 63 16.91 -25.08 28.19
C ASN C 63 16.17 -24.53 26.97
N ALA C 64 16.22 -25.25 25.86
CA ALA C 64 15.72 -24.69 24.64
C ALA C 64 14.22 -24.48 24.73
N TYR C 65 13.55 -25.26 25.57
CA TYR C 65 12.11 -25.14 25.65
C TYR C 65 11.71 -23.82 26.29
N GLU C 66 12.42 -23.37 27.32
CA GLU C 66 12.08 -22.11 27.96
C GLU C 66 12.34 -20.95 27.04
N ALA C 67 13.37 -21.10 26.21
CA ALA C 67 13.70 -20.12 25.20
C ALA C 67 12.55 -20.03 24.25
N ALA C 68 12.12 -21.21 23.75
CA ALA C 68 11.05 -21.36 22.79
C ALA C 68 9.77 -20.74 23.28
N LYS C 69 9.46 -20.98 24.55
CA LYS C 69 8.21 -20.54 25.15
C LYS C 69 8.29 -19.03 25.33
N GLU C 70 9.45 -18.55 25.77
CA GLU C 70 9.69 -17.12 25.92
C GLU C 70 9.37 -16.37 24.64
N HIS C 71 9.86 -16.87 23.50
CA HIS C 71 9.53 -16.26 22.21
C HIS C 71 8.08 -16.48 21.81
N TRP C 72 7.55 -17.66 22.07
CA TRP C 72 6.18 -17.95 21.73
C TRP C 72 5.17 -17.06 22.48
N GLU C 73 5.47 -16.71 23.73
CA GLU C 73 4.54 -15.91 24.53
C GLU C 73 4.33 -14.57 23.90
N LEU C 74 5.44 -13.88 23.59
CA LEU C 74 5.41 -12.55 22.94
C LEU C 74 4.95 -12.60 21.47
N ASN C 75 5.04 -13.77 20.86
CA ASN C 75 4.90 -13.90 19.42
C ASN C 75 3.79 -14.76 18.89
N ARG C 76 3.37 -15.76 19.65
CA ARG C 76 2.37 -16.78 19.24
C ARG C 76 2.45 -17.19 17.80
N HIS C 77 3.66 -17.46 17.30
CA HIS C 77 3.86 -17.69 15.86
C HIS C 77 3.65 -19.16 15.50
N PHE C 78 3.21 -19.95 16.47
CA PHE C 78 2.72 -21.32 16.20
C PHE C 78 1.77 -21.69 17.31
N ASP C 79 0.90 -22.62 16.96
CA ASP C 79 -0.07 -23.21 17.84
C ASP C 79 0.51 -23.64 19.22
N ARG C 80 -0.25 -23.35 20.29
CA ARG C 80 0.12 -23.77 21.66
C ARG C 80 0.36 -25.28 21.79
N GLU C 81 -0.43 -26.08 21.06
CA GLU C 81 -0.33 -27.53 21.10
C GLU C 81 1.03 -28.01 20.63
N ILE C 82 1.54 -27.45 19.53
CA ILE C 82 2.88 -27.80 19.06
C ILE C 82 3.90 -27.51 20.18
N LEU C 83 3.73 -26.37 20.85
CA LEU C 83 4.64 -26.05 21.93
C LEU C 83 4.64 -27.17 22.96
N GLU C 84 3.46 -27.53 23.46
CA GLU C 84 3.35 -28.56 24.49
C GLU C 84 3.88 -29.94 24.04
N ALA C 85 3.54 -30.32 22.82
CA ALA C 85 3.96 -31.61 22.28
C ALA C 85 5.49 -31.77 22.13
N VAL C 86 6.22 -30.66 22.09
CA VAL C 86 7.66 -30.71 21.84
C VAL C 86 8.44 -30.33 23.11
N LYS C 87 7.70 -30.08 24.18
CA LYS C 87 8.28 -29.61 25.43
C LYS C 87 9.43 -30.53 25.88
N SER C 88 9.13 -31.80 26.13
CA SER C 88 10.13 -32.69 26.70
C SER C 88 11.35 -32.83 25.81
N ASP C 89 11.15 -32.79 24.49
CA ASP C 89 12.26 -32.81 23.56
C ASP C 89 13.17 -31.59 23.70
N LEU C 90 12.63 -30.40 23.62
CA LEU C 90 13.47 -29.21 23.71
C LEU C 90 13.97 -28.95 25.10
N GLU C 91 13.32 -29.52 26.10
CA GLU C 91 13.81 -29.41 27.46
C GLU C 91 15.10 -30.16 27.62
N GLY C 92 15.30 -31.13 26.71
CA GLY C 92 16.50 -31.96 26.67
C GLY C 92 17.63 -31.27 25.97
N ILE C 93 17.35 -30.09 25.42
CA ILE C 93 18.33 -29.33 24.63
C ILE C 93 18.86 -28.16 25.42
N VAL C 94 20.16 -28.24 25.76
CA VAL C 94 20.79 -27.30 26.69
C VAL C 94 22.00 -26.72 26.01
N ALA C 95 22.02 -25.40 25.86
CA ALA C 95 23.15 -24.71 25.27
C ALA C 95 24.30 -24.61 26.24
N ARG C 96 25.46 -24.21 25.73
CA ARG C 96 26.68 -24.12 26.54
C ARG C 96 27.17 -22.70 26.44
N LYS C 97 27.66 -22.17 27.56
CA LYS C 97 28.22 -20.81 27.63
C LYS C 97 29.11 -20.45 26.42
N GLY C 98 28.71 -19.41 25.71
CA GLY C 98 29.46 -18.92 24.55
C GLY C 98 30.28 -17.68 24.82
N THR C 99 30.55 -16.93 23.75
CA THR C 99 31.39 -15.75 23.83
C THR C 99 30.75 -14.55 23.14
N ALA C 100 30.74 -13.41 23.83
CA ALA C 100 30.17 -12.21 23.28
C ALA C 100 31.25 -11.35 22.70
N LEU C 101 32.38 -11.94 22.34
CA LEU C 101 33.57 -11.12 22.07
C LEU C 101 33.38 -10.14 20.94
N ASN C 102 33.53 -8.86 21.25
CA ASN C 102 33.33 -7.75 20.30
C ASN C 102 31.98 -7.76 19.56
N CYS C 103 30.89 -7.81 20.34
CA CYS C 103 29.56 -8.01 19.78
C CYS C 103 28.69 -6.76 19.87
N GLY C 104 29.32 -5.64 20.18
CA GLY C 104 28.63 -4.37 20.18
C GLY C 104 28.02 -4.01 21.51
N SER C 105 27.83 -2.70 21.68
CA SER C 105 27.28 -2.07 22.88
C SER C 105 25.94 -2.65 23.28
N GLY C 106 25.08 -2.88 22.29
CA GLY C 106 23.71 -3.32 22.54
C GLY C 106 23.56 -4.81 22.81
N ILE C 107 24.54 -5.38 23.50
CA ILE C 107 24.41 -6.75 23.98
C ILE C 107 23.73 -6.63 25.32
N LYS C 108 23.69 -5.38 25.81
CA LYS C 108 22.95 -5.01 27.01
C LYS C 108 21.47 -5.35 26.89
N GLU C 109 20.93 -5.29 25.68
CA GLU C 109 19.50 -5.55 25.44
C GLU C 109 19.02 -7.01 25.60
N LEU C 110 19.94 -7.97 25.61
CA LEU C 110 19.58 -9.37 25.89
C LEU C 110 19.48 -9.60 27.40
N GLY C 111 20.22 -8.76 28.13
CA GLY C 111 20.06 -8.56 29.56
C GLY C 111 21.02 -9.34 30.43
N ASP C 112 20.73 -10.62 30.59
CA ASP C 112 21.43 -11.44 31.55
C ASP C 112 22.41 -12.39 30.88
N ILE C 113 23.69 -12.02 30.92
CA ILE C 113 24.66 -12.84 30.25
C ILE C 113 25.82 -13.36 31.09
N LYS C 114 26.20 -14.60 30.81
CA LYS C 114 27.45 -15.17 31.26
C LYS C 114 28.18 -15.59 29.99
N THR C 115 29.46 -15.23 29.88
CA THR C 115 30.27 -15.54 28.69
C THR C 115 31.63 -16.14 29.06
N LEU C 116 32.27 -16.81 28.10
CA LEU C 116 33.64 -17.35 28.28
C LEU C 116 34.73 -16.32 28.57
N GLU C 117 34.72 -15.19 27.84
CA GLU C 117 35.63 -14.08 28.15
C GLU C 117 35.36 -13.57 29.54
N GLY C 118 34.08 -13.39 29.85
CA GLY C 118 33.58 -13.11 31.20
C GLY C 118 34.19 -13.91 32.35
N GLU C 119 34.80 -15.06 32.07
CA GLU C 119 35.52 -15.83 33.09
C GLU C 119 36.95 -15.31 33.29
N GLY C 120 37.37 -14.32 32.50
CA GLY C 120 38.74 -13.84 32.51
C GLY C 120 39.67 -14.74 31.69
N LEU C 121 39.07 -15.57 30.84
CA LEU C 121 39.80 -16.51 29.97
C LEU C 121 40.62 -15.82 28.89
N SER C 122 41.42 -16.62 28.19
CA SER C 122 42.19 -16.18 27.04
C SER C 122 41.56 -16.69 25.72
N LEU C 123 42.07 -16.18 24.59
CA LEU C 123 41.64 -16.63 23.29
C LEU C 123 41.95 -18.10 23.12
N ALA C 124 43.19 -18.48 23.42
CA ALA C 124 43.61 -19.88 23.30
C ALA C 124 42.63 -20.82 24.00
N GLU C 125 42.13 -20.37 25.16
CA GLU C 125 41.25 -21.12 26.06
C GLU C 125 39.84 -21.12 25.59
N MET C 126 39.31 -19.93 25.38
CA MET C 126 37.95 -19.76 24.86
C MET C 126 37.76 -20.72 23.73
N VAL C 127 38.72 -20.68 22.82
CA VAL C 127 38.71 -21.50 21.63
C VAL C 127 38.71 -22.99 21.97
N SER C 128 39.53 -23.40 22.93
CA SER C 128 39.53 -24.82 23.27
C SER C 128 38.21 -25.15 23.95
N ARG C 129 37.65 -24.23 24.74
CA ARG C 129 36.36 -24.50 25.35
C ARG C 129 35.32 -24.62 24.25
N ILE C 130 35.34 -23.68 23.30
CA ILE C 130 34.29 -23.73 22.30
C ILE C 130 34.41 -25.05 21.56
N GLU C 131 35.64 -25.43 21.20
CA GLU C 131 35.87 -26.69 20.50
C GLU C 131 35.42 -27.88 21.28
N GLU C 132 35.85 -27.96 22.55
CA GLU C 132 35.50 -29.13 23.36
C GLU C 132 33.99 -29.29 23.39
N ASP C 133 33.26 -28.20 23.63
CA ASP C 133 31.81 -28.19 23.56
C ASP C 133 31.32 -28.91 22.31
N ILE C 134 31.75 -28.45 21.15
CA ILE C 134 31.31 -29.02 19.89
C ILE C 134 31.82 -30.46 19.69
N LYS C 135 33.12 -30.70 19.89
CA LYS C 135 33.73 -32.01 19.69
C LYS C 135 32.95 -33.05 20.47
N SER C 136 32.51 -32.63 21.65
CA SER C 136 31.60 -33.31 22.57
C SER C 136 30.33 -33.85 21.92
N PHE C 137 29.77 -33.07 21.01
CA PHE C 137 28.45 -33.30 20.44
C PHE C 137 28.55 -33.94 19.05
N ALA C 138 29.67 -33.71 18.39
CA ALA C 138 29.82 -33.99 16.97
C ALA C 138 30.03 -35.45 16.57
N ASP C 139 29.42 -35.85 15.45
CA ASP C 139 29.74 -37.06 14.70
C ASP C 139 30.08 -36.70 13.25
N ASP C 140 29.94 -37.65 12.32
CA ASP C 140 30.22 -37.38 10.91
C ASP C 140 29.09 -36.63 10.25
N GLU C 141 28.06 -36.29 11.00
CA GLU C 141 26.81 -35.79 10.42
C GLU C 141 26.30 -34.54 11.14
N THR C 142 27.26 -33.75 11.61
CA THR C 142 27.05 -32.58 12.42
C THR C 142 27.37 -31.38 11.55
N VAL C 143 26.60 -30.32 11.71
CA VAL C 143 26.87 -29.10 10.99
C VAL C 143 26.84 -28.06 12.09
N VAL C 144 27.59 -26.99 11.93
CA VAL C 144 27.50 -25.86 12.85
C VAL C 144 26.91 -24.71 12.04
N ILE C 145 25.93 -24.01 12.61
CA ILE C 145 25.24 -22.94 11.92
C ILE C 145 25.03 -21.75 12.84
N ASN C 146 25.47 -20.60 12.36
CA ASN C 146 25.42 -19.38 13.14
C ASN C 146 24.12 -18.61 12.92
N VAL C 147 23.35 -18.46 13.99
CA VAL C 147 22.19 -17.58 14.01
C VAL C 147 22.24 -16.63 15.19
N ALA C 148 23.42 -16.30 15.67
CA ALA C 148 23.56 -15.36 16.78
C ALA C 148 23.34 -13.93 16.31
N SER C 149 23.14 -13.05 17.27
CA SER C 149 22.96 -11.63 17.01
C SER C 149 24.05 -11.04 16.12
N THR C 150 23.67 -10.11 15.27
CA THR C 150 24.56 -9.48 14.30
C THR C 150 25.63 -8.64 14.91
N GLU C 151 26.88 -8.98 14.63
CA GLU C 151 28.06 -8.28 15.13
C GLU C 151 28.27 -6.96 14.42
N PRO C 152 28.83 -5.97 15.12
CA PRO C 152 29.31 -4.78 14.44
C PRO C 152 30.39 -5.13 13.42
N LEU C 153 30.68 -4.19 12.53
CA LEU C 153 31.92 -4.28 11.73
C LEU C 153 33.11 -4.59 12.67
N PRO C 154 33.91 -5.63 12.33
CA PRO C 154 35.05 -6.01 13.17
C PRO C 154 36.19 -5.03 13.02
N ASN C 155 37.07 -4.95 14.00
CA ASN C 155 38.27 -4.18 13.80
C ASN C 155 39.03 -4.82 12.67
N TYR C 156 39.57 -4.01 11.75
CA TYR C 156 40.27 -4.54 10.58
C TYR C 156 41.70 -4.89 10.93
N SER C 157 42.19 -5.98 10.34
CA SER C 157 43.58 -6.40 10.50
C SER C 157 43.98 -7.38 9.42
N GLU C 158 44.79 -6.94 8.49
CA GLU C 158 45.25 -7.88 7.51
C GLU C 158 46.23 -8.94 8.11
N GLU C 159 47.00 -8.58 9.13
CA GLU C 159 47.87 -9.58 9.75
C GLU C 159 47.08 -10.79 10.25
N TYR C 160 45.99 -10.51 10.98
CA TYR C 160 45.30 -11.52 11.73
C TYR C 160 44.10 -12.09 10.99
N HIS C 161 43.60 -11.42 9.95
CA HIS C 161 42.50 -12.02 9.19
C HIS C 161 42.95 -12.50 7.82
N GLY C 162 44.18 -12.14 7.46
CA GLY C 162 44.63 -12.33 6.10
C GLY C 162 44.91 -13.78 5.76
N SER C 163 45.25 -14.56 6.79
CA SER C 163 45.77 -15.92 6.58
C SER C 163 45.66 -16.74 7.88
N LEU C 164 45.45 -18.05 7.72
CA LEU C 164 45.42 -18.96 8.86
C LEU C 164 46.50 -18.68 9.89
N GLU C 165 47.76 -18.67 9.43
CA GLU C 165 48.92 -18.35 10.28
C GLU C 165 48.70 -17.09 11.16
N GLY C 166 48.22 -16.00 10.55
CA GLY C 166 47.93 -14.77 11.27
C GLY C 166 46.87 -14.90 12.36
N PHE C 167 45.78 -15.56 12.00
CA PHE C 167 44.67 -15.80 12.93
C PHE C 167 45.15 -16.58 14.11
N GLU C 168 45.91 -17.63 13.83
CA GLU C 168 46.38 -18.52 14.87
C GLU C 168 47.38 -17.85 15.76
N ARG C 169 48.13 -16.90 15.21
CA ARG C 169 49.00 -16.07 16.03
C ARG C 169 48.17 -15.10 16.87
N MET C 170 46.99 -14.72 16.39
CA MET C 170 46.06 -13.84 17.12
C MET C 170 45.56 -14.56 18.38
N ILE C 171 45.06 -15.78 18.16
CA ILE C 171 44.65 -16.64 19.26
C ILE C 171 45.78 -16.77 20.23
N ASP C 172 46.89 -17.40 19.80
CA ASP C 172 48.09 -17.55 20.63
C ASP C 172 48.41 -16.29 21.48
N GLU C 173 48.35 -15.10 20.88
CA GLU C 173 48.71 -13.88 21.59
C GLU C 173 47.67 -13.33 22.55
N ASP C 174 46.43 -13.84 22.44
CA ASP C 174 45.27 -13.28 23.12
C ASP C 174 44.99 -11.83 22.70
N ARG C 175 45.16 -11.55 21.40
CA ARG C 175 44.87 -10.25 20.86
C ARG C 175 43.36 -10.15 20.65
N LYS C 176 42.64 -9.99 21.77
CA LYS C 176 41.18 -10.01 21.81
C LYS C 176 40.56 -8.92 20.98
N GLU C 177 41.25 -7.78 20.92
CA GLU C 177 40.81 -6.62 20.15
C GLU C 177 40.46 -6.95 18.70
N TYR C 178 41.23 -7.83 18.05
CA TYR C 178 40.98 -8.20 16.64
C TYR C 178 40.16 -9.44 16.45
N ALA C 179 39.53 -9.91 17.53
CA ALA C 179 38.77 -11.14 17.45
C ALA C 179 37.29 -10.87 17.66
N SER C 180 36.44 -11.66 17.01
CA SER C 180 35.02 -11.58 17.30
C SER C 180 34.37 -12.96 17.36
N ALA C 181 33.30 -13.03 18.13
CA ALA C 181 32.70 -14.29 18.44
C ALA C 181 32.48 -15.08 17.18
N SER C 182 31.91 -14.44 16.17
CA SER C 182 31.46 -15.21 14.99
C SER C 182 32.64 -15.98 14.36
N MET C 183 33.77 -15.28 14.29
CA MET C 183 35.06 -15.82 13.87
C MET C 183 35.54 -17.02 14.69
N LEU C 184 35.44 -16.92 16.02
CA LEU C 184 35.93 -17.98 16.89
C LEU C 184 35.07 -19.19 16.73
N TYR C 185 33.76 -18.99 16.64
CA TYR C 185 32.87 -20.14 16.45
C TYR C 185 33.17 -20.77 15.09
N ALA C 186 33.22 -19.93 14.07
CA ALA C 186 33.62 -20.38 12.74
C ALA C 186 34.94 -21.18 12.83
N TYR C 187 35.99 -20.57 13.39
CA TYR C 187 37.29 -21.24 13.45
C TYR C 187 37.15 -22.62 14.09
N ALA C 188 36.38 -22.69 15.19
CA ALA C 188 36.25 -23.91 16.00
C ALA C 188 35.60 -24.98 15.19
N ALA C 189 34.53 -24.63 14.50
CA ALA C 189 33.80 -25.55 13.64
C ALA C 189 34.69 -26.15 12.55
N LEU C 190 35.45 -25.29 11.88
CA LEU C 190 36.38 -25.75 10.83
C LEU C 190 37.59 -26.49 11.40
N LYS C 191 38.02 -26.12 12.60
CA LYS C 191 39.19 -26.83 13.15
C LYS C 191 38.87 -28.26 13.56
N LEU C 192 37.58 -28.54 13.78
CA LEU C 192 37.07 -29.89 14.05
C LEU C 192 36.56 -30.55 12.77
N GLY C 193 36.68 -29.85 11.65
CA GLY C 193 36.35 -30.45 10.36
C GLY C 193 34.86 -30.66 10.15
N LEU C 194 34.05 -29.82 10.79
CA LEU C 194 32.62 -29.85 10.60
C LEU C 194 32.17 -28.78 9.61
N PRO C 195 31.18 -29.10 8.75
CA PRO C 195 30.71 -28.03 7.87
C PRO C 195 30.19 -26.82 8.65
N TYR C 196 30.28 -25.63 8.08
CA TYR C 196 29.83 -24.41 8.75
C TYR C 196 28.98 -23.44 7.89
N ALA C 197 27.87 -22.95 8.44
CA ALA C 197 27.10 -21.92 7.75
C ALA C 197 26.73 -20.71 8.58
N ASN C 198 26.71 -19.57 7.90
CA ASN C 198 26.60 -18.28 8.56
C ASN C 198 25.31 -17.56 8.14
N PHE C 199 24.29 -17.69 8.98
CA PHE C 199 23.00 -17.11 8.67
C PHE C 199 22.90 -15.62 8.95
N THR C 200 24.02 -14.99 9.28
CA THR C 200 24.02 -13.61 9.80
C THR C 200 24.96 -12.77 8.98
N PRO C 201 24.92 -11.43 9.12
CA PRO C 201 25.91 -10.58 8.44
C PRO C 201 27.25 -10.46 9.16
N SER C 202 27.35 -10.97 10.37
CA SER C 202 28.66 -11.06 11.06
C SER C 202 29.66 -11.73 10.11
N PRO C 203 30.94 -11.35 10.18
CA PRO C 203 31.98 -11.87 9.27
C PRO C 203 32.03 -13.37 9.24
N GLY C 204 31.97 -13.99 10.42
CA GLY C 204 31.90 -15.46 10.56
C GLY C 204 33.07 -16.09 9.87
N SER C 205 32.82 -16.92 8.86
CA SER C 205 33.90 -17.68 8.24
C SER C 205 34.38 -17.00 6.98
N ALA C 206 33.92 -15.79 6.75
CA ALA C 206 34.11 -15.17 5.45
C ALA C 206 35.44 -14.46 5.35
N ILE C 207 36.09 -14.19 6.48
CA ILE C 207 37.43 -13.61 6.50
C ILE C 207 38.35 -14.58 5.74
N PRO C 208 39.40 -14.07 5.08
CA PRO C 208 40.30 -14.94 4.28
C PRO C 208 41.00 -16.04 5.08
N ALA C 209 41.36 -15.72 6.33
CA ALA C 209 42.02 -16.68 7.17
C ALA C 209 41.20 -17.97 7.27
N LEU C 210 39.87 -17.85 7.44
CA LEU C 210 39.00 -19.02 7.63
C LEU C 210 38.54 -19.72 6.37
N LYS C 211 38.50 -19.01 5.24
CA LYS C 211 38.32 -19.65 3.94
C LYS C 211 39.47 -20.58 3.63
N GLU C 212 40.69 -20.13 3.99
CA GLU C 212 41.92 -20.91 3.82
C GLU C 212 41.89 -22.18 4.69
N LEU C 213 41.58 -22.00 5.98
CA LEU C 213 41.34 -23.10 6.91
C LEU C 213 40.36 -24.15 6.32
N ALA C 214 39.22 -23.69 5.80
CA ALA C 214 38.24 -24.57 5.16
C ALA C 214 38.84 -25.32 3.97
N GLU C 215 39.57 -24.60 3.13
CA GLU C 215 40.17 -25.19 1.96
C GLU C 215 41.13 -26.29 2.38
N LYS C 216 42.02 -25.94 3.30
CA LYS C 216 43.12 -26.80 3.70
C LYS C 216 42.61 -28.03 4.46
N LYS C 217 41.62 -27.83 5.34
CA LYS C 217 40.93 -28.92 6.07
C LYS C 217 39.94 -29.69 5.19
N GLY C 218 39.64 -29.18 4.00
CA GLY C 218 38.65 -29.78 3.07
C GLY C 218 37.18 -29.85 3.50
N VAL C 219 36.73 -28.82 4.21
CA VAL C 219 35.36 -28.69 4.68
C VAL C 219 34.53 -27.66 3.87
N PRO C 220 33.27 -28.02 3.52
CA PRO C 220 32.32 -27.10 2.89
C PRO C 220 31.77 -26.06 3.87
N HIS C 221 31.66 -24.82 3.42
CA HIS C 221 30.95 -23.83 4.22
C HIS C 221 30.16 -22.90 3.34
N ALA C 222 29.25 -22.15 3.96
CA ALA C 222 28.31 -21.28 3.23
C ALA C 222 27.78 -20.10 4.04
N GLY C 223 27.27 -19.10 3.32
CA GLY C 223 26.74 -17.87 3.91
C GLY C 223 26.86 -16.72 2.95
N ASN C 224 26.66 -15.47 3.38
CA ASN C 224 26.28 -15.06 4.73
C ASN C 224 24.96 -14.37 4.70
N ASP C 225 24.29 -14.34 5.86
CA ASP C 225 23.09 -13.56 6.11
C ASP C 225 21.91 -14.12 5.36
N GLY C 226 21.05 -14.86 6.08
CA GLY C 226 19.90 -15.54 5.45
C GLY C 226 18.99 -14.53 4.79
N LYS C 227 18.51 -14.86 3.58
CA LYS C 227 17.68 -13.96 2.77
C LYS C 227 16.25 -14.43 2.88
N THR C 228 15.48 -13.84 3.80
CA THR C 228 14.19 -14.41 4.24
C THR C 228 12.92 -13.66 3.81
N GLY C 229 12.97 -12.33 3.78
CA GLY C 229 11.73 -11.61 3.52
C GLY C 229 11.75 -10.64 2.37
N GLU C 230 11.94 -9.39 2.75
CA GLU C 230 11.94 -8.29 1.84
C GLU C 230 13.06 -8.42 0.79
N THR C 231 14.29 -8.73 1.25
CA THR C 231 15.38 -8.98 0.30
C THR C 231 15.11 -10.12 -0.71
N LEU C 232 14.26 -11.08 -0.33
CA LEU C 232 13.89 -12.14 -1.27
C LEU C 232 13.01 -11.52 -2.34
N VAL C 233 12.14 -10.62 -1.91
CA VAL C 233 11.25 -9.95 -2.84
C VAL C 233 12.08 -9.06 -3.75
N LYS C 234 13.05 -8.35 -3.18
CA LYS C 234 13.93 -7.47 -3.97
C LYS C 234 14.77 -8.21 -5.03
N THR C 235 15.37 -9.35 -4.66
CA THR C 235 16.17 -10.11 -5.64
C THR C 235 15.28 -10.92 -6.62
N THR C 236 13.98 -10.97 -6.37
CA THR C 236 13.08 -11.66 -7.26
C THR C 236 12.46 -10.67 -8.21
N LEU C 237 12.16 -9.48 -7.68
CA LEU C 237 11.45 -8.43 -8.44
C LEU C 237 12.34 -7.46 -9.26
N ALA C 238 13.47 -7.05 -8.71
CA ALA C 238 14.42 -6.21 -9.45
C ALA C 238 14.75 -6.68 -10.88
N PRO C 239 15.04 -7.99 -11.08
CA PRO C 239 15.29 -8.50 -12.42
C PRO C 239 14.18 -8.21 -13.47
N MET C 240 12.93 -8.05 -13.06
CA MET C 240 11.89 -7.65 -13.98
C MET C 240 12.24 -6.36 -14.74
N PHE C 241 12.63 -5.33 -13.98
CA PHE C 241 13.07 -4.09 -14.56
C PHE C 241 14.25 -4.33 -15.50
N ALA C 242 15.15 -5.22 -15.11
CA ALA C 242 16.24 -5.56 -16.00
C ALA C 242 15.72 -6.16 -17.32
N TYR C 243 14.82 -7.14 -17.22
CA TYR C 243 14.35 -7.82 -18.41
C TYR C 243 13.66 -6.90 -19.40
N ARG C 244 12.99 -5.86 -18.90
CA ARG C 244 12.23 -4.90 -19.76
C ARG C 244 13.00 -3.61 -20.01
N ASN C 245 14.32 -3.70 -19.85
CA ASN C 245 15.22 -2.60 -20.09
C ASN C 245 14.65 -1.32 -19.54
N MET C 246 14.19 -1.40 -18.29
CA MET C 246 13.70 -0.21 -17.58
C MET C 246 14.75 0.27 -16.61
N GLU C 247 14.76 1.57 -16.38
CA GLU C 247 15.78 2.14 -15.54
C GLU C 247 15.15 2.55 -14.22
N VAL C 248 15.58 1.89 -13.16
CA VAL C 248 15.18 2.21 -11.81
C VAL C 248 15.90 3.47 -11.40
N VAL C 249 15.15 4.48 -11.01
CA VAL C 249 15.81 5.69 -10.56
C VAL C 249 15.89 5.74 -9.05
N GLY C 250 15.06 4.96 -8.37
CA GLY C 250 15.08 4.94 -6.91
C GLY C 250 14.52 3.66 -6.34
N TRP C 251 15.22 3.10 -5.36
CA TRP C 251 14.65 1.99 -4.60
C TRP C 251 14.65 2.28 -3.13
N MET C 252 13.49 2.16 -2.51
CA MET C 252 13.38 2.38 -1.09
C MET C 252 12.92 1.15 -0.32
N SER C 253 13.72 0.78 0.68
CA SER C 253 13.34 -0.22 1.67
C SER C 253 13.41 0.28 3.11
N TYR C 254 12.24 0.40 3.71
CA TYR C 254 12.10 0.75 5.09
C TYR C 254 11.41 -0.40 5.78
N ALA C 255 12.03 -0.95 6.81
CA ALA C 255 11.38 -2.02 7.56
C ALA C 255 11.35 -1.71 9.04
N ILE C 256 10.21 -1.98 9.69
CA ILE C 256 10.11 -1.84 11.14
C ILE C 256 9.97 -3.22 11.81
N LEU C 257 10.51 -3.38 13.02
CA LEU C 257 10.39 -4.63 13.76
C LEU C 257 10.69 -4.38 15.24
N GLY C 258 10.21 -5.29 16.10
CA GLY C 258 10.44 -5.17 17.52
C GLY C 258 11.43 -6.21 17.91
N ASP C 259 11.15 -6.89 19.03
CA ASP C 259 11.95 -8.03 19.55
C ASP C 259 13.47 -7.73 19.60
N TYR C 260 14.25 -8.68 20.10
CA TYR C 260 15.67 -8.45 20.39
C TYR C 260 16.44 -7.72 19.26
N ASP C 261 16.43 -8.34 18.07
CA ASP C 261 17.07 -7.80 16.85
C ASP C 261 16.56 -6.40 16.45
N GLY C 262 15.47 -5.95 17.08
CA GLY C 262 14.92 -4.62 16.83
C GLY C 262 15.77 -3.48 17.37
N LYS C 263 15.80 -3.34 18.69
CA LYS C 263 16.47 -2.20 19.34
C LYS C 263 17.91 -2.02 18.90
N VAL C 264 18.66 -3.11 19.00
CA VAL C 264 20.11 -3.14 18.75
C VAL C 264 20.44 -2.66 17.35
N LEU C 265 19.88 -3.36 16.36
CA LEU C 265 20.16 -3.06 14.96
C LEU C 265 19.75 -1.64 14.56
N SER C 266 18.74 -1.06 15.22
CA SER C 266 18.20 0.27 14.82
C SER C 266 19.14 1.45 15.01
N ALA C 267 19.95 1.40 16.07
CA ALA C 267 20.70 2.55 16.59
C ALA C 267 21.77 3.12 15.64
N ARG C 268 23.02 2.71 15.84
CA ARG C 268 24.13 3.06 14.96
C ARG C 268 25.00 1.81 14.84
N ASP C 269 25.44 1.32 16.02
CA ASP C 269 26.45 0.24 16.22
C ASP C 269 26.34 -1.00 15.30
N ASN C 270 25.12 -1.47 15.05
CA ASN C 270 24.90 -2.68 14.24
C ASN C 270 23.98 -2.44 13.00
N LYS C 271 23.58 -1.17 12.82
CA LYS C 271 22.74 -0.74 11.68
C LYS C 271 23.59 -0.51 10.43
N GLU C 272 24.90 -0.39 10.63
CA GLU C 272 25.86 -0.22 9.54
C GLU C 272 26.20 -1.56 8.80
N SER C 273 25.59 -2.66 9.28
CA SER C 273 25.76 -4.05 8.74
C SER C 273 24.66 -4.54 7.73
N LYS C 274 23.58 -3.77 7.56
CA LYS C 274 22.59 -4.00 6.47
C LYS C 274 22.06 -2.68 5.82
N VAL C 275 23.00 -1.79 5.46
CA VAL C 275 22.76 -0.57 4.64
C VAL C 275 23.62 -0.65 3.35
N LEU C 276 24.90 -1.01 3.53
CA LEU C 276 25.85 -1.29 2.45
C LEU C 276 25.41 -2.52 1.63
N SER C 277 24.46 -3.27 2.19
CA SER C 277 23.72 -4.37 1.55
C SER C 277 22.36 -3.87 0.99
N LYS C 278 22.33 -3.48 -0.31
CA LYS C 278 21.11 -3.22 -1.17
C LYS C 278 21.19 -2.22 -2.36
N ASP C 279 22.38 -1.76 -2.71
CA ASP C 279 22.62 -1.01 -3.96
C ASP C 279 23.75 -1.63 -4.80
N LYS C 280 24.69 -2.27 -4.09
CA LYS C 280 25.65 -3.25 -4.63
C LYS C 280 24.88 -4.55 -4.95
N VAL C 281 23.91 -4.86 -4.09
CA VAL C 281 22.87 -5.86 -4.33
C VAL C 281 22.07 -5.56 -5.58
N LEU C 282 21.65 -4.32 -5.74
CA LEU C 282 20.92 -3.96 -6.95
C LEU C 282 21.83 -3.93 -8.19
N GLU C 283 23.01 -3.35 -8.01
CA GLU C 283 24.01 -3.26 -9.08
C GLU C 283 24.28 -4.62 -9.73
N LYS C 284 24.07 -5.68 -8.97
CA LYS C 284 24.45 -7.01 -9.40
C LYS C 284 23.32 -7.72 -10.15
N MET C 285 22.16 -7.07 -10.21
CA MET C 285 21.05 -7.48 -11.07
C MET C 285 20.72 -6.38 -12.11
N LEU C 286 20.69 -5.12 -11.70
CA LEU C 286 20.36 -4.09 -12.67
C LEU C 286 21.57 -3.89 -13.61
N GLY C 287 22.78 -4.09 -13.10
CA GLY C 287 23.98 -3.83 -13.86
C GLY C 287 24.41 -2.40 -13.65
N TYR C 288 23.55 -1.62 -12.98
CA TYR C 288 23.91 -0.27 -12.54
C TYR C 288 23.38 -0.15 -11.13
N SER C 289 23.70 0.93 -10.46
CA SER C 289 23.31 1.02 -9.08
C SER C 289 22.58 2.32 -8.75
N PRO C 290 21.22 2.28 -8.73
CA PRO C 290 20.29 3.42 -8.53
C PRO C 290 20.30 3.98 -7.12
N TYR C 291 19.82 5.20 -6.94
CA TYR C 291 19.62 5.69 -5.58
C TYR C 291 18.85 4.67 -4.77
N SER C 292 19.48 4.19 -3.72
CA SER C 292 18.87 3.09 -3.00
C SER C 292 19.00 3.36 -1.54
N ILE C 293 17.92 3.68 -0.86
CA ILE C 293 18.00 3.79 0.60
C ILE C 293 17.49 2.52 1.19
N THR C 294 18.14 2.10 2.28
CA THR C 294 17.86 0.83 2.98
C THR C 294 17.89 1.08 4.49
N GLU C 295 16.80 0.78 5.19
CA GLU C 295 16.69 1.19 6.58
C GLU C 295 15.80 0.30 7.39
N ILE C 296 16.17 0.11 8.65
CA ILE C 296 15.37 -0.71 9.58
C ILE C 296 15.15 0.13 10.79
N GLN C 297 14.01 0.00 11.44
CA GLN C 297 13.75 0.85 12.61
C GLN C 297 12.94 0.13 13.67
N TYR C 298 13.35 0.33 14.92
CA TYR C 298 12.64 -0.17 16.09
C TYR C 298 11.18 0.25 16.16
N PHE C 299 10.36 -0.68 16.63
CA PHE C 299 8.92 -0.56 16.62
C PHE C 299 8.42 -1.71 17.47
N PRO C 300 8.32 -1.47 18.78
CA PRO C 300 8.15 -2.49 19.78
C PRO C 300 7.00 -3.43 19.51
N SER C 301 5.85 -2.87 19.14
CA SER C 301 4.62 -3.61 19.24
C SER C 301 4.58 -4.66 18.18
N LEU C 302 5.45 -4.55 17.18
CA LEU C 302 5.52 -5.51 16.08
C LEU C 302 6.25 -6.83 16.43
N VAL C 303 7.06 -6.79 17.48
CA VAL C 303 7.75 -7.98 17.96
C VAL C 303 8.55 -8.64 16.79
N ASP C 304 8.42 -9.95 16.58
CA ASP C 304 9.15 -10.59 15.49
C ASP C 304 8.51 -10.40 14.11
N ASN C 305 7.38 -9.67 14.06
CA ASN C 305 6.55 -9.46 12.86
C ASN C 305 7.10 -8.31 12.00
N LYS C 306 8.28 -8.55 11.42
CA LYS C 306 8.92 -7.65 10.42
C LYS C 306 8.00 -7.19 9.29
N THR C 307 7.72 -5.91 9.29
CA THR C 307 6.95 -5.29 8.23
C THR C 307 7.89 -4.39 7.41
N ALA C 308 7.96 -4.62 6.10
CA ALA C 308 8.78 -3.78 5.25
C ALA C 308 7.92 -3.05 4.25
N PHE C 309 8.41 -1.88 3.87
CA PHE C 309 7.80 -1.01 2.86
C PHE C 309 8.81 -0.74 1.79
N ASP C 310 8.37 -0.89 0.55
CA ASP C 310 9.23 -0.68 -0.60
C ASP C 310 8.52 0.12 -1.65
N PHE C 311 9.27 1.06 -2.21
CA PHE C 311 8.81 1.95 -3.25
C PHE C 311 9.88 1.87 -4.28
N VAL C 312 9.50 1.57 -5.52
CA VAL C 312 10.48 1.55 -6.60
C VAL C 312 10.04 2.58 -7.61
N HIS C 313 10.96 3.45 -7.97
CA HIS C 313 10.70 4.50 -8.93
C HIS C 313 11.55 4.14 -10.15
N PHE C 314 10.91 4.02 -11.33
CA PHE C 314 11.57 3.61 -12.56
C PHE C 314 11.02 4.33 -13.78
N LYS C 315 11.92 4.62 -14.72
CA LYS C 315 11.60 5.15 -16.07
C LYS C 315 11.37 4.02 -17.04
N GLY C 316 10.37 4.19 -17.88
CA GLY C 316 10.17 3.30 -19.03
C GLY C 316 10.27 4.10 -20.31
N PHE C 317 9.67 3.54 -21.36
CA PHE C 317 9.69 4.15 -22.68
C PHE C 317 9.51 5.66 -22.58
N LEU C 318 10.33 6.38 -23.32
CA LEU C 318 10.26 7.84 -23.44
C LEU C 318 10.65 8.60 -22.16
N GLY C 319 11.26 7.92 -21.20
CA GLY C 319 11.72 8.64 -20.03
C GLY C 319 10.64 8.82 -19.00
N LYS C 320 9.57 8.05 -19.14
CA LYS C 320 8.42 8.27 -18.33
C LYS C 320 8.46 7.51 -17.00
N LEU C 321 8.41 8.28 -15.91
CA LEU C 321 8.42 7.74 -14.57
C LEU C 321 7.11 7.05 -14.18
N MET C 322 7.26 5.99 -13.38
CA MET C 322 6.15 5.12 -12.87
C MET C 322 6.53 4.59 -11.50
N LYS C 323 5.55 4.04 -10.78
CA LYS C 323 5.78 3.69 -9.40
C LYS C 323 5.26 2.31 -9.08
N PHE C 324 6.00 1.63 -8.19
CA PHE C 324 5.61 0.31 -7.73
C PHE C 324 5.85 0.25 -6.22
N TYR C 325 4.83 -0.17 -5.46
CA TYR C 325 4.85 -0.28 -3.96
C TYR C 325 4.60 -1.70 -3.56
N PHE C 326 5.32 -2.20 -2.55
CA PHE C 326 4.92 -3.46 -1.91
C PHE C 326 5.08 -3.41 -0.38
N ILE C 327 4.33 -4.27 0.31
CA ILE C 327 4.36 -4.34 1.76
C ILE C 327 4.45 -5.82 2.11
N TRP C 328 5.45 -6.16 2.92
CA TRP C 328 5.73 -7.52 3.31
C TRP C 328 5.44 -7.66 4.77
N ASP C 329 4.57 -8.61 5.08
CA ASP C 329 3.99 -8.73 6.41
C ASP C 329 4.18 -10.15 6.80
N ALA C 330 5.24 -10.40 7.54
CA ALA C 330 5.59 -11.77 7.88
C ALA C 330 6.21 -11.80 9.23
N ILE C 331 6.16 -12.99 9.83
CA ILE C 331 6.87 -13.32 11.06
C ILE C 331 8.22 -13.92 10.73
N ASP C 332 9.26 -13.26 11.21
CA ASP C 332 10.59 -13.49 10.69
C ASP C 332 11.12 -14.91 11.00
N ALA C 333 11.08 -15.34 12.27
CA ALA C 333 11.43 -16.73 12.56
C ALA C 333 10.73 -17.72 11.62
N ILE C 334 9.56 -17.37 11.09
CA ILE C 334 8.81 -18.28 10.22
C ILE C 334 9.41 -18.47 8.78
N VAL C 335 9.78 -17.35 8.17
CA VAL C 335 10.49 -17.40 6.90
C VAL C 335 11.91 -17.91 7.16
N ALA C 336 12.52 -17.54 8.29
CA ALA C 336 13.91 -17.99 8.58
C ALA C 336 14.12 -19.47 8.98
N ALA C 337 13.36 -19.94 9.96
CA ALA C 337 13.60 -21.27 10.53
C ALA C 337 13.78 -22.43 9.53
N PRO C 338 12.90 -22.57 8.51
CA PRO C 338 13.10 -23.74 7.67
C PRO C 338 14.43 -23.73 6.93
N LEU C 339 14.92 -22.53 6.65
CA LEU C 339 16.15 -22.38 5.87
C LEU C 339 17.34 -22.90 6.63
N ILE C 340 17.26 -22.84 7.95
CA ILE C 340 18.27 -23.45 8.85
C ILE C 340 18.32 -24.96 8.67
N LEU C 341 17.19 -25.59 8.57
CA LEU C 341 17.20 -27.03 8.40
C LEU C 341 17.58 -27.41 6.98
N ASP C 342 17.14 -26.59 6.00
CA ASP C 342 17.64 -26.70 4.62
C ASP C 342 19.17 -26.49 4.52
N ILE C 343 19.68 -25.46 5.18
CA ILE C 343 21.12 -25.22 5.05
C ILE C 343 21.91 -26.42 5.59
N ALA C 344 21.44 -26.90 6.76
CA ALA C 344 21.93 -28.15 7.39
C ALA C 344 22.04 -29.29 6.38
N ARG C 345 20.91 -29.76 5.90
CA ARG C 345 20.89 -30.94 5.04
C ARG C 345 21.77 -30.77 3.83
N PHE C 346 21.74 -29.56 3.26
CA PHE C 346 22.45 -29.30 2.00
C PHE C 346 23.94 -29.31 2.26
N LEU C 347 24.33 -28.88 3.47
CA LEU C 347 25.73 -28.92 3.88
C LEU C 347 26.21 -30.33 4.14
N LEU C 348 25.38 -31.14 4.79
CA LEU C 348 25.72 -32.55 4.97
C LEU C 348 25.86 -33.26 3.62
N PHE C 349 25.02 -32.87 2.66
CA PHE C 349 25.07 -33.40 1.30
C PHE C 349 26.38 -33.02 0.64
N ALA C 350 26.73 -31.72 0.67
CA ALA C 350 28.00 -31.26 0.11
C ALA C 350 29.18 -32.01 0.69
N LYS C 351 29.25 -32.09 2.02
CA LYS C 351 30.28 -32.84 2.72
C LYS C 351 30.36 -34.28 2.21
N LYS C 352 29.21 -34.93 2.07
CA LYS C 352 29.19 -36.31 1.64
C LYS C 352 29.65 -36.47 0.21
N LYS C 353 29.46 -35.43 -0.58
CA LYS C 353 29.78 -35.48 -1.99
C LYS C 353 31.15 -34.93 -2.25
N GLY C 354 31.92 -34.70 -1.19
CA GLY C 354 33.31 -34.24 -1.33
C GLY C 354 33.58 -32.75 -1.59
N VAL C 355 32.52 -31.94 -1.58
CA VAL C 355 32.65 -30.48 -1.66
C VAL C 355 33.51 -29.96 -0.49
N LYS C 356 34.34 -28.96 -0.78
CA LYS C 356 35.20 -28.29 0.19
C LYS C 356 35.22 -26.79 -0.15
N GLY C 357 35.48 -25.97 0.86
CA GLY C 357 35.51 -24.51 0.73
C GLY C 357 34.12 -23.91 0.66
N VAL C 358 34.01 -22.71 0.12
CA VAL C 358 32.71 -22.07 -0.05
C VAL C 358 31.87 -22.89 -1.00
N VAL C 359 30.59 -23.06 -0.68
CA VAL C 359 29.67 -23.66 -1.64
C VAL C 359 28.94 -22.49 -2.28
N LYS C 360 29.42 -21.98 -3.41
CA LYS C 360 28.83 -20.75 -3.98
C LYS C 360 27.36 -21.01 -4.25
N GLU C 361 27.09 -22.27 -4.56
CA GLU C 361 25.83 -22.68 -5.15
C GLU C 361 24.67 -22.69 -4.18
N MET C 362 24.94 -22.29 -2.93
CA MET C 362 23.92 -22.12 -1.90
C MET C 362 23.61 -20.62 -1.71
N ALA C 363 23.88 -19.80 -2.73
CA ALA C 363 23.57 -18.38 -2.75
C ALA C 363 22.08 -18.10 -2.52
N PHE C 364 21.23 -18.88 -3.18
CA PHE C 364 19.80 -18.84 -3.00
C PHE C 364 19.33 -18.54 -1.55
N PHE C 365 20.11 -18.94 -0.53
CA PHE C 365 19.67 -18.71 0.87
C PHE C 365 20.14 -17.38 1.45
N PHE C 366 21.05 -16.70 0.76
CA PHE C 366 21.82 -15.64 1.45
C PHE C 366 21.74 -14.23 0.85
N LYS C 367 21.78 -13.23 1.71
CA LYS C 367 21.76 -11.83 1.31
C LYS C 367 23.12 -11.35 0.86
N SER C 368 24.18 -11.95 1.41
CA SER C 368 25.58 -11.64 1.06
C SER C 368 26.36 -12.92 0.77
N PRO C 369 26.08 -13.50 -0.38
CA PRO C 369 26.57 -14.84 -0.66
C PRO C 369 28.03 -14.80 -1.05
N MET C 370 28.82 -15.71 -0.53
CA MET C 370 30.22 -15.55 -0.67
C MET C 370 30.55 -16.03 -2.06
N ASP C 371 31.59 -15.46 -2.68
CA ASP C 371 32.18 -16.04 -3.87
C ASP C 371 31.22 -16.21 -5.01
N THR C 372 30.16 -15.41 -5.05
CA THR C 372 29.29 -15.41 -6.21
C THR C 372 28.81 -14.00 -6.50
N ASN C 373 28.61 -13.71 -7.78
CA ASN C 373 27.97 -12.47 -8.18
C ASN C 373 26.52 -12.70 -8.54
N VAL C 374 26.11 -13.97 -8.55
CA VAL C 374 24.76 -14.41 -8.87
C VAL C 374 23.80 -14.09 -7.74
N ILE C 375 22.95 -13.09 -7.96
CA ILE C 375 22.04 -12.59 -6.93
C ILE C 375 20.50 -12.72 -7.24
N ASN C 376 20.16 -12.50 -8.52
CA ASN C 376 18.87 -12.90 -9.12
C ASN C 376 18.30 -14.19 -8.50
N THR C 377 17.15 -14.05 -7.81
CA THR C 377 16.49 -15.18 -7.17
C THR C 377 16.32 -16.36 -8.15
N HIS C 378 16.01 -16.07 -9.41
CA HIS C 378 15.81 -17.18 -10.33
C HIS C 378 17.13 -17.82 -10.75
N GLU C 379 18.12 -17.00 -11.04
CA GLU C 379 19.42 -17.54 -11.43
C GLU C 379 20.04 -18.33 -10.27
N GLN C 380 19.82 -17.88 -9.03
CA GLN C 380 20.32 -18.57 -7.84
C GLN C 380 19.59 -19.86 -7.61
N PHE C 381 18.30 -19.90 -7.93
CA PHE C 381 17.58 -21.12 -7.76
C PHE C 381 17.98 -22.23 -8.76
N VAL C 382 18.05 -21.86 -10.03
CA VAL C 382 18.57 -22.76 -11.08
C VAL C 382 19.98 -23.26 -10.71
N VAL C 383 20.80 -22.37 -10.14
CA VAL C 383 22.16 -22.72 -9.79
C VAL C 383 22.14 -23.73 -8.65
N LEU C 384 21.24 -23.58 -7.67
CA LEU C 384 21.16 -24.54 -6.56
C LEU C 384 20.80 -25.94 -7.08
N LYS C 385 19.89 -25.95 -8.04
CA LYS C 385 19.33 -27.18 -8.55
C LYS C 385 20.38 -27.94 -9.33
N GLU C 386 21.09 -27.20 -10.18
CA GLU C 386 22.08 -27.76 -11.07
C GLU C 386 23.25 -28.34 -10.31
N TRP C 387 23.70 -27.60 -9.31
CA TRP C 387 24.69 -28.04 -8.36
C TRP C 387 24.28 -29.40 -7.83
N TYR C 388 23.10 -29.46 -7.23
CA TYR C 388 22.53 -30.70 -6.72
C TYR C 388 22.50 -31.82 -7.75
N SER C 389 21.98 -31.54 -8.95
CA SER C 389 21.91 -32.54 -10.01
C SER C 389 23.29 -32.99 -10.47
N ASN C 390 24.28 -32.11 -10.39
CA ASN C 390 25.65 -32.43 -10.83
C ASN C 390 26.51 -33.20 -9.85
N LEU C 391 26.06 -33.34 -8.62
CA LEU C 391 26.77 -34.12 -7.61
C LEU C 391 25.97 -35.33 -7.18
N LYS C 392 24.65 -35.19 -7.24
CA LYS C 392 23.69 -36.21 -6.86
C LYS C 392 24.19 -37.61 -7.24
N MET D 1 12.44 -0.49 -41.58
CA MET D 1 11.42 -1.54 -41.79
C MET D 1 10.03 -0.94 -41.71
N LYS D 2 9.04 -1.74 -42.08
CA LYS D 2 7.69 -1.23 -42.12
C LYS D 2 6.82 -1.93 -41.06
N VAL D 3 6.07 -1.13 -40.30
CA VAL D 3 5.06 -1.69 -39.42
C VAL D 3 3.62 -1.27 -39.82
N TRP D 4 2.75 -2.27 -40.02
CA TRP D 4 1.33 -2.02 -40.27
C TRP D 4 0.62 -2.36 -38.98
N LEU D 5 -0.12 -1.39 -38.47
CA LEU D 5 -0.75 -1.50 -37.17
C LEU D 5 -2.29 -1.57 -37.27
N VAL D 6 -2.86 -2.69 -36.84
CA VAL D 6 -4.30 -2.73 -36.73
C VAL D 6 -4.76 -1.95 -35.51
N GLY D 7 -5.69 -1.01 -35.74
CA GLY D 7 -6.11 -0.06 -34.71
C GLY D 7 -5.06 1.04 -34.54
N ALA D 8 -4.69 1.66 -35.65
CA ALA D 8 -3.50 2.52 -35.71
C ALA D 8 -3.59 3.84 -34.95
N TYR D 9 -4.80 4.23 -34.53
CA TYR D 9 -5.00 5.55 -33.90
C TYR D 9 -5.16 5.48 -32.38
N GLY D 10 -4.89 4.30 -31.83
CA GLY D 10 -5.07 4.09 -30.41
C GLY D 10 -3.87 4.58 -29.66
N ILE D 11 -4.01 4.63 -28.35
CA ILE D 11 -2.91 5.08 -27.53
C ILE D 11 -1.66 4.21 -27.66
N VAL D 12 -1.76 2.88 -27.57
CA VAL D 12 -0.55 2.06 -27.64
C VAL D 12 0.14 2.33 -28.97
N SER D 13 -0.59 2.11 -30.07
CA SER D 13 -0.14 2.37 -31.46
C SER D 13 0.56 3.70 -31.67
N THR D 14 -0.10 4.81 -31.36
CA THR D 14 0.53 6.12 -31.56
C THR D 14 1.69 6.38 -30.64
N THR D 15 1.67 5.84 -29.42
CA THR D 15 2.80 6.08 -28.51
C THR D 15 3.98 5.38 -29.14
N ALA D 16 3.77 4.14 -29.62
CA ALA D 16 4.84 3.44 -30.32
C ALA D 16 5.40 4.24 -31.53
N MET D 17 4.50 4.81 -32.33
CA MET D 17 4.88 5.65 -33.45
C MET D 17 5.62 6.87 -32.94
N VAL D 18 4.99 7.68 -32.05
CA VAL D 18 5.67 8.88 -31.52
C VAL D 18 7.08 8.57 -31.09
N GLY D 19 7.18 7.57 -30.22
CA GLY D 19 8.41 6.95 -29.74
C GLY D 19 9.38 6.49 -30.78
N ALA D 20 8.95 5.73 -31.79
CA ALA D 20 9.90 5.32 -32.86
C ALA D 20 10.63 6.52 -33.49
N ARG D 21 9.83 7.53 -33.83
CA ARG D 21 10.31 8.73 -34.49
C ARG D 21 11.21 9.53 -33.57
N ALA D 22 10.77 9.78 -32.33
CA ALA D 22 11.59 10.57 -31.42
C ALA D 22 12.99 9.97 -31.22
N ILE D 23 13.05 8.64 -31.22
CA ILE D 23 14.29 7.93 -30.99
C ILE D 23 15.15 8.03 -32.24
N GLU D 24 14.54 7.83 -33.39
CA GLU D 24 15.22 7.98 -34.65
C GLU D 24 15.70 9.40 -34.90
N ARG D 25 14.93 10.42 -34.50
CA ARG D 25 15.40 11.81 -34.59
C ARG D 25 16.38 12.09 -33.44
N GLY D 26 16.65 11.07 -32.64
CA GLY D 26 17.62 11.08 -31.54
C GLY D 26 17.34 12.13 -30.50
N ILE D 27 16.10 12.21 -30.02
CA ILE D 27 15.78 13.15 -28.95
C ILE D 27 15.06 12.45 -27.81
N ALA D 28 15.03 11.13 -27.90
CA ALA D 28 14.48 10.26 -26.86
C ALA D 28 15.45 9.13 -26.64
N PRO D 29 15.54 8.60 -25.41
CA PRO D 29 16.40 7.45 -25.17
C PRO D 29 15.79 6.11 -25.60
N LYS D 30 16.62 5.07 -25.62
CA LYS D 30 16.22 3.70 -25.99
C LYS D 30 15.80 2.85 -24.80
N ILE D 31 15.47 3.51 -23.70
CA ILE D 31 14.93 2.85 -22.52
C ILE D 31 13.56 2.30 -22.88
N GLY D 32 13.27 1.12 -22.35
CA GLY D 32 12.01 0.46 -22.53
C GLY D 32 12.08 -0.63 -23.58
N LEU D 33 13.12 -0.61 -24.41
CA LEU D 33 13.26 -1.52 -25.55
C LEU D 33 13.98 -2.81 -25.22
N VAL D 34 13.26 -3.94 -25.30
CA VAL D 34 13.89 -5.23 -25.03
C VAL D 34 14.94 -5.54 -26.13
N SER D 35 14.63 -5.20 -27.37
CA SER D 35 15.54 -5.48 -28.48
C SER D 35 16.84 -4.70 -28.35
N GLU D 36 16.85 -3.68 -27.49
CA GLU D 36 17.99 -2.80 -27.33
C GLU D 36 18.84 -3.19 -26.15
N LEU D 37 18.58 -4.38 -25.61
CA LEU D 37 19.45 -4.92 -24.57
C LEU D 37 20.76 -5.40 -25.15
N PRO D 38 21.83 -5.33 -24.34
CA PRO D 38 23.12 -5.88 -24.70
C PRO D 38 23.04 -7.29 -25.29
N HIS D 39 22.19 -8.14 -24.74
CA HIS D 39 22.19 -9.51 -25.22
C HIS D 39 21.71 -9.58 -26.64
N PHE D 40 21.04 -8.54 -27.12
CA PHE D 40 20.50 -8.61 -28.48
C PHE D 40 21.26 -7.65 -29.39
N GLU D 41 22.50 -7.32 -28.98
CA GLU D 41 23.45 -6.65 -29.88
C GLU D 41 23.57 -7.62 -31.03
N GLY D 42 23.31 -7.14 -32.25
CA GLY D 42 23.44 -7.95 -33.43
C GLY D 42 22.17 -7.86 -34.23
N ILE D 43 21.04 -7.69 -33.55
CA ILE D 43 19.75 -7.71 -34.21
C ILE D 43 19.60 -6.55 -35.20
N GLU D 44 20.25 -5.43 -34.95
CA GLU D 44 20.21 -4.34 -35.94
C GLU D 44 20.80 -4.75 -37.29
N LYS D 45 21.54 -5.86 -37.31
CA LYS D 45 21.97 -6.47 -38.55
C LYS D 45 20.73 -6.83 -39.33
N TYR D 46 19.80 -7.54 -38.69
CA TYR D 46 18.64 -8.10 -39.37
C TYR D 46 17.36 -7.24 -39.35
N ALA D 47 17.34 -6.23 -38.48
CA ALA D 47 16.18 -5.36 -38.33
C ALA D 47 16.61 -4.10 -37.62
N PRO D 48 17.29 -3.19 -38.36
CA PRO D 48 17.81 -1.94 -37.77
C PRO D 48 16.72 -1.23 -36.95
N PHE D 49 17.07 -0.34 -36.03
CA PHE D 49 16.00 0.47 -35.44
C PHE D 49 15.51 1.55 -36.42
N SER D 50 14.61 1.15 -37.35
CA SER D 50 14.03 2.09 -38.31
C SER D 50 12.60 1.74 -38.75
N PHE D 51 11.67 2.68 -38.58
CA PHE D 51 10.24 2.40 -38.73
C PHE D 51 9.45 3.33 -39.65
N GLU D 52 8.65 2.71 -40.51
CA GLU D 52 7.66 3.37 -41.34
C GLU D 52 6.35 2.76 -40.94
N PHE D 53 5.38 3.59 -40.59
CA PHE D 53 4.08 3.07 -40.15
C PHE D 53 2.96 3.39 -41.12
N GLY D 54 1.97 2.52 -41.07
CA GLY D 54 0.61 2.77 -41.56
C GLY D 54 -0.24 1.79 -40.77
N GLY D 55 -1.50 1.68 -41.12
CA GLY D 55 -2.35 0.76 -40.39
C GLY D 55 -3.80 0.95 -40.75
N HIS D 56 -4.63 0.15 -40.09
CA HIS D 56 -6.09 0.18 -40.27
C HIS D 56 -6.73 0.83 -39.06
N GLU D 57 -7.83 1.53 -39.31
CA GLU D 57 -8.69 2.11 -38.26
C GLU D 57 -10.16 2.11 -38.65
N ILE D 58 -11.03 2.18 -37.64
CA ILE D 58 -12.42 2.46 -37.90
C ILE D 58 -12.77 3.85 -37.42
N ARG D 59 -11.90 4.41 -36.59
CA ARG D 59 -12.18 5.73 -36.08
C ARG D 59 -11.87 6.83 -37.07
N LEU D 60 -12.72 7.87 -36.99
CA LEU D 60 -12.70 9.03 -37.89
C LEU D 60 -11.78 10.15 -37.42
N LEU D 61 -10.48 9.93 -37.58
CA LEU D 61 -9.46 10.94 -37.23
C LEU D 61 -8.60 11.19 -38.48
N SER D 62 -7.86 12.29 -38.51
CA SER D 62 -7.31 12.76 -39.76
C SER D 62 -6.01 12.09 -40.16
N ASN D 63 -5.18 11.84 -39.15
CA ASN D 63 -3.89 11.19 -39.29
C ASN D 63 -3.34 10.79 -37.90
N ALA D 64 -2.19 10.11 -37.88
CA ALA D 64 -1.63 9.67 -36.60
C ALA D 64 -1.45 10.84 -35.60
N TYR D 65 -1.06 12.02 -36.08
CA TYR D 65 -0.70 13.11 -35.17
C TYR D 65 -1.93 13.55 -34.41
N GLU D 66 -3.00 13.83 -35.13
CA GLU D 66 -4.29 14.16 -34.51
C GLU D 66 -4.66 13.11 -33.45
N ALA D 67 -4.53 11.82 -33.82
CA ALA D 67 -4.75 10.72 -32.87
C ALA D 67 -3.83 10.84 -31.65
N ALA D 68 -2.55 11.08 -31.88
CA ALA D 68 -1.58 11.08 -30.78
C ALA D 68 -1.80 12.26 -29.86
N LYS D 69 -2.23 13.38 -30.42
CA LYS D 69 -2.52 14.57 -29.64
C LYS D 69 -3.72 14.35 -28.73
N GLU D 70 -4.73 13.67 -29.25
CA GLU D 70 -5.93 13.44 -28.47
C GLU D 70 -5.59 12.62 -27.22
N HIS D 71 -4.79 11.58 -27.39
CA HIS D 71 -4.38 10.69 -26.32
C HIS D 71 -3.46 11.46 -25.40
N TRP D 72 -2.54 12.21 -25.99
CA TRP D 72 -1.67 13.04 -25.19
C TRP D 72 -2.45 14.10 -24.41
N GLU D 73 -3.55 14.63 -24.95
CA GLU D 73 -4.25 15.66 -24.20
C GLU D 73 -4.79 15.13 -22.86
N LEU D 74 -5.34 13.94 -22.88
CA LEU D 74 -5.92 13.35 -21.69
C LEU D 74 -4.94 12.64 -20.77
N ASN D 75 -3.68 12.39 -21.18
CA ASN D 75 -2.76 11.58 -20.37
C ASN D 75 -1.41 12.15 -20.11
N ARG D 76 -1.04 13.14 -20.90
CA ARG D 76 0.30 13.71 -20.83
C ARG D 76 1.30 12.63 -20.49
N HIS D 77 1.23 11.51 -21.19
CA HIS D 77 2.15 10.44 -20.85
C HIS D 77 3.57 10.68 -21.35
N PHE D 78 3.82 11.81 -21.99
CA PHE D 78 5.19 12.16 -22.37
C PHE D 78 5.31 13.65 -22.66
N ASP D 79 6.53 14.15 -22.57
CA ASP D 79 6.81 15.57 -22.83
C ASP D 79 6.12 16.14 -24.11
N ARG D 80 5.35 17.23 -23.92
CA ARG D 80 4.76 18.02 -25.01
C ARG D 80 5.84 18.25 -26.08
N GLU D 81 6.98 18.76 -25.64
CA GLU D 81 8.22 18.85 -26.41
C GLU D 81 8.35 17.76 -27.51
N ILE D 82 8.24 16.50 -27.10
CA ILE D 82 8.39 15.29 -27.95
C ILE D 82 7.31 15.23 -29.04
N LEU D 83 6.08 15.53 -28.65
CA LEU D 83 4.96 15.47 -29.57
C LEU D 83 5.14 16.48 -30.72
N GLU D 84 5.43 17.75 -30.37
CA GLU D 84 5.67 18.83 -31.33
C GLU D 84 6.81 18.52 -32.34
N ALA D 85 7.91 17.99 -31.82
CA ALA D 85 9.02 17.48 -32.63
C ALA D 85 8.68 16.36 -33.66
N VAL D 86 7.62 15.58 -33.45
CA VAL D 86 7.30 14.48 -34.36
C VAL D 86 5.98 14.76 -35.09
N LYS D 87 5.39 15.90 -34.74
CA LYS D 87 4.13 16.38 -35.34
C LYS D 87 4.12 16.11 -36.84
N SER D 88 5.13 16.59 -37.57
CA SER D 88 5.22 16.36 -39.01
C SER D 88 5.26 14.86 -39.42
N ASP D 89 6.18 14.08 -38.86
CA ASP D 89 6.28 12.66 -39.23
C ASP D 89 4.90 11.97 -39.09
N LEU D 90 4.29 12.17 -37.93
CA LEU D 90 3.04 11.50 -37.53
C LEU D 90 1.90 12.04 -38.29
N GLU D 91 2.08 13.22 -38.85
CA GLU D 91 1.04 13.81 -39.62
C GLU D 91 0.93 13.18 -41.00
N GLY D 92 2.04 12.66 -41.52
CA GLY D 92 2.06 11.99 -42.81
C GLY D 92 1.67 10.54 -42.73
N ILE D 93 1.25 10.09 -41.55
CA ILE D 93 0.79 8.74 -41.40
C ILE D 93 -0.74 8.72 -41.27
N VAL D 94 -1.37 8.23 -42.31
CA VAL D 94 -2.82 8.24 -42.44
C VAL D 94 -3.28 6.80 -42.52
N ALA D 95 -4.17 6.41 -41.62
CA ALA D 95 -4.70 5.05 -41.61
C ALA D 95 -5.76 4.79 -42.71
N ARG D 96 -5.85 3.54 -43.14
CA ARG D 96 -6.86 3.14 -44.10
C ARG D 96 -8.12 2.55 -43.41
N LYS D 97 -9.30 2.69 -44.03
CA LYS D 97 -10.55 2.27 -43.43
C LYS D 97 -10.61 0.79 -43.11
N GLY D 98 -10.90 0.49 -41.85
CA GLY D 98 -10.87 -0.91 -41.39
C GLY D 98 -12.23 -1.57 -41.40
N THR D 99 -12.30 -2.70 -40.71
CA THR D 99 -13.56 -3.42 -40.53
C THR D 99 -13.76 -3.61 -39.03
N ALA D 100 -15.00 -3.52 -38.55
CA ALA D 100 -15.28 -3.77 -37.11
C ALA D 100 -16.19 -4.96 -36.94
N LEU D 101 -16.22 -5.83 -37.93
CA LEU D 101 -17.09 -6.97 -37.91
C LEU D 101 -17.02 -7.74 -36.58
N ASN D 102 -18.18 -7.98 -35.96
CA ASN D 102 -18.28 -8.76 -34.71
C ASN D 102 -17.41 -8.24 -33.57
N CYS D 103 -17.42 -6.92 -33.40
CA CYS D 103 -16.60 -6.26 -32.38
C CYS D 103 -17.41 -5.85 -31.16
N GLY D 104 -18.71 -6.07 -31.22
CA GLY D 104 -19.51 -6.12 -30.01
C GLY D 104 -20.26 -4.85 -29.78
N SER D 105 -20.99 -4.82 -28.65
CA SER D 105 -21.74 -3.66 -28.19
C SER D 105 -20.85 -2.42 -28.08
N GLY D 106 -19.65 -2.62 -27.54
CA GLY D 106 -18.85 -1.50 -27.02
C GLY D 106 -18.26 -0.59 -28.06
N ILE D 107 -18.43 -0.95 -29.33
CA ILE D 107 -17.83 -0.19 -30.44
C ILE D 107 -18.43 1.23 -30.55
N LYS D 108 -19.67 1.41 -30.08
CA LYS D 108 -20.24 2.77 -30.00
C LYS D 108 -19.22 3.71 -29.39
N GLU D 109 -18.60 3.24 -28.30
CA GLU D 109 -17.87 4.09 -27.38
C GLU D 109 -16.60 4.74 -27.97
N LEU D 110 -16.19 4.24 -29.13
CA LEU D 110 -15.13 4.90 -29.90
C LEU D 110 -15.55 6.22 -30.55
N GLY D 111 -16.79 6.65 -30.37
CA GLY D 111 -17.26 7.82 -31.07
C GLY D 111 -17.61 7.44 -32.50
N ASP D 112 -17.35 8.36 -33.43
CA ASP D 112 -17.71 8.22 -34.84
C ASP D 112 -16.84 7.17 -35.54
N ILE D 113 -17.47 6.19 -36.18
CA ILE D 113 -16.72 5.17 -36.92
C ILE D 113 -17.14 5.03 -38.38
N LYS D 114 -16.24 4.48 -39.18
CA LYS D 114 -16.49 4.16 -40.60
C LYS D 114 -15.90 2.79 -40.96
N THR D 115 -16.71 1.90 -41.52
CA THR D 115 -16.26 0.54 -41.73
C THR D 115 -16.44 0.11 -43.18
N LEU D 116 -15.76 -0.98 -43.55
CA LEU D 116 -15.87 -1.57 -44.87
C LEU D 116 -17.21 -2.31 -45.04
N GLU D 117 -17.67 -2.97 -43.97
CA GLU D 117 -19.04 -3.49 -43.93
C GLU D 117 -20.07 -2.34 -44.03
N GLY D 118 -19.71 -1.17 -43.50
CA GLY D 118 -20.55 0.03 -43.59
C GLY D 118 -20.80 0.54 -44.99
N GLU D 119 -19.90 0.21 -45.92
CA GLU D 119 -20.05 0.51 -47.32
C GLU D 119 -20.88 -0.54 -48.04
N GLY D 120 -21.22 -1.61 -47.33
CA GLY D 120 -22.04 -2.64 -47.88
C GLY D 120 -21.25 -3.55 -48.80
N LEU D 121 -20.14 -4.07 -48.33
CA LEU D 121 -19.33 -4.94 -49.16
C LEU D 121 -19.52 -6.40 -48.77
N SER D 122 -19.15 -7.31 -49.66
CA SER D 122 -19.13 -8.71 -49.27
C SER D 122 -17.88 -8.98 -48.39
N LEU D 123 -17.89 -10.07 -47.63
CA LEU D 123 -16.64 -10.51 -46.97
C LEU D 123 -15.47 -10.54 -47.92
N ALA D 124 -15.65 -11.13 -49.09
CA ALA D 124 -14.58 -11.21 -50.08
C ALA D 124 -14.03 -9.83 -50.43
N GLU D 125 -14.95 -8.87 -50.54
CA GLU D 125 -14.61 -7.53 -50.95
C GLU D 125 -13.82 -6.83 -49.88
N MET D 126 -14.21 -7.07 -48.62
CA MET D 126 -13.60 -6.45 -47.49
C MET D 126 -12.24 -7.05 -47.31
N VAL D 127 -12.16 -8.38 -47.43
CA VAL D 127 -10.89 -9.06 -47.19
C VAL D 127 -9.97 -8.47 -48.21
N SER D 128 -10.52 -8.41 -49.42
CA SER D 128 -9.81 -7.96 -50.59
C SER D 128 -9.24 -6.55 -50.45
N ARG D 129 -10.03 -5.61 -49.89
CA ARG D 129 -9.56 -4.24 -49.62
C ARG D 129 -8.40 -4.23 -48.62
N ILE D 130 -8.66 -4.71 -47.40
CA ILE D 130 -7.62 -4.88 -46.38
C ILE D 130 -6.32 -5.42 -46.94
N GLU D 131 -6.41 -6.46 -47.76
CA GLU D 131 -5.26 -7.01 -48.48
C GLU D 131 -4.55 -5.99 -49.38
N GLU D 132 -5.34 -5.33 -50.23
CA GLU D 132 -4.84 -4.29 -51.15
C GLU D 132 -4.07 -3.23 -50.37
N ASP D 133 -4.74 -2.73 -49.32
CA ASP D 133 -4.23 -1.71 -48.45
C ASP D 133 -2.85 -2.02 -47.96
N ILE D 134 -2.68 -3.20 -47.41
CA ILE D 134 -1.40 -3.60 -46.88
C ILE D 134 -0.41 -3.85 -48.00
N LYS D 135 -0.83 -4.46 -49.11
CA LYS D 135 0.13 -4.89 -50.13
C LYS D 135 0.80 -3.73 -50.83
N SER D 136 0.02 -2.70 -51.10
CA SER D 136 0.52 -1.47 -51.68
C SER D 136 1.51 -0.81 -50.73
N PHE D 137 1.38 -1.13 -49.45
CA PHE D 137 2.25 -0.61 -48.43
C PHE D 137 3.46 -1.51 -48.24
N ALA D 138 3.26 -2.82 -48.32
CA ALA D 138 4.26 -3.80 -47.83
C ALA D 138 5.49 -3.85 -48.69
N ASP D 139 6.66 -3.93 -48.06
CA ASP D 139 7.93 -4.31 -48.70
C ASP D 139 8.36 -5.64 -48.11
N ASP D 140 9.61 -6.02 -48.29
CA ASP D 140 10.08 -7.32 -47.82
C ASP D 140 10.52 -7.26 -46.35
N GLU D 141 10.33 -6.08 -45.73
CA GLU D 141 10.66 -5.88 -44.32
C GLU D 141 9.44 -5.39 -43.50
N THR D 142 8.28 -5.93 -43.86
CA THR D 142 7.01 -5.52 -43.27
C THR D 142 6.44 -6.54 -42.29
N VAL D 143 5.93 -6.06 -41.17
CA VAL D 143 5.28 -6.89 -40.18
C VAL D 143 3.92 -6.29 -39.87
N VAL D 144 2.96 -7.15 -39.55
CA VAL D 144 1.63 -6.66 -39.21
C VAL D 144 1.35 -6.94 -37.75
N ILE D 145 0.87 -5.95 -36.99
CA ILE D 145 0.58 -6.12 -35.55
C ILE D 145 -0.77 -5.55 -35.10
N ASN D 146 -1.56 -6.38 -34.42
CA ASN D 146 -2.84 -5.95 -33.98
C ASN D 146 -2.77 -5.30 -32.60
N VAL D 147 -3.33 -4.10 -32.50
CA VAL D 147 -3.40 -3.40 -31.22
C VAL D 147 -4.76 -2.74 -31.08
N ALA D 148 -5.77 -3.36 -31.67
CA ALA D 148 -7.11 -2.76 -31.69
C ALA D 148 -7.87 -3.25 -30.48
N SER D 149 -8.92 -2.51 -30.12
CA SER D 149 -9.81 -2.93 -29.06
C SER D 149 -10.08 -4.45 -29.03
N THR D 150 -9.90 -5.02 -27.83
CA THR D 150 -10.28 -6.39 -27.48
C THR D 150 -11.68 -6.66 -28.00
N GLU D 151 -11.83 -7.74 -28.77
CA GLU D 151 -13.14 -8.19 -29.29
C GLU D 151 -13.82 -9.00 -28.22
N PRO D 152 -15.09 -9.31 -28.38
CA PRO D 152 -15.62 -10.30 -27.42
C PRO D 152 -15.04 -11.70 -27.68
N LEU D 153 -15.52 -12.71 -26.97
CA LEU D 153 -15.13 -14.08 -27.27
C LEU D 153 -15.91 -14.59 -28.45
N PRO D 154 -15.20 -15.07 -29.50
CA PRO D 154 -15.82 -15.26 -30.82
C PRO D 154 -16.98 -16.27 -30.88
N ASN D 155 -17.79 -16.09 -31.92
CA ASN D 155 -18.86 -17.01 -32.31
C ASN D 155 -18.16 -18.27 -32.91
N TYR D 156 -17.56 -19.12 -32.06
CA TYR D 156 -16.67 -20.22 -32.58
C TYR D 156 -17.33 -21.39 -33.35
N SER D 157 -16.90 -21.54 -34.61
CA SER D 157 -17.43 -22.52 -35.53
C SER D 157 -16.34 -23.48 -35.88
N GLU D 158 -16.61 -24.77 -35.69
CA GLU D 158 -15.71 -25.83 -36.14
C GLU D 158 -15.50 -25.76 -37.66
N GLU D 159 -16.59 -25.61 -38.42
CA GLU D 159 -16.51 -25.57 -39.87
C GLU D 159 -15.61 -24.45 -40.35
N TYR D 160 -15.89 -23.23 -39.90
CA TYR D 160 -15.27 -22.05 -40.50
C TYR D 160 -13.94 -21.63 -39.87
N HIS D 161 -13.69 -22.09 -38.66
CA HIS D 161 -12.46 -21.73 -37.98
C HIS D 161 -11.52 -22.92 -37.77
N GLY D 162 -12.04 -24.12 -38.00
CA GLY D 162 -11.27 -25.34 -37.78
C GLY D 162 -10.22 -25.65 -38.83
N SER D 163 -10.40 -25.12 -40.04
CA SER D 163 -9.47 -25.31 -41.13
C SER D 163 -9.38 -24.09 -42.04
N LEU D 164 -8.21 -23.95 -42.67
CA LEU D 164 -8.00 -22.93 -43.70
C LEU D 164 -9.01 -23.04 -44.83
N GLU D 165 -9.23 -24.27 -45.32
CA GLU D 165 -10.29 -24.52 -46.32
C GLU D 165 -11.63 -23.87 -45.87
N GLY D 166 -12.02 -24.17 -44.63
CA GLY D 166 -13.28 -23.72 -44.05
C GLY D 166 -13.40 -22.23 -43.92
N PHE D 167 -12.32 -21.60 -43.45
CA PHE D 167 -12.21 -20.15 -43.30
C PHE D 167 -12.42 -19.37 -44.60
N GLU D 168 -11.96 -19.94 -45.70
CA GLU D 168 -12.00 -19.29 -46.98
C GLU D 168 -13.39 -19.45 -47.54
N ARG D 169 -14.04 -20.57 -47.22
CA ARG D 169 -15.40 -20.75 -47.65
C ARG D 169 -16.29 -19.70 -46.94
N MET D 170 -15.95 -19.39 -45.69
CA MET D 170 -16.58 -18.31 -44.93
C MET D 170 -16.47 -16.92 -45.59
N ILE D 171 -15.26 -16.62 -46.10
CA ILE D 171 -15.02 -15.40 -46.86
C ILE D 171 -15.87 -15.42 -48.14
N ASP D 172 -15.67 -16.47 -48.95
CA ASP D 172 -16.31 -16.59 -50.26
C ASP D 172 -17.83 -16.62 -50.18
N GLU D 173 -18.36 -17.18 -49.09
CA GLU D 173 -19.80 -17.29 -48.93
C GLU D 173 -20.41 -16.06 -48.28
N ASP D 174 -19.54 -15.09 -47.95
CA ASP D 174 -19.94 -13.80 -47.36
C ASP D 174 -20.61 -14.03 -45.98
N ARG D 175 -20.11 -15.04 -45.25
CA ARG D 175 -20.75 -15.44 -43.98
C ARG D 175 -20.22 -14.64 -42.78
N LYS D 176 -20.64 -13.38 -42.70
CA LYS D 176 -20.08 -12.39 -41.75
C LYS D 176 -20.27 -12.75 -40.31
N GLU D 177 -21.38 -13.36 -39.96
CA GLU D 177 -21.64 -13.73 -38.55
C GLU D 177 -20.50 -14.54 -37.94
N TYR D 178 -19.72 -15.19 -38.78
CA TYR D 178 -18.68 -16.07 -38.29
C TYR D 178 -17.31 -15.41 -38.20
N ALA D 179 -17.18 -14.24 -38.80
CA ALA D 179 -15.87 -13.62 -38.86
C ALA D 179 -15.80 -12.58 -37.78
N SER D 180 -14.63 -12.41 -37.21
CA SER D 180 -14.35 -11.27 -36.39
C SER D 180 -13.17 -10.53 -37.05
N ALA D 181 -13.21 -9.20 -36.97
CA ALA D 181 -12.21 -8.33 -37.58
C ALA D 181 -10.81 -8.90 -37.39
N SER D 182 -10.40 -9.16 -36.16
CA SER D 182 -9.09 -9.69 -35.90
C SER D 182 -8.70 -10.90 -36.76
N MET D 183 -9.62 -11.83 -36.96
CA MET D 183 -9.38 -12.93 -37.93
C MET D 183 -9.05 -12.42 -39.32
N LEU D 184 -9.88 -11.53 -39.84
CA LEU D 184 -9.70 -10.98 -41.20
C LEU D 184 -8.34 -10.32 -41.38
N TYR D 185 -8.01 -9.38 -40.51
CA TYR D 185 -6.68 -8.77 -40.53
C TYR D 185 -5.53 -9.78 -40.58
N ALA D 186 -5.52 -10.71 -39.62
CA ALA D 186 -4.51 -11.77 -39.52
C ALA D 186 -4.49 -12.66 -40.74
N TYR D 187 -5.65 -13.04 -41.21
CA TYR D 187 -5.69 -13.78 -42.44
C TYR D 187 -4.94 -12.99 -43.50
N ALA D 188 -5.27 -11.71 -43.66
CA ALA D 188 -4.66 -10.88 -44.73
C ALA D 188 -3.17 -10.84 -44.59
N ALA D 189 -2.70 -10.60 -43.38
CA ALA D 189 -1.26 -10.58 -43.11
C ALA D 189 -0.57 -11.87 -43.55
N LEU D 190 -0.96 -13.00 -42.97
CA LEU D 190 -0.43 -14.31 -43.35
C LEU D 190 -0.65 -14.60 -44.81
N LYS D 191 -1.82 -14.20 -45.30
CA LYS D 191 -2.11 -14.36 -46.72
C LYS D 191 -1.06 -13.72 -47.65
N LEU D 192 -0.66 -12.47 -47.38
CA LEU D 192 0.42 -11.80 -48.13
C LEU D 192 1.84 -12.13 -47.69
N GLY D 193 2.02 -13.18 -46.92
CA GLY D 193 3.39 -13.60 -46.51
C GLY D 193 4.03 -12.82 -45.38
N LEU D 194 3.23 -12.01 -44.68
CA LEU D 194 3.76 -11.05 -43.70
C LEU D 194 3.66 -11.55 -42.26
N PRO D 195 4.78 -11.52 -41.48
CA PRO D 195 4.74 -11.87 -40.05
C PRO D 195 3.69 -11.07 -39.31
N TYR D 196 3.04 -11.72 -38.37
CA TYR D 196 1.88 -11.12 -37.72
C TYR D 196 1.98 -11.29 -36.21
N ALA D 197 1.63 -10.25 -35.48
CA ALA D 197 1.55 -10.40 -34.07
C ALA D 197 0.23 -9.89 -33.53
N ASN D 198 -0.28 -10.61 -32.55
CA ASN D 198 -1.48 -10.25 -31.84
C ASN D 198 -1.15 -9.76 -30.42
N PHE D 199 -1.33 -8.47 -30.19
CA PHE D 199 -0.98 -7.89 -28.91
C PHE D 199 -2.18 -7.86 -27.99
N THR D 200 -3.29 -8.37 -28.48
CA THR D 200 -4.53 -8.27 -27.77
C THR D 200 -4.97 -9.67 -27.38
N PRO D 201 -6.06 -9.80 -26.61
CA PRO D 201 -6.72 -11.07 -26.35
C PRO D 201 -7.74 -11.48 -27.42
N SER D 202 -7.97 -10.67 -28.45
CA SER D 202 -8.85 -11.05 -29.58
C SER D 202 -8.29 -12.31 -30.24
N PRO D 203 -9.15 -13.12 -30.89
CA PRO D 203 -8.65 -14.37 -31.53
C PRO D 203 -7.52 -14.20 -32.55
N GLY D 204 -7.58 -13.17 -33.40
CA GLY D 204 -6.51 -12.93 -34.38
C GLY D 204 -6.11 -14.20 -35.09
N SER D 205 -4.81 -14.48 -35.15
CA SER D 205 -4.31 -15.69 -35.80
C SER D 205 -4.33 -16.96 -34.95
N ALA D 206 -4.97 -16.92 -33.77
CA ALA D 206 -5.00 -18.08 -32.83
C ALA D 206 -5.86 -19.25 -33.28
N ILE D 207 -6.85 -19.01 -34.13
CA ILE D 207 -7.73 -20.11 -34.59
C ILE D 207 -6.94 -21.12 -35.44
N PRO D 208 -7.37 -22.40 -35.44
CA PRO D 208 -6.53 -23.39 -36.16
C PRO D 208 -6.36 -23.09 -37.66
N ALA D 209 -7.37 -22.48 -38.29
CA ALA D 209 -7.32 -22.11 -39.74
C ALA D 209 -6.20 -21.14 -40.07
N LEU D 210 -5.96 -20.20 -39.17
CA LEU D 210 -4.88 -19.26 -39.42
C LEU D 210 -3.50 -19.81 -39.02
N LYS D 211 -3.45 -20.75 -38.08
CA LYS D 211 -2.22 -21.45 -37.77
C LYS D 211 -1.84 -22.35 -38.92
N GLU D 212 -2.83 -23.06 -39.48
CA GLU D 212 -2.63 -23.82 -40.69
C GLU D 212 -2.01 -22.96 -41.80
N LEU D 213 -2.69 -21.87 -42.12
CA LEU D 213 -2.23 -20.91 -43.14
C LEU D 213 -0.83 -20.36 -42.86
N ALA D 214 -0.58 -20.00 -41.61
CA ALA D 214 0.75 -19.57 -41.19
C ALA D 214 1.80 -20.65 -41.53
N GLU D 215 1.51 -21.90 -41.18
CA GLU D 215 2.45 -22.99 -41.44
C GLU D 215 2.69 -23.17 -42.91
N LYS D 216 1.62 -23.17 -43.70
CA LYS D 216 1.72 -23.38 -45.17
C LYS D 216 2.46 -22.29 -45.92
N LYS D 217 2.18 -21.04 -45.61
CA LYS D 217 2.90 -19.95 -46.24
C LYS D 217 4.37 -19.79 -45.81
N GLY D 218 4.76 -20.40 -44.70
CA GLY D 218 6.10 -20.20 -44.11
C GLY D 218 6.23 -18.90 -43.33
N VAL D 219 5.11 -18.38 -42.86
CA VAL D 219 5.08 -17.09 -42.16
C VAL D 219 5.14 -17.23 -40.62
N PRO D 220 6.08 -16.53 -39.96
CA PRO D 220 6.10 -16.50 -38.47
C PRO D 220 4.99 -15.61 -37.89
N HIS D 221 4.41 -16.02 -36.77
CA HIS D 221 3.53 -15.14 -36.00
C HIS D 221 3.74 -15.34 -34.47
N ALA D 222 3.22 -14.41 -33.66
CA ALA D 222 3.31 -14.46 -32.19
C ALA D 222 2.12 -13.86 -31.50
N GLY D 223 1.92 -14.30 -30.26
CA GLY D 223 0.95 -13.69 -29.37
C GLY D 223 0.71 -14.61 -28.21
N ASN D 224 -0.28 -14.30 -27.36
CA ASN D 224 -1.25 -13.22 -27.59
C ASN D 224 -1.43 -12.39 -26.34
N ASP D 225 -1.80 -11.11 -26.50
CA ASP D 225 -2.15 -10.26 -25.36
C ASP D 225 -0.89 -9.84 -24.56
N GLY D 226 -0.40 -8.64 -24.82
CA GLY D 226 0.87 -8.20 -24.25
C GLY D 226 0.85 -8.18 -22.73
N LYS D 227 1.86 -8.80 -22.13
CA LYS D 227 2.03 -8.79 -20.70
C LYS D 227 2.83 -7.54 -20.37
N THR D 228 2.13 -6.50 -19.89
CA THR D 228 2.77 -5.22 -19.66
C THR D 228 2.76 -4.71 -18.22
N GLY D 229 1.82 -5.16 -17.40
CA GLY D 229 1.78 -4.63 -16.04
C GLY D 229 1.66 -5.61 -14.89
N GLU D 230 0.56 -5.47 -14.17
CA GLU D 230 0.29 -6.29 -13.02
C GLU D 230 0.61 -7.76 -13.28
N THR D 231 0.33 -8.24 -14.49
CA THR D 231 0.55 -9.64 -14.83
C THR D 231 2.02 -10.00 -14.99
N LEU D 232 2.79 -9.04 -15.50
CA LEU D 232 4.25 -9.19 -15.59
C LEU D 232 4.76 -9.39 -14.19
N VAL D 233 4.26 -8.57 -13.27
CA VAL D 233 4.64 -8.68 -11.87
C VAL D 233 4.26 -10.05 -11.31
N LYS D 234 2.99 -10.42 -11.47
CA LYS D 234 2.54 -11.70 -10.97
C LYS D 234 3.43 -12.83 -11.47
N THR D 235 3.76 -12.82 -12.76
CA THR D 235 4.50 -13.95 -13.35
C THR D 235 5.98 -13.85 -13.03
N THR D 236 6.41 -12.67 -12.54
CA THR D 236 7.81 -12.47 -12.12
C THR D 236 7.97 -12.90 -10.65
N LEU D 237 6.91 -12.83 -9.86
CA LEU D 237 7.11 -13.16 -8.47
C LEU D 237 6.26 -14.25 -7.81
N ALA D 238 5.27 -14.80 -8.50
CA ALA D 238 4.71 -16.08 -8.04
C ALA D 238 5.83 -17.11 -7.91
N PRO D 239 6.76 -17.15 -8.89
CA PRO D 239 7.77 -18.22 -8.81
C PRO D 239 8.64 -18.19 -7.53
N MET D 240 8.67 -17.02 -6.90
CA MET D 240 9.34 -16.87 -5.62
C MET D 240 8.71 -17.75 -4.55
N PHE D 241 7.39 -17.93 -4.61
CA PHE D 241 6.74 -18.81 -3.64
C PHE D 241 6.99 -20.29 -3.92
N ALA D 242 7.25 -20.62 -5.17
CA ALA D 242 7.54 -22.02 -5.50
C ALA D 242 8.96 -22.34 -5.08
N TYR D 243 9.90 -21.44 -5.38
CA TYR D 243 11.29 -21.60 -4.99
C TYR D 243 11.42 -21.79 -3.49
N ARG D 244 10.69 -21.00 -2.70
CA ARG D 244 10.72 -21.15 -1.25
C ARG D 244 9.72 -22.19 -0.70
N ASN D 245 9.06 -22.93 -1.58
CA ASN D 245 8.24 -24.06 -1.15
C ASN D 245 7.19 -23.61 -0.15
N MET D 246 6.58 -22.46 -0.44
CA MET D 246 5.54 -21.85 0.41
C MET D 246 4.25 -22.01 -0.32
N GLU D 247 3.17 -22.21 0.41
CA GLU D 247 1.87 -22.53 -0.20
C GLU D 247 1.00 -21.29 -0.36
N VAL D 248 0.85 -20.82 -1.59
CA VAL D 248 -0.02 -19.67 -1.82
C VAL D 248 -1.45 -20.15 -1.70
N VAL D 249 -2.17 -19.62 -0.72
CA VAL D 249 -3.55 -20.05 -0.50
C VAL D 249 -4.59 -19.09 -1.12
N GLY D 250 -4.18 -17.85 -1.37
CA GLY D 250 -5.02 -16.90 -2.05
C GLY D 250 -4.21 -15.84 -2.79
N TRP D 251 -4.71 -15.43 -3.95
CA TRP D 251 -4.12 -14.35 -4.72
C TRP D 251 -5.25 -13.48 -5.20
N MET D 252 -5.17 -12.18 -4.91
CA MET D 252 -6.18 -11.21 -5.34
C MET D 252 -5.46 -10.21 -6.19
N SER D 253 -6.04 -9.93 -7.34
CA SER D 253 -5.56 -8.88 -8.20
C SER D 253 -6.73 -8.09 -8.68
N TYR D 254 -6.71 -6.79 -8.39
CA TYR D 254 -7.83 -5.87 -8.68
C TYR D 254 -7.25 -4.68 -9.33
N ALA D 255 -7.65 -4.37 -10.55
CA ALA D 255 -7.05 -3.30 -11.32
C ALA D 255 -8.10 -2.33 -11.78
N ILE D 256 -7.78 -1.03 -11.83
CA ILE D 256 -8.73 0.00 -12.29
C ILE D 256 -8.11 0.94 -13.33
N LEU D 257 -8.92 1.29 -14.31
CA LEU D 257 -8.56 2.30 -15.27
C LEU D 257 -9.79 2.91 -15.94
N GLY D 258 -9.61 4.08 -16.57
CA GLY D 258 -10.62 4.76 -17.40
C GLY D 258 -10.38 4.50 -18.88
N ASP D 259 -10.52 5.53 -19.72
CA ASP D 259 -10.18 5.45 -21.17
C ASP D 259 -11.08 4.45 -21.95
N TYR D 260 -10.93 4.44 -23.29
CA TYR D 260 -11.74 3.59 -24.18
C TYR D 260 -11.84 2.12 -23.72
N ASP D 261 -10.74 1.58 -23.18
CA ASP D 261 -10.65 0.14 -22.91
C ASP D 261 -11.40 -0.29 -21.64
N GLY D 262 -11.00 0.27 -20.50
CA GLY D 262 -11.64 0.04 -19.21
C GLY D 262 -13.14 0.29 -19.23
N LYS D 263 -13.55 1.34 -19.93
CA LYS D 263 -14.98 1.68 -20.14
C LYS D 263 -15.73 0.62 -20.96
N VAL D 264 -15.00 -0.22 -21.69
CA VAL D 264 -15.59 -1.30 -22.48
C VAL D 264 -15.40 -2.66 -21.81
N LEU D 265 -14.24 -2.86 -21.18
CA LEU D 265 -13.93 -4.08 -20.43
C LEU D 265 -14.69 -4.15 -19.11
N SER D 266 -15.70 -3.29 -18.95
CA SER D 266 -16.48 -3.18 -17.71
C SER D 266 -17.53 -4.28 -17.63
N ALA D 267 -18.61 -4.11 -18.40
CA ALA D 267 -19.75 -5.04 -18.39
C ALA D 267 -19.25 -6.47 -18.56
N ARG D 268 -19.56 -7.32 -17.56
CA ARG D 268 -19.05 -8.71 -17.44
C ARG D 268 -19.33 -9.63 -18.66
N ASP D 269 -20.00 -9.06 -19.66
CA ASP D 269 -20.14 -9.60 -21.01
C ASP D 269 -18.75 -9.60 -21.70
N ASN D 270 -18.16 -8.40 -21.84
CA ASN D 270 -16.77 -8.22 -22.33
C ASN D 270 -15.66 -8.32 -21.24
N LYS D 271 -16.08 -8.34 -19.95
CA LYS D 271 -15.16 -8.46 -18.79
C LYS D 271 -14.55 -9.87 -18.59
N GLU D 272 -15.15 -10.87 -19.26
CA GLU D 272 -14.76 -12.29 -19.15
C GLU D 272 -13.29 -12.57 -19.57
N SER D 273 -12.81 -11.85 -20.60
CA SER D 273 -11.48 -12.04 -21.23
C SER D 273 -10.25 -11.84 -20.34
N LYS D 274 -10.42 -11.21 -19.18
CA LYS D 274 -9.33 -11.09 -18.20
C LYS D 274 -9.79 -11.40 -16.75
N VAL D 275 -10.40 -12.60 -16.62
CA VAL D 275 -10.84 -13.26 -15.36
C VAL D 275 -10.48 -14.79 -15.30
N LEU D 276 -10.34 -15.43 -16.47
CA LEU D 276 -9.66 -16.74 -16.60
C LEU D 276 -8.11 -16.53 -16.63
N SER D 277 -7.73 -15.34 -17.12
CA SER D 277 -6.37 -15.00 -17.59
C SER D 277 -5.24 -14.84 -16.55
N LYS D 278 -5.53 -14.97 -15.25
CA LYS D 278 -4.51 -14.69 -14.21
C LYS D 278 -4.41 -15.72 -13.05
N ASP D 279 -5.14 -16.83 -13.16
CA ASP D 279 -4.89 -17.91 -12.21
C ASP D 279 -4.43 -19.26 -12.80
N LYS D 280 -4.99 -19.69 -13.95
CA LYS D 280 -4.44 -20.88 -14.63
C LYS D 280 -3.01 -20.56 -15.05
N VAL D 281 -2.76 -19.25 -15.15
CA VAL D 281 -1.45 -18.64 -15.10
C VAL D 281 -0.61 -19.03 -13.86
N LEU D 282 -1.25 -19.05 -12.69
CA LEU D 282 -0.61 -19.39 -11.42
C LEU D 282 -0.33 -20.88 -11.27
N GLU D 283 -1.31 -21.71 -11.61
CA GLU D 283 -1.12 -23.16 -11.51
C GLU D 283 0.04 -23.63 -12.40
N LYS D 284 0.27 -22.91 -13.50
CA LYS D 284 1.35 -23.23 -14.42
C LYS D 284 2.69 -22.70 -13.94
N MET D 285 2.72 -22.09 -12.76
CA MET D 285 3.97 -21.64 -12.14
C MET D 285 4.21 -22.33 -10.81
N LEU D 286 3.13 -22.65 -10.09
CA LEU D 286 3.21 -23.23 -8.74
C LEU D 286 2.93 -24.74 -8.70
N GLY D 287 2.24 -25.25 -9.73
CA GLY D 287 1.90 -26.67 -9.83
C GLY D 287 0.73 -27.01 -8.94
N TYR D 288 0.02 -25.98 -8.48
CA TYR D 288 -1.26 -26.10 -7.78
C TYR D 288 -1.97 -24.76 -7.96
N SER D 289 -3.21 -24.67 -7.50
CA SER D 289 -3.95 -23.45 -7.82
C SER D 289 -4.61 -22.81 -6.63
N PRO D 290 -4.05 -21.68 -6.19
CA PRO D 290 -4.61 -21.02 -5.05
C PRO D 290 -5.94 -20.44 -5.45
N TYR D 291 -6.69 -19.99 -4.45
CA TYR D 291 -7.87 -19.25 -4.70
C TYR D 291 -7.47 -17.93 -5.35
N SER D 292 -8.01 -17.69 -6.52
CA SER D 292 -7.59 -16.53 -7.27
C SER D 292 -8.76 -15.71 -7.77
N ILE D 293 -8.68 -14.40 -7.49
CA ILE D 293 -9.58 -13.47 -8.13
C ILE D 293 -8.92 -12.43 -8.97
N THR D 294 -9.57 -12.11 -10.06
CA THR D 294 -8.99 -11.20 -10.99
C THR D 294 -10.04 -10.28 -11.56
N GLU D 295 -9.89 -8.99 -11.29
CA GLU D 295 -10.90 -8.01 -11.64
C GLU D 295 -10.31 -6.73 -12.21
N ILE D 296 -10.98 -6.21 -13.23
CA ILE D 296 -10.72 -4.89 -13.74
C ILE D 296 -12.00 -4.08 -13.61
N GLN D 297 -11.94 -2.87 -13.06
CA GLN D 297 -13.12 -1.97 -12.97
C GLN D 297 -12.83 -0.73 -13.73
N TYR D 298 -13.88 -0.09 -14.23
CA TYR D 298 -13.79 1.24 -14.82
C TYR D 298 -13.50 2.26 -13.71
N PHE D 299 -12.72 3.29 -14.03
CA PHE D 299 -12.41 4.35 -13.09
C PHE D 299 -11.95 5.55 -13.93
N PRO D 300 -12.90 6.41 -14.33
CA PRO D 300 -12.66 7.35 -15.43
C PRO D 300 -11.45 8.22 -15.22
N SER D 301 -11.28 8.73 -14.00
CA SER D 301 -10.29 9.76 -13.74
C SER D 301 -8.87 9.29 -14.00
N LEU D 302 -8.66 7.99 -13.95
CA LEU D 302 -7.35 7.37 -14.10
C LEU D 302 -6.92 7.27 -15.55
N VAL D 303 -7.88 7.43 -16.44
CA VAL D 303 -7.66 7.33 -17.87
C VAL D 303 -6.75 6.15 -18.22
N ASP D 304 -5.59 6.39 -18.83
CA ASP D 304 -4.73 5.25 -19.21
C ASP D 304 -3.79 4.81 -18.08
N ASN D 305 -3.99 5.36 -16.91
CA ASN D 305 -3.11 5.10 -15.78
C ASN D 305 -3.61 3.92 -15.01
N LYS D 306 -3.60 2.74 -15.64
CA LYS D 306 -4.14 1.54 -15.03
C LYS D 306 -3.42 1.30 -13.70
N THR D 307 -4.17 1.13 -12.62
CA THR D 307 -3.62 0.93 -11.27
C THR D 307 -4.13 -0.42 -10.71
N ALA D 308 -3.26 -1.16 -10.05
CA ALA D 308 -3.63 -2.50 -9.64
C ALA D 308 -3.16 -2.80 -8.25
N PHE D 309 -3.96 -3.58 -7.55
CA PHE D 309 -3.81 -3.82 -6.13
C PHE D 309 -3.82 -5.28 -6.02
N ASP D 310 -2.71 -5.85 -5.53
CA ASP D 310 -2.59 -7.28 -5.33
C ASP D 310 -2.36 -7.69 -3.86
N PHE D 311 -3.02 -8.75 -3.44
CA PHE D 311 -2.82 -9.34 -2.13
C PHE D 311 -2.44 -10.80 -2.30
N VAL D 312 -1.36 -11.23 -1.66
CA VAL D 312 -0.99 -12.63 -1.68
C VAL D 312 -1.03 -13.15 -0.24
N HIS D 313 -1.87 -14.16 -0.03
CA HIS D 313 -1.99 -14.86 1.21
C HIS D 313 -1.29 -16.22 1.05
N PHE D 314 -0.34 -16.48 1.93
CA PHE D 314 0.47 -17.68 1.79
C PHE D 314 0.91 -18.29 3.15
N LYS D 315 1.05 -19.61 3.13
CA LYS D 315 1.52 -20.36 4.30
C LYS D 315 3.01 -20.57 4.18
N GLY D 316 3.69 -20.43 5.30
CA GLY D 316 5.10 -20.84 5.45
C GLY D 316 5.25 -21.94 6.48
N PHE D 317 6.44 -21.98 7.07
CA PHE D 317 6.79 -22.95 8.09
C PHE D 317 5.69 -23.10 9.14
N LEU D 318 5.41 -24.35 9.49
CA LEU D 318 4.31 -24.75 10.37
C LEU D 318 2.95 -24.24 9.87
N GLY D 319 2.87 -23.94 8.57
CA GLY D 319 1.61 -23.48 7.99
C GLY D 319 1.16 -22.07 8.40
N LYS D 320 2.01 -21.36 9.12
CA LYS D 320 1.75 -19.96 9.42
C LYS D 320 1.41 -19.09 8.19
N LEU D 321 0.17 -18.59 8.13
CA LEU D 321 -0.27 -17.57 7.16
C LEU D 321 0.49 -16.26 7.28
N MET D 322 0.72 -15.64 6.12
CA MET D 322 1.47 -14.42 5.99
C MET D 322 0.97 -13.65 4.78
N LYS D 323 1.39 -12.39 4.69
CA LYS D 323 0.79 -11.49 3.77
C LYS D 323 1.77 -10.67 2.96
N PHE D 324 1.43 -10.47 1.70
CA PHE D 324 2.17 -9.67 0.77
C PHE D 324 1.18 -8.79 -0.03
N TYR D 325 1.44 -7.49 -0.04
CA TYR D 325 0.60 -6.54 -0.78
C TYR D 325 1.47 -5.87 -1.80
N PHE D 326 0.96 -5.51 -2.98
CA PHE D 326 1.69 -4.60 -3.86
C PHE D 326 0.77 -3.72 -4.68
N ILE D 327 1.24 -2.52 -5.03
CA ILE D 327 0.49 -1.58 -5.86
C ILE D 327 1.35 -1.18 -7.02
N TRP D 328 0.73 -1.30 -8.18
CA TRP D 328 1.34 -1.05 -9.46
C TRP D 328 0.70 0.20 -10.07
N ASP D 329 1.51 1.24 -10.31
CA ASP D 329 1.05 2.53 -10.80
C ASP D 329 1.84 2.90 -12.04
N ALA D 330 1.25 2.69 -13.21
CA ALA D 330 1.92 2.94 -14.50
C ALA D 330 0.96 3.41 -15.60
N ILE D 331 1.51 4.02 -16.64
CA ILE D 331 0.69 4.31 -17.79
C ILE D 331 0.81 3.10 -18.73
N ASP D 332 -0.30 2.45 -19.01
CA ASP D 332 -0.32 1.32 -19.88
C ASP D 332 0.38 1.47 -21.23
N ALA D 333 0.14 2.58 -21.90
CA ALA D 333 0.74 2.77 -23.22
C ALA D 333 2.27 2.79 -23.15
N ILE D 334 2.82 3.35 -22.08
CA ILE D 334 4.26 3.46 -21.94
C ILE D 334 4.92 2.07 -21.79
N VAL D 335 4.26 1.16 -21.08
CA VAL D 335 4.82 -0.17 -20.92
C VAL D 335 4.63 -1.04 -22.17
N ALA D 336 3.58 -0.77 -22.93
CA ALA D 336 3.23 -1.52 -24.14
C ALA D 336 4.00 -1.05 -25.34
N ALA D 337 3.95 0.26 -25.58
CA ALA D 337 4.47 0.83 -26.83
C ALA D 337 5.79 0.26 -27.32
N PRO D 338 6.82 0.16 -26.43
CA PRO D 338 8.13 -0.34 -26.81
C PRO D 338 8.09 -1.80 -27.23
N LEU D 339 7.20 -2.58 -26.61
CA LEU D 339 7.07 -4.03 -26.92
C LEU D 339 6.62 -4.28 -28.38
N ILE D 340 5.74 -3.40 -28.88
CA ILE D 340 5.38 -3.34 -30.30
C ILE D 340 6.65 -3.21 -31.21
N LEU D 341 7.52 -2.25 -30.88
CA LEU D 341 8.80 -2.18 -31.60
C LEU D 341 9.69 -3.41 -31.40
N ASP D 342 9.79 -3.92 -30.18
CA ASP D 342 10.54 -5.18 -29.94
C ASP D 342 9.98 -6.34 -30.73
N ILE D 343 8.66 -6.52 -30.68
CA ILE D 343 7.99 -7.62 -31.37
C ILE D 343 8.21 -7.51 -32.89
N ALA D 344 8.13 -6.29 -33.40
CA ALA D 344 8.32 -6.06 -34.84
C ALA D 344 9.69 -6.54 -35.26
N ARG D 345 10.69 -6.19 -34.43
CA ARG D 345 12.08 -6.52 -34.73
C ARG D 345 12.35 -8.01 -34.55
N PHE D 346 11.93 -8.58 -33.42
CA PHE D 346 12.08 -10.02 -33.25
C PHE D 346 11.39 -10.80 -34.36
N LEU D 347 10.27 -10.29 -34.86
CA LEU D 347 9.50 -11.01 -35.86
C LEU D 347 10.18 -10.91 -37.20
N LEU D 348 10.81 -9.78 -37.47
CA LEU D 348 11.49 -9.66 -38.76
C LEU D 348 12.70 -10.55 -38.67
N PHE D 349 13.31 -10.55 -37.48
CA PHE D 349 14.47 -11.37 -37.26
C PHE D 349 14.02 -12.80 -37.57
N ALA D 350 12.92 -13.22 -36.98
CA ALA D 350 12.48 -14.58 -37.18
C ALA D 350 12.19 -14.86 -38.66
N LYS D 351 11.54 -13.92 -39.35
CA LYS D 351 11.27 -14.13 -40.77
C LYS D 351 12.54 -14.49 -41.52
N LYS D 352 13.53 -13.60 -41.43
CA LYS D 352 14.85 -13.73 -42.10
C LYS D 352 15.70 -14.95 -41.68
N LYS D 353 15.60 -15.41 -40.44
CA LYS D 353 16.18 -16.71 -40.11
C LYS D 353 15.25 -17.91 -40.46
N GLY D 354 14.28 -17.65 -41.34
CA GLY D 354 13.35 -18.65 -41.82
C GLY D 354 12.36 -19.22 -40.84
N VAL D 355 12.09 -18.60 -39.70
CA VAL D 355 11.14 -19.24 -38.77
C VAL D 355 9.72 -19.28 -39.41
N LYS D 356 9.00 -20.38 -39.23
CA LYS D 356 7.62 -20.43 -39.69
C LYS D 356 6.64 -20.80 -38.54
N GLY D 357 5.36 -20.46 -38.71
CA GLY D 357 4.33 -20.72 -37.68
C GLY D 357 4.53 -19.93 -36.38
N VAL D 358 3.99 -20.45 -35.29
CA VAL D 358 4.02 -19.72 -34.02
C VAL D 358 5.43 -19.63 -33.45
N VAL D 359 5.78 -18.43 -32.98
CA VAL D 359 7.05 -18.20 -32.35
C VAL D 359 6.87 -18.35 -30.82
N LYS D 360 6.90 -19.60 -30.41
CA LYS D 360 6.77 -20.03 -29.03
C LYS D 360 7.58 -19.15 -28.09
N GLU D 361 8.78 -18.81 -28.57
CA GLU D 361 9.85 -18.31 -27.72
C GLU D 361 9.71 -16.83 -27.45
N MET D 362 8.64 -16.25 -27.96
CA MET D 362 8.36 -14.87 -27.72
C MET D 362 7.30 -14.76 -26.62
N ALA D 363 7.10 -15.84 -25.85
CA ALA D 363 6.14 -15.90 -24.72
C ALA D 363 6.31 -14.72 -23.80
N PHE D 364 7.56 -14.27 -23.70
CA PHE D 364 7.96 -13.21 -22.84
C PHE D 364 7.14 -11.93 -22.98
N PHE D 365 6.52 -11.69 -24.11
CA PHE D 365 5.80 -10.43 -24.32
C PHE D 365 4.29 -10.47 -23.98
N PHE D 366 3.77 -11.67 -23.64
CA PHE D 366 2.31 -12.02 -23.66
C PHE D 366 1.77 -12.79 -22.46
N LYS D 367 0.46 -12.65 -22.23
CA LYS D 367 -0.21 -13.30 -21.11
C LYS D 367 -0.90 -14.60 -21.50
N SER D 368 -1.17 -14.75 -22.80
CA SER D 368 -1.64 -16.01 -23.36
C SER D 368 -0.67 -16.45 -24.41
N PRO D 369 0.57 -16.75 -24.01
CA PRO D 369 1.57 -17.05 -25.04
C PRO D 369 1.13 -18.29 -25.76
N MET D 370 1.10 -18.26 -27.08
CA MET D 370 0.62 -19.41 -27.84
C MET D 370 1.64 -20.53 -27.82
N ASP D 371 1.14 -21.78 -27.84
CA ASP D 371 1.93 -22.99 -28.02
C ASP D 371 2.97 -23.21 -26.96
N THR D 372 2.75 -22.73 -25.74
CA THR D 372 3.72 -22.93 -24.66
C THR D 372 3.07 -22.89 -23.27
N ASN D 373 3.65 -23.66 -22.34
CA ASN D 373 3.27 -23.53 -20.92
C ASN D 373 4.28 -22.78 -20.07
N VAL D 374 5.27 -22.18 -20.73
CA VAL D 374 6.29 -21.42 -20.00
C VAL D 374 5.74 -20.04 -19.65
N ILE D 375 5.46 -19.84 -18.38
CA ILE D 375 4.74 -18.67 -17.93
C ILE D 375 5.58 -17.77 -17.03
N ASN D 376 6.46 -18.39 -16.27
CA ASN D 376 7.35 -17.72 -15.33
C ASN D 376 8.29 -16.76 -16.08
N THR D 377 8.13 -15.46 -15.86
CA THR D 377 8.86 -14.41 -16.58
C THR D 377 10.33 -14.68 -16.76
N HIS D 378 10.97 -15.11 -15.67
CA HIS D 378 12.38 -15.49 -15.66
C HIS D 378 12.72 -16.57 -16.68
N GLU D 379 11.96 -17.66 -16.70
CA GLU D 379 12.19 -18.75 -17.70
C GLU D 379 11.92 -18.24 -19.10
N GLN D 380 10.91 -17.38 -19.23
CA GLN D 380 10.52 -16.83 -20.50
C GLN D 380 11.65 -15.98 -21.08
N PHE D 381 12.26 -15.16 -20.24
CA PHE D 381 13.32 -14.27 -20.69
C PHE D 381 14.56 -15.07 -21.14
N VAL D 382 14.91 -16.07 -20.34
CA VAL D 382 15.94 -17.00 -20.71
C VAL D 382 15.60 -17.68 -22.05
N VAL D 383 14.35 -18.06 -22.23
CA VAL D 383 13.92 -18.73 -23.43
C VAL D 383 14.15 -17.78 -24.61
N LEU D 384 13.78 -16.53 -24.44
CA LEU D 384 13.93 -15.60 -25.55
C LEU D 384 15.40 -15.35 -25.83
N LYS D 385 16.20 -15.09 -24.80
CA LYS D 385 17.65 -14.95 -25.02
C LYS D 385 18.19 -16.16 -25.81
N GLU D 386 17.80 -17.36 -25.42
CA GLU D 386 18.36 -18.58 -25.99
C GLU D 386 17.88 -18.89 -27.41
N TRP D 387 16.62 -18.54 -27.70
CA TRP D 387 16.12 -18.64 -29.05
C TRP D 387 16.86 -17.64 -29.95
N TYR D 388 17.04 -16.41 -29.45
CA TYR D 388 17.77 -15.40 -30.20
C TYR D 388 19.17 -15.92 -30.45
N SER D 389 19.86 -16.35 -29.40
CA SER D 389 21.28 -16.69 -29.51
C SER D 389 21.56 -17.82 -30.49
N ASN D 390 20.73 -18.87 -30.45
CA ASN D 390 20.84 -20.02 -31.35
C ASN D 390 20.63 -19.72 -32.82
N LEU D 391 19.86 -18.68 -33.14
CA LEU D 391 19.48 -18.44 -34.54
C LEU D 391 20.40 -17.43 -35.18
N LYS D 392 21.04 -16.63 -34.31
CA LYS D 392 21.82 -15.42 -34.65
C LYS D 392 22.90 -15.62 -35.69
P PO4 E . 3.18 17.42 5.74
O1 PO4 E . 2.05 18.12 6.45
O2 PO4 E . 2.81 16.92 4.38
O3 PO4 E . 4.35 18.31 5.58
O4 PO4 E . 3.51 16.29 6.66
PA NAD F . 12.23 25.85 -1.87
O1A NAD F . 13.65 25.59 -1.54
O2A NAD F . 11.95 25.62 -3.30
O5B NAD F . 11.81 27.37 -1.44
C5B NAD F . 12.41 28.09 -0.38
C4B NAD F . 13.05 29.32 -0.99
O4B NAD F . 13.42 30.28 -0.02
C3B NAD F . 14.31 28.97 -1.78
O3B NAD F . 14.13 29.43 -3.11
C2B NAD F . 15.46 29.68 -1.08
O2B NAD F . 16.33 30.34 -1.96
C1B NAD F . 14.75 30.75 -0.27
N9A NAD F . 15.40 31.10 0.99
C8A NAD F . 16.10 30.28 1.84
N7A NAD F . 16.50 31.03 2.90
C5A NAD F . 16.07 32.30 2.72
C6A NAD F . 16.19 33.46 3.48
N6A NAD F . 16.64 33.37 4.72
N1A NAD F . 15.62 34.64 3.03
C2A NAD F . 14.93 34.69 1.84
N3A NAD F . 14.81 33.53 1.08
C4A NAD F . 15.37 32.36 1.52
O3 NAD F . 11.31 24.99 -0.83
PN NAD F . 9.67 24.82 -0.87
O1N NAD F . 9.41 23.38 -1.12
O2N NAD F . 9.10 25.92 -1.70
O5D NAD F . 9.12 25.04 0.64
C5D NAD F . 9.45 26.21 1.33
C4D NAD F . 9.37 25.97 2.84
O4D NAD F . 8.02 25.74 3.23
C3D NAD F . 10.16 24.76 3.34
O3D NAD F . 11.55 25.00 3.49
C2D NAD F . 9.41 24.38 4.62
O2D NAD F . 9.98 25.01 5.74
C1D NAD F . 8.00 24.96 4.43
N1N NAD F . 6.92 23.96 4.28
C2N NAD F . 6.46 23.64 3.01
C3N NAD F . 5.39 22.73 2.82
C7N NAD F . 5.16 22.05 1.46
O7N NAD F . 6.07 22.13 0.38
N7N NAD F . 4.07 21.34 1.25
C4N NAD F . 4.81 22.20 3.98
C5N NAD F . 5.28 22.54 5.26
C6N NAD F . 6.34 23.43 5.41
C1 GOL G . 7.77 18.27 5.31
O1 GOL G . 8.65 17.15 5.34
C2 GOL G . 7.63 18.81 3.88
O2 GOL G . 6.26 19.05 3.63
C3 GOL G . 8.36 20.15 3.70
O3 GOL G . 9.76 19.97 3.78
S SO4 H . -6.72 26.12 23.32
O1 SO4 H . -5.94 24.88 23.22
O2 SO4 H . -6.61 26.58 24.70
O3 SO4 H . -6.20 27.20 22.47
O4 SO4 H . -8.10 25.86 22.89
K K I . 1.38 6.65 -6.88
P PO4 J . -17.23 -1.66 7.23
O1 PO4 J . -17.22 -0.51 8.21
O2 PO4 J . -15.92 -2.41 7.21
O3 PO4 J . -18.39 -2.52 7.61
O4 PO4 J . -17.47 -1.13 5.84
PA NAD K . -22.09 -14.64 10.82
O1A NAD K . -22.51 -15.14 9.49
O2A NAD K . -21.14 -15.55 11.51
O5B NAD K . -23.44 -14.31 11.68
C5B NAD K . -24.79 -14.46 11.24
C4B NAD K . -25.53 -15.44 12.18
O4B NAD K . -26.93 -15.16 12.22
C3B NAD K . -25.43 -16.90 11.73
O3B NAD K . -25.07 -17.75 12.81
C2B NAD K . -26.81 -17.31 11.27
O2B NAD K . -27.08 -18.62 11.69
C1B NAD K . -27.68 -16.35 12.04
N9A NAD K . -28.90 -16.05 11.29
C8A NAD K . -28.97 -15.87 9.93
N7A NAD K . -30.25 -15.60 9.62
C5A NAD K . -31.01 -15.59 10.72
C6A NAD K . -32.37 -15.35 10.94
N6A NAD K . -33.17 -15.06 9.92
N1A NAD K . -32.86 -15.43 12.22
C2A NAD K . -32.02 -15.71 13.29
N3A NAD K . -30.68 -15.94 13.07
C4A NAD K . -30.17 -15.89 11.81
O3 NAD K . -21.43 -13.16 10.56
PN NAD K . -21.07 -11.98 11.66
O1N NAD K . -19.66 -11.57 11.44
O2N NAD K . -21.60 -12.46 13.00
O5D NAD K . -21.91 -10.66 11.22
C5D NAD K . -23.31 -10.73 11.20
C4D NAD K . -23.87 -9.63 10.34
O4D NAD K . -23.56 -8.38 10.92
C3D NAD K . -23.34 -9.54 8.90
O3D NAD K . -23.91 -10.44 7.95
C2D NAD K . -23.72 -8.13 8.56
O2D NAD K . -25.01 -8.14 8.00
C1D NAD K . -23.69 -7.38 9.90
N1N NAD K . -22.56 -6.41 9.94
C2N NAD K . -21.38 -6.81 10.51
C3N NAD K . -20.28 -5.95 10.57
C7N NAD K . -18.99 -6.49 11.15
O7N NAD K . -18.74 -7.88 11.14
N7N NAD K . -18.12 -5.65 11.70
C4N NAD K . -20.38 -4.67 10.03
C5N NAD K . -21.59 -4.28 9.44
C6N NAD K . -22.68 -5.16 9.40
C1 GOL L . -19.71 -6.21 4.74
O1 GOL L . -20.83 -5.38 4.93
C2 GOL L . -19.44 -7.05 5.98
O2 GOL L . -18.33 -6.54 6.67
C3 GOL L . -20.65 -7.03 6.92
O3 GOL L . -21.68 -7.80 6.36
S SO4 M . -33.57 5.92 6.59
O1 SO4 M . -32.48 5.03 6.94
O2 SO4 M . -34.83 5.17 6.75
O3 SO4 M . -33.56 7.12 7.43
O4 SO4 M . -33.35 6.31 5.20
S SO4 N . -29.81 15.64 10.88
O1 SO4 N . -28.83 14.70 11.42
O2 SO4 N . -31.14 15.23 11.32
O3 SO4 N . -29.55 16.97 11.44
O4 SO4 N . -29.71 15.58 9.41
P PO4 O . 15.26 -9.93 4.77
O1 PO4 O . 15.42 -11.10 3.87
O2 PO4 O . 13.82 -9.70 5.05
O3 PO4 O . 16.01 -10.21 6.02
O4 PO4 O . 15.84 -8.72 4.12
PA NAD P . 17.18 -13.20 18.56
O1A NAD P . 17.79 -11.94 19.08
O2A NAD P . 15.94 -13.53 19.29
O5B NAD P . 18.30 -14.40 18.57
C5B NAD P . 19.70 -14.34 18.77
C4B NAD P . 20.09 -15.24 19.97
O4B NAD P . 21.50 -15.45 19.99
C3B NAD P . 19.76 -14.58 21.30
O3B NAD P . 19.12 -15.47 22.16
C2B NAD P . 21.10 -14.14 21.87
O2B NAD P . 21.11 -14.25 23.28
C1B NAD P . 22.07 -15.10 21.24
N9A NAD P . 23.42 -14.57 21.02
C8A NAD P . 23.86 -13.28 20.76
N7A NAD P . 25.21 -13.27 20.62
C5A NAD P . 25.65 -14.52 20.78
C6A NAD P . 26.91 -15.05 20.73
N6A NAD P . 27.97 -14.27 20.56
N1A NAD P . 27.06 -16.42 20.95
C2A NAD P . 25.94 -17.23 21.19
N3A NAD P . 24.67 -16.71 21.25
C4A NAD P . 24.54 -15.36 21.05
O3 NAD P . 16.85 -13.01 17.00
PN NAD P . 16.73 -14.18 15.88
O1N NAD P . 15.56 -13.84 15.02
O2N NAD P . 16.85 -15.58 16.40
O5D NAD P . 17.91 -13.80 14.85
C5D NAD P . 19.26 -13.72 15.19
C4D NAD P . 20.10 -13.58 13.93
O4D NAD P . 19.60 -14.21 12.78
C3D NAD P . 20.28 -12.11 13.54
O3D NAD P . 21.38 -11.55 14.22
C2D NAD P . 20.58 -12.18 12.06
O2D NAD P . 21.97 -11.97 11.92
C1D NAD P . 20.20 -13.60 11.64
N1N NAD P . 19.23 -13.47 10.53
C2N NAD P . 17.89 -13.65 10.80
C3N NAD P . 16.98 -13.52 9.76
C7N NAD P . 15.52 -13.59 10.10
O7N NAD P . 15.16 -13.86 11.42
N7N NAD P . 14.58 -13.42 9.17
C4N NAD P . 17.43 -13.21 8.46
C5N NAD P . 18.78 -13.04 8.21
C6N NAD P . 19.67 -13.18 9.27
S SO4 Q . 29.81 -24.67 29.95
O1 SO4 Q . 28.76 -25.49 30.52
O2 SO4 Q . 30.12 -23.62 30.94
O3 SO4 Q . 30.95 -25.51 29.58
O4 SO4 Q . 29.36 -24.02 28.72
S SO4 R . -3.55 -19.70 21.89
O1 SO4 R . -3.50 -21.06 22.42
O2 SO4 R . -4.61 -19.64 20.87
O3 SO4 R . -3.79 -18.76 22.97
O4 SO4 R . -2.27 -19.42 21.25
S SO4 S . 29.73 -15.93 -10.21
O1 SO4 S . 29.29 -16.07 -11.60
O2 SO4 S . 28.61 -15.43 -9.41
O3 SO4 S . 30.16 -17.25 -9.71
O4 SO4 S . 30.77 -14.90 -10.11
K K T . 14.38 -12.17 13.89
P PO4 U . -1.37 -6.47 -17.53
O1 PO4 U . -0.20 -7.00 -16.73
O2 PO4 U . -1.81 -5.11 -17.08
O3 PO4 U . -0.88 -6.43 -18.94
O4 PO4 U . -2.56 -7.36 -17.32
PA NAD V . -7.23 2.51 -27.42
O1A NAD V . -8.64 2.82 -27.12
O2A NAD V . -6.40 3.73 -27.41
O5B NAD V . -7.02 1.58 -28.78
C5B NAD V . -7.94 0.85 -29.56
C4B NAD V . -7.86 1.40 -30.99
O4B NAD V . -8.16 0.42 -32.00
C3B NAD V . -8.90 2.48 -31.17
O3B NAD V . -8.31 3.51 -31.93
C2B NAD V . -10.00 1.85 -32.00
O2B NAD V . -10.66 2.79 -32.79
C1B NAD V . -9.24 0.85 -32.84
N9A NAD V . -10.04 -0.30 -33.30
C8A NAD V . -10.94 -1.04 -32.57
N7A NAD V . -11.46 -2.01 -33.35
C5A NAD V . -10.90 -1.92 -34.59
C6A NAD V . -11.07 -2.66 -35.77
N6A NAD V . -11.97 -3.62 -35.82
N1A NAD V . -10.35 -2.35 -36.92
C2A NAD V . -9.47 -1.29 -36.88
N3A NAD V . -9.32 -0.55 -35.70
C4A NAD V . -10.00 -0.85 -34.56
O3 NAD V . -6.60 1.48 -26.34
PN NAD V . -5.11 0.84 -26.57
O1N NAD V . -4.60 0.56 -25.20
O2N NAD V . -4.26 1.59 -27.56
O5D NAD V . -5.41 -0.57 -27.31
C5D NAD V . -4.39 -1.53 -27.32
C4D NAD V . -4.94 -2.93 -27.12
O4D NAD V . -3.83 -3.72 -26.74
C3D NAD V . -5.97 -3.09 -25.99
O3D NAD V . -7.31 -2.86 -26.40
C2D NAD V . -5.72 -4.52 -25.54
O2D NAD V . -6.46 -5.41 -26.36
C1D NAD V . -4.24 -4.74 -25.84
N1N NAD V . -3.35 -4.65 -24.66
C2N NAD V . -2.91 -3.44 -24.16
C3N NAD V . -2.05 -3.43 -23.07
C7N NAD V . -1.53 -2.12 -22.58
O7N NAD V . -2.28 -0.99 -22.93
N7N NAD V . -0.41 -2.07 -21.85
C4N NAD V . -1.61 -4.61 -22.48
C5N NAD V . -2.04 -5.81 -23.00
C6N NAD V . -2.90 -5.82 -24.10
S SO4 W . 6.75 -25.71 -23.55
O1 SO4 W . 6.60 -26.47 -24.79
O2 SO4 W . 5.93 -26.24 -22.45
O3 SO4 W . 8.15 -25.72 -23.16
O4 SO4 W . 6.40 -24.34 -23.83
S SO4 X . -20.21 -25.18 -36.87
O1 SO4 X . -19.53 -25.77 -38.02
O2 SO4 X . -21.55 -25.78 -36.72
O3 SO4 X . -19.38 -25.51 -35.70
O4 SO4 X . -20.35 -23.73 -37.03
K K Y . -3.40 1.34 -23.13
#